data_7OP2
#
_entry.id   7OP2
#
_cell.length_a   98.427
_cell.length_b   112.260
_cell.length_c   98.605
_cell.angle_alpha   90.000
_cell.angle_beta   92.610
_cell.angle_gamma   90.000
#
_symmetry.space_group_name_H-M   'P 1 21 1'
#
loop_
_entity.id
_entity.type
_entity.pdbx_description
1 polymer Fiber
2 non-polymer 'CALCIUM ION'
3 non-polymer 1,2-ETHANEDIOL
4 non-polymer 2-AMINO-2-HYDROXYMETHYL-PROPANE-1,3-DIOL
5 water water
#
_entity_poly.entity_id   1
_entity_poly.type   'polypeptide(L)'
_entity_poly.pdbx_seq_one_letter_code
;KLTLWTTPDPSPNCQLLSDRDAKFTLCLTKCGSQILGTVAVAAVTVGSALNPINDTVKSAIVFLRFDSDGVLMSNSSMVG
DYWNFREGQTTQSVAYTNAVGFMPNLGAYPKTQSKTPKNSIVSQVYLNGETTMPMTLTITFNGTDEKDTTPVSTYSMTFT
WQWTGDYKDKNITFATNSFTFSYMAQE
;
_entity_poly.pdbx_strand_id   A,B,C,D,E,F,G,H,I,J,K,L
#
loop_
_chem_comp.id
_chem_comp.type
_chem_comp.name
_chem_comp.formula
CA non-polymer 'CALCIUM ION' 'Ca 2'
EDO non-polymer 1,2-ETHANEDIOL 'C2 H6 O2'
TRS non-polymer 2-AMINO-2-HYDROXYMETHYL-PROPANE-1,3-DIOL 'C4 H12 N O3 1'
#
# COMPACT_ATOMS: atom_id res chain seq x y z
N LYS A 1 -41.98 -4.66 -30.14
CA LYS A 1 -41.11 -3.46 -30.54
C LYS A 1 -41.00 -3.39 -32.08
N LEU A 2 -41.51 -2.33 -32.74
CA LEU A 2 -41.65 -2.36 -34.22
C LEU A 2 -40.43 -1.73 -34.93
N THR A 3 -40.17 -2.29 -36.10
CA THR A 3 -38.99 -1.98 -36.93
C THR A 3 -39.40 -1.35 -38.28
N LEU A 4 -38.81 -0.21 -38.54
CA LEU A 4 -38.87 0.51 -39.83
C LEU A 4 -37.45 0.52 -40.41
N TRP A 5 -37.24 -0.08 -41.58
CA TRP A 5 -35.86 -0.26 -42.09
C TRP A 5 -35.80 -0.25 -43.61
N THR A 6 -34.56 -0.25 -44.11
CA THR A 6 -34.15 -0.32 -45.51
C THR A 6 -34.03 -1.75 -45.99
N THR A 7 -34.39 -2.72 -45.14
CA THR A 7 -33.91 -4.13 -45.17
C THR A 7 -32.43 -4.16 -44.74
N PRO A 8 -31.93 -5.31 -44.26
CA PRO A 8 -30.59 -5.37 -43.68
C PRO A 8 -29.48 -5.34 -44.75
N ASP A 9 -29.82 -5.74 -45.98
CA ASP A 9 -28.88 -5.85 -47.10
C ASP A 9 -29.50 -5.15 -48.33
N PRO A 10 -29.68 -3.83 -48.30
CA PRO A 10 -30.36 -3.13 -49.40
C PRO A 10 -29.57 -3.13 -50.70
N SER A 11 -30.31 -3.16 -51.81
CA SER A 11 -29.83 -2.78 -53.17
C SER A 11 -29.51 -1.29 -53.16
N PRO A 12 -28.75 -0.77 -54.14
CA PRO A 12 -28.47 0.68 -54.23
C PRO A 12 -29.79 1.43 -54.13
N ASN A 13 -29.89 2.29 -53.12
CA ASN A 13 -31.19 2.86 -52.70
C ASN A 13 -31.02 4.33 -52.32
N CYS A 14 -29.88 4.92 -52.65
CA CYS A 14 -29.51 6.22 -52.04
C CYS A 14 -28.67 7.04 -53.02
N GLN A 15 -28.92 8.34 -53.04
CA GLN A 15 -28.07 9.33 -53.71
C GLN A 15 -27.17 10.03 -52.68
N LEU A 16 -25.87 9.91 -52.84
CA LEU A 16 -24.88 10.83 -52.18
C LEU A 16 -24.61 12.00 -53.14
N LEU A 17 -24.28 11.68 -54.38
CA LEU A 17 -23.98 12.71 -55.41
C LEU A 17 -24.89 12.53 -56.61
N SER A 18 -25.19 11.29 -57.01
CA SER A 18 -26.05 10.99 -58.16
C SER A 18 -26.96 9.79 -57.86
N ASP A 19 -27.95 9.56 -58.70
CA ASP A 19 -29.05 8.60 -58.47
C ASP A 19 -28.46 7.21 -58.11
N ARG A 20 -28.91 6.64 -57.00
CA ARG A 20 -28.61 5.24 -56.60
C ARG A 20 -27.09 4.98 -56.71
N ASP A 21 -26.27 5.89 -56.19
CA ASP A 21 -24.79 5.76 -56.18
C ASP A 21 -24.35 5.13 -54.83
N ALA A 22 -25.29 4.80 -53.96
CA ALA A 22 -24.96 4.32 -52.60
C ALA A 22 -25.99 3.33 -52.09
N LYS A 23 -25.52 2.45 -51.19
CA LYS A 23 -26.34 1.60 -50.31
C LYS A 23 -26.39 2.23 -48.93
N PHE A 24 -27.56 2.68 -48.55
CA PHE A 24 -27.82 3.28 -47.22
C PHE A 24 -28.62 2.26 -46.41
N THR A 25 -28.04 1.78 -45.30
CA THR A 25 -28.73 0.85 -44.39
C THR A 25 -29.16 1.62 -43.14
N LEU A 26 -30.42 1.54 -42.79
CA LEU A 26 -30.95 2.20 -41.59
C LEU A 26 -32.03 1.30 -40.99
N CYS A 27 -31.85 0.95 -39.73
CA CYS A 27 -32.83 0.15 -38.96
C CYS A 27 -33.26 0.96 -37.77
N LEU A 28 -34.53 1.32 -37.72
CA LEU A 28 -35.14 2.11 -36.61
C LEU A 28 -36.05 1.16 -35.84
N THR A 29 -35.75 0.94 -34.57
CA THR A 29 -36.52 0.06 -33.69
C THR A 29 -37.22 0.90 -32.64
N LYS A 30 -38.54 0.85 -32.60
CA LYS A 30 -39.34 1.64 -31.64
C LYS A 30 -39.29 0.97 -30.27
N CYS A 31 -38.64 1.59 -29.32
CA CYS A 31 -38.62 1.18 -27.90
C CYS A 31 -39.47 2.19 -27.12
N GLY A 32 -40.78 2.20 -27.33
CA GLY A 32 -41.70 3.18 -26.72
C GLY A 32 -41.26 4.62 -27.01
N SER A 33 -40.84 5.37 -26.00
CA SER A 33 -40.52 6.81 -26.08
C SER A 33 -39.25 7.07 -26.90
N GLN A 34 -38.41 6.06 -27.13
CA GLN A 34 -37.13 6.26 -27.83
C GLN A 34 -37.06 5.30 -29.01
N ILE A 35 -36.45 5.78 -30.07
CA ILE A 35 -36.08 4.97 -31.24
C ILE A 35 -34.62 4.60 -31.11
N LEU A 36 -34.33 3.31 -31.29
CA LEU A 36 -32.96 2.77 -31.36
C LEU A 36 -32.61 2.60 -32.83
N GLY A 37 -31.53 3.23 -33.27
CA GLY A 37 -31.08 3.15 -34.66
C GLY A 37 -29.71 2.54 -34.83
N THR A 38 -29.53 1.86 -35.95
CA THR A 38 -28.20 1.51 -36.48
C THR A 38 -28.18 1.90 -37.96
N VAL A 39 -27.11 2.55 -38.36
CA VAL A 39 -26.93 3.12 -39.71
C VAL A 39 -25.57 2.74 -40.25
N ALA A 40 -25.51 2.48 -41.54
CA ALA A 40 -24.27 2.33 -42.32
C ALA A 40 -24.52 2.86 -43.74
N VAL A 41 -23.47 3.25 -44.43
CA VAL A 41 -23.58 3.67 -45.84
C VAL A 41 -22.31 3.28 -46.59
N ALA A 42 -22.46 2.97 -47.87
CA ALA A 42 -21.34 2.68 -48.78
C ALA A 42 -21.69 3.24 -50.18
N ALA A 43 -20.76 3.99 -50.76
CA ALA A 43 -20.76 4.34 -52.18
C ALA A 43 -20.54 3.04 -52.97
N VAL A 44 -21.30 2.80 -54.03
CA VAL A 44 -21.27 1.49 -54.75
C VAL A 44 -21.01 1.62 -56.26
N THR A 45 -21.34 2.73 -56.89
CA THR A 45 -21.08 2.97 -58.33
C THR A 45 -19.60 3.40 -58.50
N VAL A 46 -18.89 2.70 -59.36
CA VAL A 46 -17.43 2.93 -59.57
C VAL A 46 -17.28 4.11 -60.52
N GLY A 47 -16.38 5.03 -60.13
CA GLY A 47 -16.10 6.25 -60.92
C GLY A 47 -16.72 7.48 -60.32
N SER A 48 -17.49 7.36 -59.21
CA SER A 48 -18.03 8.56 -58.51
C SER A 48 -16.88 9.25 -57.77
N ALA A 49 -17.05 10.50 -57.37
CA ALA A 49 -16.04 11.24 -56.57
C ALA A 49 -15.87 10.59 -55.19
N LEU A 50 -16.74 9.63 -54.81
CA LEU A 50 -16.62 8.93 -53.51
C LEU A 50 -16.26 7.46 -53.72
N ASN A 51 -16.00 7.03 -54.95
CA ASN A 51 -15.71 5.60 -55.25
C ASN A 51 -14.92 5.46 -56.53
N PRO A 52 -13.58 5.67 -56.52
CA PRO A 52 -12.84 6.04 -55.33
C PRO A 52 -12.88 7.53 -54.96
N ILE A 53 -12.66 7.83 -53.68
CA ILE A 53 -12.56 9.23 -53.17
C ILE A 53 -11.46 9.96 -53.98
N ASN A 54 -11.81 11.08 -54.63
CA ASN A 54 -10.84 11.86 -55.45
C ASN A 54 -10.55 13.23 -54.81
N ASP A 55 -11.10 13.47 -53.64
CA ASP A 55 -10.80 14.63 -52.75
C ASP A 55 -11.51 15.90 -53.25
N THR A 56 -12.42 15.80 -54.23
CA THR A 56 -13.27 16.94 -54.64
C THR A 56 -14.43 17.08 -53.68
N VAL A 57 -14.78 15.99 -52.95
N VAL A 57 -14.78 16.00 -52.96
CA VAL A 57 -15.93 15.95 -52.03
CA VAL A 57 -15.94 15.96 -52.03
C VAL A 57 -15.46 15.27 -50.74
C VAL A 57 -15.47 15.28 -50.74
N LYS A 58 -15.56 15.98 -49.61
CA LYS A 58 -15.08 15.47 -48.30
C LYS A 58 -16.22 15.47 -47.29
N SER A 59 -17.45 15.34 -47.78
CA SER A 59 -18.65 15.08 -46.98
C SER A 59 -19.55 14.14 -47.80
N ALA A 60 -20.38 13.43 -47.07
CA ALA A 60 -21.42 12.55 -47.65
C ALA A 60 -22.66 12.75 -46.79
N ILE A 61 -23.76 13.14 -47.45
CA ILE A 61 -24.98 13.59 -46.73
C ILE A 61 -26.15 12.75 -47.22
N VAL A 62 -26.91 12.23 -46.28
CA VAL A 62 -28.19 11.54 -46.54
C VAL A 62 -29.27 12.31 -45.82
N PHE A 63 -30.18 12.91 -46.58
CA PHE A 63 -31.31 13.74 -46.08
C PHE A 63 -32.58 12.93 -46.20
N LEU A 64 -33.25 12.68 -45.10
CA LEU A 64 -34.57 12.02 -45.06
C LEU A 64 -35.59 13.06 -44.62
N ARG A 65 -36.59 13.28 -45.46
N ARG A 65 -36.59 13.28 -45.46
CA ARG A 65 -37.67 14.26 -45.18
CA ARG A 65 -37.67 14.26 -45.18
C ARG A 65 -38.96 13.48 -45.05
C ARG A 65 -38.96 13.48 -45.05
N PHE A 66 -39.77 13.80 -44.05
CA PHE A 66 -41.02 13.07 -43.76
C PHE A 66 -42.16 14.08 -43.63
N ASP A 67 -43.32 13.68 -44.12
CA ASP A 67 -44.55 14.48 -44.02
C ASP A 67 -45.12 14.31 -42.61
N SER A 68 -46.30 14.88 -42.36
CA SER A 68 -46.90 14.90 -41.01
C SER A 68 -47.37 13.50 -40.59
N ASP A 69 -47.40 12.54 -41.53
CA ASP A 69 -47.73 11.12 -41.23
C ASP A 69 -46.46 10.30 -41.06
N GLY A 70 -45.29 10.92 -41.15
CA GLY A 70 -43.99 10.24 -41.06
C GLY A 70 -43.68 9.42 -42.31
N VAL A 71 -44.34 9.75 -43.42
CA VAL A 71 -44.11 9.10 -44.75
C VAL A 71 -42.95 9.82 -45.44
N LEU A 72 -42.01 9.03 -46.01
CA LEU A 72 -40.81 9.58 -46.69
C LEU A 72 -41.26 10.43 -47.88
N MET A 73 -40.73 11.65 -48.00
CA MET A 73 -41.10 12.59 -49.09
C MET A 73 -40.11 12.48 -50.25
N SER A 74 -40.57 12.88 -51.44
CA SER A 74 -39.92 12.67 -52.75
C SER A 74 -38.49 13.23 -52.74
N ASN A 75 -38.27 14.39 -52.12
CA ASN A 75 -36.95 15.07 -52.26
C ASN A 75 -36.02 14.55 -51.15
N SER A 76 -36.02 13.24 -50.90
CA SER A 76 -35.11 12.60 -49.91
C SER A 76 -33.96 11.93 -50.67
N SER A 77 -32.81 11.75 -50.02
CA SER A 77 -31.64 11.06 -50.60
C SER A 77 -31.97 9.60 -50.91
N MET A 78 -32.85 9.00 -50.13
CA MET A 78 -33.15 7.54 -50.16
C MET A 78 -34.45 7.32 -50.91
N VAL A 79 -34.49 6.29 -51.73
CA VAL A 79 -35.70 5.78 -52.43
C VAL A 79 -36.61 5.11 -51.39
N GLY A 80 -37.91 5.24 -51.51
CA GLY A 80 -38.87 4.77 -50.49
C GLY A 80 -39.38 3.36 -50.76
N ASP A 81 -39.03 2.75 -51.91
CA ASP A 81 -39.67 1.46 -52.32
C ASP A 81 -39.46 0.39 -51.23
N TYR A 82 -38.24 0.32 -50.65
CA TYR A 82 -37.89 -0.66 -49.60
C TYR A 82 -37.48 0.06 -48.31
N TRP A 83 -38.17 1.16 -48.03
CA TRP A 83 -38.24 1.80 -46.68
C TRP A 83 -39.61 1.51 -46.08
N ASN A 84 -39.70 0.56 -45.17
CA ASN A 84 -41.01 0.07 -44.69
C ASN A 84 -40.82 -0.75 -43.41
N PHE A 85 -41.92 -1.10 -42.78
CA PHE A 85 -41.95 -2.00 -41.61
C PHE A 85 -41.41 -3.37 -42.04
N ARG A 86 -40.73 -4.03 -41.11
N ARG A 86 -40.73 -4.03 -41.11
CA ARG A 86 -40.04 -5.32 -41.34
CA ARG A 86 -40.04 -5.32 -41.34
C ARG A 86 -41.07 -6.42 -41.61
C ARG A 86 -41.07 -6.42 -41.61
N GLU A 87 -40.76 -7.31 -42.56
CA GLU A 87 -41.41 -8.63 -42.70
C GLU A 87 -40.29 -9.63 -43.05
N GLY A 88 -39.94 -10.51 -42.11
CA GLY A 88 -38.80 -11.43 -42.27
C GLY A 88 -37.52 -10.66 -42.50
N GLN A 89 -36.80 -10.96 -43.58
CA GLN A 89 -35.56 -10.25 -43.99
C GLN A 89 -35.88 -9.09 -44.95
N THR A 90 -37.15 -8.76 -45.19
CA THR A 90 -37.51 -7.76 -46.22
C THR A 90 -38.51 -6.77 -45.60
N THR A 91 -39.31 -6.12 -46.44
CA THR A 91 -40.32 -5.14 -46.00
C THR A 91 -41.71 -5.72 -46.24
N GLN A 92 -42.70 -5.29 -45.47
CA GLN A 92 -44.13 -5.58 -45.77
C GLN A 92 -44.40 -5.06 -47.19
N SER A 93 -45.34 -5.69 -47.87
CA SER A 93 -45.58 -5.48 -49.32
C SER A 93 -46.34 -4.16 -49.56
N VAL A 94 -47.13 -3.69 -48.59
CA VAL A 94 -47.92 -2.43 -48.72
C VAL A 94 -47.15 -1.28 -48.07
N ALA A 95 -46.96 -0.17 -48.79
CA ALA A 95 -46.32 1.07 -48.29
C ALA A 95 -47.01 1.51 -47.00
N TYR A 96 -46.26 1.84 -45.95
CA TYR A 96 -46.86 2.29 -44.67
C TYR A 96 -47.52 3.67 -44.89
N THR A 97 -48.58 3.95 -44.14
CA THR A 97 -49.35 5.21 -44.23
C THR A 97 -49.09 6.07 -42.98
N ASN A 98 -48.49 5.52 -41.91
CA ASN A 98 -48.22 6.31 -40.69
C ASN A 98 -47.03 5.70 -39.93
N ALA A 99 -46.02 6.51 -39.67
CA ALA A 99 -44.85 6.16 -38.83
C ALA A 99 -44.54 7.33 -37.89
N VAL A 100 -45.55 8.04 -37.39
CA VAL A 100 -45.28 9.21 -36.49
C VAL A 100 -44.57 8.69 -35.23
N GLY A 101 -44.86 7.45 -34.83
CA GLY A 101 -44.18 6.79 -33.71
C GLY A 101 -42.65 6.69 -33.88
N PHE A 102 -42.14 6.83 -35.10
CA PHE A 102 -40.72 6.75 -35.43
C PHE A 102 -40.10 8.13 -35.67
N MET A 103 -40.91 9.18 -35.66
CA MET A 103 -40.43 10.53 -36.06
C MET A 103 -39.75 11.18 -34.87
N PRO A 104 -38.69 11.99 -35.10
CA PRO A 104 -38.02 12.70 -34.01
C PRO A 104 -38.92 13.76 -33.38
N ASN A 105 -39.03 13.71 -32.07
CA ASN A 105 -39.89 14.56 -31.23
C ASN A 105 -39.64 16.05 -31.58
N LEU A 106 -40.69 16.79 -31.95
CA LEU A 106 -40.53 18.22 -32.34
C LEU A 106 -40.33 19.13 -31.12
N GLY A 107 -40.68 18.65 -29.92
CA GLY A 107 -40.40 19.36 -28.67
C GLY A 107 -38.92 19.26 -28.34
N ALA A 108 -38.36 18.04 -28.37
CA ALA A 108 -36.94 17.78 -28.08
C ALA A 108 -36.06 18.41 -29.17
N TYR A 109 -36.46 18.29 -30.42
CA TYR A 109 -35.65 18.64 -31.61
C TYR A 109 -36.48 19.57 -32.51
N PRO A 110 -36.68 20.83 -32.13
CA PRO A 110 -37.61 21.69 -32.87
C PRO A 110 -37.05 22.07 -34.25
N LYS A 111 -37.92 22.35 -35.20
CA LYS A 111 -37.55 23.04 -36.48
C LYS A 111 -37.28 24.51 -36.13
N THR A 112 -36.05 24.96 -36.25
CA THR A 112 -35.65 26.37 -35.96
C THR A 112 -34.58 26.80 -36.95
N GLN A 113 -34.42 28.10 -37.15
CA GLN A 113 -33.37 28.70 -37.96
C GLN A 113 -32.13 28.93 -37.10
N SER A 114 -32.22 28.82 -35.77
CA SER A 114 -31.05 28.96 -34.86
C SER A 114 -30.39 27.59 -34.74
N LYS A 115 -29.05 27.56 -34.75
CA LYS A 115 -28.24 26.31 -34.62
C LYS A 115 -28.42 25.84 -33.17
N THR A 116 -28.96 24.63 -32.98
CA THR A 116 -29.33 24.06 -31.66
C THR A 116 -28.63 22.72 -31.47
N PRO A 117 -27.54 22.67 -30.65
CA PRO A 117 -26.75 21.44 -30.53
C PRO A 117 -27.60 20.21 -30.16
N LYS A 118 -28.64 20.37 -29.33
CA LYS A 118 -29.46 19.23 -28.85
C LYS A 118 -30.15 18.50 -30.02
N ASN A 119 -30.38 19.18 -31.15
CA ASN A 119 -31.02 18.56 -32.35
C ASN A 119 -30.10 17.49 -32.95
N SER A 120 -28.81 17.51 -32.63
CA SER A 120 -27.83 16.62 -33.31
C SER A 120 -27.15 15.66 -32.31
N ILE A 121 -26.66 14.57 -32.86
CA ILE A 121 -25.65 13.68 -32.25
C ILE A 121 -24.38 13.83 -33.08
N VAL A 122 -23.26 14.12 -32.46
CA VAL A 122 -21.98 14.29 -33.21
C VAL A 122 -20.93 13.37 -32.58
N SER A 123 -20.35 12.49 -33.39
N SER A 123 -20.34 12.50 -33.40
CA SER A 123 -19.37 11.49 -32.93
CA SER A 123 -19.37 11.47 -32.93
C SER A 123 -18.18 11.36 -33.88
C SER A 123 -18.18 11.36 -33.88
N GLN A 124 -17.01 11.00 -33.33
CA GLN A 124 -15.84 10.62 -34.13
C GLN A 124 -16.03 9.17 -34.59
N VAL A 125 -15.90 8.96 -35.89
CA VAL A 125 -15.93 7.61 -36.50
C VAL A 125 -14.75 7.52 -37.45
N TYR A 126 -14.61 6.40 -38.15
CA TYR A 126 -13.39 6.10 -38.92
C TYR A 126 -13.79 5.59 -40.30
N LEU A 127 -13.25 6.23 -41.32
CA LEU A 127 -13.54 5.89 -42.73
C LEU A 127 -13.03 4.47 -42.96
N ASN A 128 -13.92 3.59 -43.40
CA ASN A 128 -13.61 2.15 -43.68
C ASN A 128 -13.10 1.47 -42.40
N GLY A 129 -13.41 1.97 -41.21
CA GLY A 129 -12.96 1.37 -39.94
C GLY A 129 -11.46 1.56 -39.72
N GLU A 130 -10.82 2.43 -40.48
CA GLU A 130 -9.36 2.70 -40.37
C GLU A 130 -9.14 3.85 -39.39
N THR A 131 -8.43 3.61 -38.30
CA THR A 131 -8.20 4.65 -37.28
C THR A 131 -7.24 5.74 -37.76
N THR A 132 -6.55 5.52 -38.88
CA THR A 132 -5.71 6.57 -39.51
C THR A 132 -6.56 7.50 -40.40
N MET A 133 -7.86 7.24 -40.53
CA MET A 133 -8.77 8.03 -41.41
C MET A 133 -9.95 8.56 -40.61
N PRO A 134 -9.71 9.45 -39.63
CA PRO A 134 -10.77 9.92 -38.72
C PRO A 134 -11.79 10.80 -39.47
N MET A 135 -13.02 10.71 -39.02
CA MET A 135 -14.23 11.23 -39.70
C MET A 135 -15.18 11.70 -38.60
N THR A 136 -16.07 12.63 -38.88
CA THR A 136 -17.19 12.96 -37.96
C THR A 136 -18.48 12.48 -38.60
N LEU A 137 -19.38 11.95 -37.80
CA LEU A 137 -20.80 11.76 -38.18
C LEU A 137 -21.63 12.72 -37.36
N THR A 138 -22.44 13.53 -38.03
CA THR A 138 -23.48 14.39 -37.43
C THR A 138 -24.83 13.83 -37.84
N ILE A 139 -25.64 13.40 -36.88
CA ILE A 139 -27.06 13.04 -37.11
C ILE A 139 -27.90 14.20 -36.59
N THR A 140 -28.65 14.84 -37.48
CA THR A 140 -29.48 16.00 -37.09
C THR A 140 -30.95 15.62 -37.26
N PHE A 141 -31.72 15.87 -36.21
CA PHE A 141 -33.19 15.67 -36.18
C PHE A 141 -33.87 17.01 -36.49
N ASN A 142 -34.77 16.99 -37.46
CA ASN A 142 -35.66 18.15 -37.74
C ASN A 142 -34.81 19.37 -38.05
N GLY A 143 -33.75 19.21 -38.83
CA GLY A 143 -33.06 20.30 -39.55
C GLY A 143 -33.95 20.90 -40.65
N THR A 144 -33.72 22.15 -40.98
CA THR A 144 -34.56 22.92 -41.94
C THR A 144 -34.30 22.39 -43.35
N ASP A 145 -35.33 22.32 -44.19
CA ASP A 145 -35.25 21.97 -45.62
C ASP A 145 -34.61 23.14 -46.44
N GLU A 146 -34.36 22.90 -47.73
CA GLU A 146 -34.13 23.97 -48.72
C GLU A 146 -35.34 24.94 -48.69
N LYS A 147 -35.05 26.24 -48.65
N LYS A 147 -35.05 26.24 -48.65
CA LYS A 147 -36.08 27.31 -48.58
CA LYS A 147 -36.09 27.30 -48.57
C LYS A 147 -37.02 27.22 -49.79
C LYS A 147 -37.02 27.22 -49.79
N ASP A 148 -36.58 26.72 -50.94
CA ASP A 148 -37.39 26.71 -52.19
C ASP A 148 -38.07 25.35 -52.39
N THR A 149 -38.12 24.51 -51.38
CA THR A 149 -38.76 23.17 -51.49
C THR A 149 -40.23 23.28 -51.06
N THR A 150 -41.15 22.65 -51.78
CA THR A 150 -42.60 22.51 -51.46
C THR A 150 -43.10 21.15 -51.91
N PRO A 151 -43.87 20.39 -51.09
CA PRO A 151 -44.26 20.77 -49.73
C PRO A 151 -43.06 20.67 -48.78
N VAL A 152 -43.14 21.39 -47.66
CA VAL A 152 -42.13 21.41 -46.59
C VAL A 152 -42.28 20.10 -45.79
N SER A 153 -41.18 19.58 -45.27
CA SER A 153 -41.17 18.43 -44.37
C SER A 153 -41.66 18.82 -42.98
N THR A 154 -42.36 17.92 -42.29
CA THR A 154 -42.77 18.09 -40.87
C THR A 154 -41.64 17.57 -39.97
N TYR A 155 -41.02 16.46 -40.37
CA TYR A 155 -39.87 15.83 -39.65
C TYR A 155 -38.74 15.62 -40.65
N SER A 156 -37.52 15.55 -40.15
CA SER A 156 -36.36 15.23 -41.00
C SER A 156 -35.29 14.51 -40.17
N MET A 157 -34.44 13.80 -40.85
CA MET A 157 -33.26 13.14 -40.28
C MET A 157 -32.13 13.25 -41.30
N THR A 158 -31.06 13.92 -40.92
CA THR A 158 -29.90 14.17 -41.79
C THR A 158 -28.68 13.45 -41.21
N PHE A 159 -27.99 12.69 -42.05
CA PHE A 159 -26.71 12.03 -41.70
C PHE A 159 -25.61 12.66 -42.51
N THR A 160 -24.69 13.34 -41.84
CA THR A 160 -23.56 14.04 -42.48
C THR A 160 -22.25 13.40 -42.00
N TRP A 161 -21.53 12.77 -42.90
CA TRP A 161 -20.14 12.34 -42.70
C TRP A 161 -19.20 13.38 -43.29
N GLN A 162 -18.19 13.78 -42.54
CA GLN A 162 -17.19 14.77 -42.99
C GLN A 162 -15.80 14.33 -42.57
N TRP A 163 -14.80 14.61 -43.38
CA TRP A 163 -13.39 14.29 -43.10
C TRP A 163 -12.52 15.35 -43.77
N THR A 164 -11.27 15.45 -43.34
CA THR A 164 -10.32 16.48 -43.83
C THR A 164 -9.18 15.82 -44.62
N GLY A 165 -8.97 14.50 -44.46
CA GLY A 165 -7.91 13.76 -45.16
C GLY A 165 -7.99 13.86 -46.67
N ASP A 166 -6.85 13.72 -47.33
CA ASP A 166 -6.72 13.55 -48.81
C ASP A 166 -6.44 12.08 -49.09
N TYR A 167 -7.25 11.44 -49.93
CA TYR A 167 -7.16 9.99 -50.21
C TYR A 167 -7.08 9.69 -51.72
N LYS A 168 -6.85 10.72 -52.56
CA LYS A 168 -6.92 10.53 -54.03
C LYS A 168 -5.79 9.58 -54.47
N ASP A 169 -4.62 9.60 -53.81
CA ASP A 169 -3.49 8.71 -54.18
C ASP A 169 -3.78 7.26 -53.80
N LYS A 170 -4.81 7.00 -53.01
CA LYS A 170 -5.23 5.64 -52.62
C LYS A 170 -6.43 5.30 -53.51
N ASN A 171 -7.09 4.20 -53.23
CA ASN A 171 -8.28 3.78 -53.99
C ASN A 171 -9.30 3.43 -52.92
N ILE A 172 -9.82 4.44 -52.23
CA ILE A 172 -10.71 4.27 -51.05
C ILE A 172 -12.14 4.44 -51.52
N THR A 173 -13.00 3.45 -51.25
CA THR A 173 -14.45 3.52 -51.45
C THR A 173 -15.03 4.15 -50.19
N PHE A 174 -15.87 5.17 -50.30
CA PHE A 174 -16.49 5.77 -49.10
C PHE A 174 -17.43 4.70 -48.53
N ALA A 175 -17.17 4.26 -47.32
CA ALA A 175 -17.98 3.25 -46.63
C ALA A 175 -17.75 3.40 -45.14
N THR A 176 -18.79 3.20 -44.36
CA THR A 176 -18.78 3.47 -42.91
C THR A 176 -18.90 2.17 -42.13
N ASN A 177 -18.45 2.22 -40.89
CA ASN A 177 -18.80 1.21 -39.86
C ASN A 177 -20.26 1.39 -39.50
N SER A 178 -20.89 0.36 -38.98
CA SER A 178 -22.22 0.48 -38.37
C SER A 178 -22.13 1.42 -37.17
N PHE A 179 -23.16 2.22 -36.97
CA PHE A 179 -23.18 3.27 -35.93
C PHE A 179 -24.52 3.21 -35.23
N THR A 180 -24.49 3.15 -33.90
CA THR A 180 -25.68 3.06 -33.03
C THR A 180 -26.04 4.45 -32.49
N PHE A 181 -27.32 4.75 -32.40
CA PHE A 181 -27.82 6.04 -31.87
C PHE A 181 -29.25 5.87 -31.40
N SER A 182 -29.78 6.87 -30.72
CA SER A 182 -31.19 6.89 -30.27
C SER A 182 -31.72 8.31 -30.26
N TYR A 183 -33.02 8.45 -30.22
CA TYR A 183 -33.69 9.77 -30.11
C TYR A 183 -35.09 9.58 -29.57
N MET A 184 -35.63 10.64 -28.97
CA MET A 184 -37.01 10.67 -28.46
C MET A 184 -37.98 10.69 -29.65
N ALA A 185 -39.01 9.85 -29.57
CA ALA A 185 -40.03 9.70 -30.62
C ALA A 185 -41.11 10.79 -30.40
N GLN A 186 -41.76 11.19 -31.49
CA GLN A 186 -42.85 12.18 -31.44
C GLN A 186 -44.02 11.65 -30.62
N GLU A 187 -44.39 10.38 -30.79
CA GLU A 187 -45.46 9.76 -29.98
C GLU A 187 -45.12 8.29 -29.72
N LYS B 1 -35.42 -16.12 -23.23
CA LYS B 1 -36.23 -14.93 -23.09
C LYS B 1 -35.55 -13.84 -23.95
N LEU B 2 -35.64 -12.59 -23.52
CA LEU B 2 -35.27 -11.40 -24.30
C LEU B 2 -33.93 -10.86 -23.78
N THR B 3 -33.29 -11.50 -22.79
CA THR B 3 -31.91 -11.16 -22.37
C THR B 3 -31.01 -12.38 -22.42
N LEU B 4 -29.88 -12.25 -23.09
CA LEU B 4 -28.80 -13.25 -23.16
C LEU B 4 -27.56 -12.58 -22.59
N TRP B 5 -27.04 -13.07 -21.46
CA TRP B 5 -25.96 -12.35 -20.75
C TRP B 5 -25.01 -13.31 -20.02
N THR B 6 -23.94 -12.70 -19.52
CA THR B 6 -22.89 -13.29 -18.68
C THR B 6 -23.27 -13.26 -17.20
N THR B 7 -24.49 -12.83 -16.88
CA THR B 7 -24.88 -12.23 -15.57
C THR B 7 -24.22 -10.84 -15.46
N PRO B 8 -24.75 -9.94 -14.60
CA PRO B 8 -24.23 -8.59 -14.51
C PRO B 8 -22.87 -8.50 -13.81
N ASP B 9 -22.54 -9.50 -12.99
CA ASP B 9 -21.30 -9.50 -12.17
C ASP B 9 -20.61 -10.87 -12.30
N PRO B 10 -20.12 -11.25 -13.49
CA PRO B 10 -19.54 -12.59 -13.67
C PRO B 10 -18.23 -12.81 -12.89
N SER B 11 -18.03 -14.05 -12.45
N SER B 11 -18.03 -14.05 -12.45
CA SER B 11 -16.71 -14.60 -12.04
CA SER B 11 -16.70 -14.58 -12.03
C SER B 11 -15.78 -14.61 -13.25
C SER B 11 -15.78 -14.61 -13.25
N PRO B 12 -14.45 -14.74 -13.05
CA PRO B 12 -13.51 -14.84 -14.17
C PRO B 12 -14.00 -15.91 -15.14
N ASN B 13 -14.25 -15.50 -16.39
CA ASN B 13 -15.03 -16.31 -17.35
C ASN B 13 -14.41 -16.17 -18.74
N CYS B 14 -13.21 -15.63 -18.85
CA CYS B 14 -12.67 -15.20 -20.15
C CYS B 14 -11.14 -15.36 -20.18
N GLN B 15 -10.62 -15.79 -21.33
CA GLN B 15 -9.17 -15.82 -21.61
C GLN B 15 -8.81 -14.64 -22.51
N LEU B 16 -7.97 -13.72 -22.03
CA LEU B 16 -7.26 -12.74 -22.89
C LEU B 16 -5.90 -13.33 -23.27
N LEU B 17 -5.14 -13.83 -22.30
CA LEU B 17 -3.80 -14.42 -22.55
C LEU B 17 -3.76 -15.85 -22.00
N SER B 18 -4.42 -16.13 -20.87
CA SER B 18 -4.45 -17.48 -20.26
C SER B 18 -5.83 -17.72 -19.63
N ASP B 19 -6.07 -18.98 -19.23
CA ASP B 19 -7.41 -19.45 -18.81
C ASP B 19 -7.98 -18.54 -17.71
N ARG B 20 -9.21 -18.03 -17.92
CA ARG B 20 -9.99 -17.30 -16.89
C ARG B 20 -9.12 -16.20 -16.25
N ASP B 21 -8.42 -15.44 -17.08
CA ASP B 21 -7.55 -14.32 -16.61
C ASP B 21 -8.35 -13.01 -16.66
N ALA B 22 -9.63 -13.06 -17.02
CA ALA B 22 -10.44 -11.84 -17.19
C ALA B 22 -11.91 -12.09 -16.86
N LYS B 23 -12.59 -11.02 -16.45
CA LYS B 23 -14.06 -10.94 -16.31
C LYS B 23 -14.60 -10.19 -17.52
N PHE B 24 -15.35 -10.89 -18.35
CA PHE B 24 -16.00 -10.33 -19.55
C PHE B 24 -17.50 -10.22 -19.25
N THR B 25 -18.03 -9.01 -19.24
CA THR B 25 -19.46 -8.77 -19.01
C THR B 25 -20.10 -8.40 -20.34
N LEU B 26 -21.17 -9.09 -20.70
CA LEU B 26 -21.89 -8.80 -21.95
C LEU B 26 -23.36 -9.05 -21.69
N CYS B 27 -24.18 -8.01 -21.94
CA CYS B 27 -25.65 -8.11 -21.85
C CYS B 27 -26.21 -7.79 -23.22
N LEU B 28 -26.90 -8.76 -23.83
CA LEU B 28 -27.60 -8.57 -25.12
C LEU B 28 -29.11 -8.57 -24.80
N THR B 29 -29.76 -7.46 -25.11
CA THR B 29 -31.21 -7.30 -24.85
C THR B 29 -31.91 -7.25 -26.21
N LYS B 30 -32.81 -8.18 -26.47
CA LYS B 30 -33.49 -8.26 -27.78
C LYS B 30 -34.62 -7.23 -27.81
N CYS B 31 -34.48 -6.24 -28.66
CA CYS B 31 -35.52 -5.22 -28.97
C CYS B 31 -36.05 -5.54 -30.37
N GLY B 32 -36.80 -6.64 -30.50
CA GLY B 32 -37.25 -7.17 -31.80
C GLY B 32 -36.06 -7.40 -32.73
N SER B 33 -36.03 -6.65 -33.84
N SER B 33 -36.02 -6.68 -33.85
CA SER B 33 -35.07 -6.80 -34.96
CA SER B 33 -35.03 -6.90 -34.94
C SER B 33 -33.67 -6.34 -34.55
C SER B 33 -33.66 -6.34 -34.56
N GLN B 34 -33.52 -5.61 -33.46
CA GLN B 34 -32.20 -5.08 -33.05
C GLN B 34 -31.87 -5.53 -31.65
N ILE B 35 -30.62 -5.88 -31.47
CA ILE B 35 -30.05 -6.23 -30.16
C ILE B 35 -29.38 -4.99 -29.60
N LEU B 36 -29.68 -4.66 -28.35
CA LEU B 36 -29.01 -3.59 -27.58
C LEU B 36 -27.98 -4.28 -26.69
N GLY B 37 -26.73 -3.89 -26.78
CA GLY B 37 -25.63 -4.51 -26.06
C GLY B 37 -24.94 -3.52 -25.14
N THR B 38 -24.46 -4.02 -24.00
CA THR B 38 -23.46 -3.29 -23.19
C THR B 38 -22.37 -4.31 -22.81
N VAL B 39 -21.13 -3.89 -22.95
CA VAL B 39 -19.95 -4.77 -22.80
C VAL B 39 -18.94 -4.03 -21.92
N ALA B 40 -18.25 -4.82 -21.07
CA ALA B 40 -17.06 -4.37 -20.34
C ALA B 40 -16.14 -5.57 -20.11
N VAL B 41 -14.86 -5.31 -19.92
CA VAL B 41 -13.88 -6.39 -19.62
C VAL B 41 -12.83 -5.88 -18.65
N ALA B 42 -12.32 -6.78 -17.78
CA ALA B 42 -11.24 -6.46 -16.84
C ALA B 42 -10.31 -7.67 -16.68
N ALA B 43 -9.02 -7.50 -16.88
CA ALA B 43 -8.00 -8.51 -16.49
C ALA B 43 -8.00 -8.62 -14.97
N VAL B 44 -7.98 -9.83 -14.43
CA VAL B 44 -8.05 -10.08 -12.96
C VAL B 44 -6.88 -10.93 -12.45
N THR B 45 -6.26 -11.81 -13.23
CA THR B 45 -5.09 -12.63 -12.69
C THR B 45 -3.80 -11.77 -12.68
N VAL B 46 -3.16 -11.65 -11.53
CA VAL B 46 -2.01 -10.73 -11.37
C VAL B 46 -0.75 -11.39 -11.91
N GLY B 47 0.01 -10.65 -12.70
CA GLY B 47 1.35 -11.05 -13.20
C GLY B 47 1.32 -11.29 -14.70
N SER B 48 0.14 -11.20 -15.33
CA SER B 48 0.03 -11.27 -16.82
C SER B 48 0.57 -9.97 -17.43
N ALA B 49 0.83 -10.00 -18.72
CA ALA B 49 1.29 -8.83 -19.50
C ALA B 49 0.20 -7.74 -19.51
N LEU B 50 -1.03 -8.04 -19.06
CA LEU B 50 -2.13 -7.04 -19.03
C LEU B 50 -2.50 -6.71 -17.59
N ASN B 51 -1.79 -7.24 -16.60
CA ASN B 51 -2.13 -7.03 -15.18
C ASN B 51 -0.92 -7.23 -14.28
N PRO B 52 -0.02 -6.22 -14.16
CA PRO B 52 -0.17 -4.94 -14.84
C PRO B 52 0.34 -4.94 -16.28
N ILE B 53 -0.16 -4.00 -17.10
CA ILE B 53 0.31 -3.78 -18.49
C ILE B 53 1.83 -3.54 -18.47
N ASN B 54 2.60 -4.38 -19.17
CA ASN B 54 4.09 -4.26 -19.24
C ASN B 54 4.54 -3.89 -20.65
N ASP B 55 3.59 -3.62 -21.55
CA ASP B 55 3.80 -3.03 -22.90
C ASP B 55 4.27 -4.12 -23.89
N THR B 56 4.30 -5.39 -23.51
CA THR B 56 4.62 -6.50 -24.45
C THR B 56 3.36 -6.86 -25.23
N VAL B 57 2.18 -6.49 -24.73
CA VAL B 57 0.87 -6.81 -25.34
C VAL B 57 0.02 -5.52 -25.38
N LYS B 58 -0.37 -5.07 -26.57
CA LYS B 58 -1.09 -3.78 -26.75
C LYS B 58 -2.40 -4.03 -27.48
N SER B 59 -2.93 -5.24 -27.38
N SER B 59 -2.93 -5.24 -27.38
CA SER B 59 -4.32 -5.56 -27.82
CA SER B 59 -4.32 -5.56 -27.82
C SER B 59 -4.91 -6.57 -26.86
C SER B 59 -4.91 -6.57 -26.86
N ALA B 60 -6.21 -6.62 -26.78
CA ALA B 60 -6.96 -7.61 -26.00
C ALA B 60 -8.16 -7.97 -26.83
N ILE B 61 -8.36 -9.25 -27.10
CA ILE B 61 -9.40 -9.73 -28.02
C ILE B 61 -10.27 -10.73 -27.28
N VAL B 62 -11.56 -10.58 -27.41
CA VAL B 62 -12.56 -11.56 -26.97
C VAL B 62 -13.31 -12.01 -28.21
N PHE B 63 -13.13 -13.28 -28.59
CA PHE B 63 -13.80 -13.91 -29.74
C PHE B 63 -14.95 -14.76 -29.23
N LEU B 64 -16.17 -14.49 -29.67
CA LEU B 64 -17.33 -15.35 -29.44
C LEU B 64 -17.70 -15.97 -30.78
N ARG B 65 -17.68 -17.30 -30.84
CA ARG B 65 -18.03 -18.07 -32.03
C ARG B 65 -19.30 -18.84 -31.70
N PHE B 66 -20.24 -18.86 -32.62
CA PHE B 66 -21.56 -19.50 -32.41
C PHE B 66 -21.84 -20.42 -33.59
N ASP B 67 -22.46 -21.56 -33.28
CA ASP B 67 -22.88 -22.55 -34.29
C ASP B 67 -24.19 -22.05 -34.91
N SER B 68 -24.80 -22.85 -35.77
CA SER B 68 -25.99 -22.45 -36.55
C SER B 68 -27.22 -22.31 -35.65
N ASP B 69 -27.14 -22.78 -34.40
CA ASP B 69 -28.24 -22.61 -33.40
C ASP B 69 -27.95 -21.42 -32.50
N GLY B 70 -26.85 -20.70 -32.74
CA GLY B 70 -26.45 -19.54 -31.91
C GLY B 70 -25.88 -19.98 -30.56
N VAL B 71 -25.46 -21.25 -30.47
CA VAL B 71 -24.85 -21.81 -29.24
C VAL B 71 -23.34 -21.51 -29.26
N LEU B 72 -22.81 -21.04 -28.13
CA LEU B 72 -21.39 -20.66 -28.02
C LEU B 72 -20.52 -21.89 -28.27
N MET B 73 -19.51 -21.77 -29.13
CA MET B 73 -18.61 -22.90 -29.50
C MET B 73 -17.36 -22.89 -28.61
N SER B 74 -16.75 -24.06 -28.41
CA SER B 74 -15.63 -24.26 -27.45
C SER B 74 -14.45 -23.34 -27.76
N ASN B 75 -14.19 -23.04 -29.02
CA ASN B 75 -13.02 -22.20 -29.44
C ASN B 75 -13.33 -20.69 -29.25
N SER B 76 -14.05 -20.33 -28.20
CA SER B 76 -14.40 -18.92 -27.85
C SER B 76 -13.54 -18.52 -26.68
N SER B 77 -13.27 -17.22 -26.54
CA SER B 77 -12.48 -16.63 -25.42
C SER B 77 -13.23 -16.83 -24.09
N MET B 78 -14.54 -16.87 -24.15
CA MET B 78 -15.44 -16.85 -22.97
C MET B 78 -15.96 -18.26 -22.75
N VAL B 79 -15.99 -18.67 -21.49
CA VAL B 79 -16.61 -19.96 -21.04
C VAL B 79 -18.14 -19.82 -21.13
N GLY B 80 -18.84 -20.89 -21.48
CA GLY B 80 -20.31 -20.87 -21.70
C GLY B 80 -21.13 -21.17 -20.45
N ASP B 81 -20.49 -21.48 -19.32
CA ASP B 81 -21.21 -21.96 -18.10
C ASP B 81 -22.29 -20.96 -17.68
N TYR B 82 -21.98 -19.67 -17.67
CA TYR B 82 -22.92 -18.59 -17.26
C TYR B 82 -23.10 -17.61 -18.42
N TRP B 83 -23.18 -18.16 -19.63
CA TRP B 83 -23.68 -17.45 -20.83
C TRP B 83 -25.05 -18.03 -21.19
N ASN B 84 -26.12 -17.34 -20.83
CA ASN B 84 -27.46 -17.92 -20.93
C ASN B 84 -28.52 -16.83 -20.81
N PHE B 85 -29.76 -17.21 -21.09
CA PHE B 85 -30.94 -16.36 -20.87
C PHE B 85 -31.04 -15.99 -19.39
N ARG B 86 -31.53 -14.80 -19.12
CA ARG B 86 -31.61 -14.21 -17.76
C ARG B 86 -32.63 -15.01 -16.93
N GLU B 87 -32.33 -15.18 -15.65
CA GLU B 87 -33.31 -15.51 -14.59
C GLU B 87 -32.93 -14.73 -13.34
N GLY B 88 -33.75 -13.72 -12.99
CA GLY B 88 -33.43 -12.74 -11.94
C GLY B 88 -32.10 -12.06 -12.25
N GLN B 89 -31.16 -12.10 -11.29
CA GLN B 89 -29.80 -11.56 -11.41
C GLN B 89 -28.81 -12.60 -11.95
N THR B 90 -29.26 -13.78 -12.38
CA THR B 90 -28.34 -14.85 -12.81
C THR B 90 -28.81 -15.40 -14.16
N THR B 91 -28.45 -16.62 -14.49
CA THR B 91 -28.82 -17.29 -15.75
C THR B 91 -29.80 -18.42 -15.43
N GLN B 92 -30.65 -18.77 -16.38
CA GLN B 92 -31.49 -20.00 -16.26
C GLN B 92 -30.50 -21.17 -16.08
N SER B 93 -30.95 -22.21 -15.41
CA SER B 93 -30.09 -23.32 -14.93
C SER B 93 -29.75 -24.26 -16.10
N VAL B 94 -30.62 -24.37 -17.13
CA VAL B 94 -30.39 -25.28 -18.28
C VAL B 94 -29.80 -24.46 -19.44
N ALA B 95 -28.68 -24.91 -20.02
CA ALA B 95 -28.04 -24.33 -21.22
C ALA B 95 -29.09 -24.15 -22.33
N TYR B 96 -29.12 -22.97 -22.96
CA TYR B 96 -30.07 -22.70 -24.08
C TYR B 96 -29.68 -23.59 -25.27
N THR B 97 -30.66 -23.95 -26.08
CA THR B 97 -30.47 -24.82 -27.28
C THR B 97 -30.56 -23.98 -28.58
N ASN B 98 -31.08 -22.76 -28.50
CA ASN B 98 -31.24 -21.88 -29.70
C ASN B 98 -31.26 -20.43 -29.24
N ALA B 99 -30.37 -19.60 -29.83
CA ALA B 99 -30.35 -18.14 -29.60
C ALA B 99 -30.16 -17.42 -30.93
N VAL B 100 -30.73 -17.93 -32.00
CA VAL B 100 -30.58 -17.29 -33.35
C VAL B 100 -31.18 -15.88 -33.29
N GLY B 101 -32.19 -15.65 -32.44
CA GLY B 101 -32.78 -14.33 -32.20
C GLY B 101 -31.77 -13.29 -31.72
N PHE B 102 -30.61 -13.70 -31.22
CA PHE B 102 -29.56 -12.79 -30.71
C PHE B 102 -28.35 -12.78 -31.64
N MET B 103 -28.36 -13.57 -32.72
CA MET B 103 -27.18 -13.67 -33.59
C MET B 103 -27.16 -12.47 -34.55
N PRO B 104 -25.97 -11.97 -34.93
CA PRO B 104 -25.88 -10.87 -35.90
C PRO B 104 -26.34 -11.33 -37.29
N ASN B 105 -27.21 -10.53 -37.87
CA ASN B 105 -27.87 -10.79 -39.18
C ASN B 105 -26.80 -11.06 -40.25
N LEU B 106 -26.88 -12.20 -40.95
CA LEU B 106 -25.88 -12.59 -41.97
C LEU B 106 -26.09 -11.80 -43.27
N GLY B 107 -27.26 -11.20 -43.47
CA GLY B 107 -27.51 -10.28 -44.59
C GLY B 107 -26.81 -8.95 -44.33
N ALA B 108 -26.99 -8.37 -43.16
CA ALA B 108 -26.38 -7.09 -42.77
C ALA B 108 -24.85 -7.25 -42.63
N TYR B 109 -24.43 -8.37 -42.04
CA TYR B 109 -23.01 -8.61 -41.64
C TYR B 109 -22.58 -9.95 -42.21
N PRO B 110 -22.34 -10.06 -43.52
CA PRO B 110 -22.08 -11.37 -44.11
C PRO B 110 -20.72 -11.94 -43.69
N LYS B 111 -20.59 -13.27 -43.67
CA LYS B 111 -19.28 -13.97 -43.59
C LYS B 111 -18.58 -13.79 -44.94
N THR B 112 -17.48 -13.05 -44.99
CA THR B 112 -16.72 -12.80 -46.25
C THR B 112 -15.24 -12.78 -45.94
N GLN B 113 -14.42 -12.99 -46.97
CA GLN B 113 -12.95 -12.89 -46.89
C GLN B 113 -12.52 -11.43 -47.12
N SER B 114 -13.42 -10.58 -47.65
CA SER B 114 -13.17 -9.13 -47.86
C SER B 114 -13.40 -8.39 -46.54
N LYS B 115 -12.56 -7.40 -46.22
CA LYS B 115 -12.78 -6.49 -45.07
C LYS B 115 -13.97 -5.59 -45.42
N THR B 116 -15.05 -5.66 -44.64
CA THR B 116 -16.34 -4.97 -44.92
C THR B 116 -16.67 -4.04 -43.75
N PRO B 117 -16.51 -2.71 -43.90
CA PRO B 117 -16.67 -1.80 -42.77
C PRO B 117 -18.01 -1.96 -42.02
N LYS B 118 -19.10 -2.25 -42.74
CA LYS B 118 -20.46 -2.32 -42.14
C LYS B 118 -20.53 -3.47 -41.10
N ASN B 119 -19.68 -4.49 -41.21
CA ASN B 119 -19.63 -5.64 -40.26
C ASN B 119 -19.16 -5.15 -38.88
N SER B 120 -18.51 -4.01 -38.80
CA SER B 120 -17.87 -3.57 -37.52
C SER B 120 -18.47 -2.26 -37.00
N ILE B 121 -18.33 -2.07 -35.70
CA ILE B 121 -18.46 -0.76 -35.01
C ILE B 121 -17.08 -0.38 -34.51
N VAL B 122 -16.58 0.79 -34.84
CA VAL B 122 -15.21 1.18 -34.42
C VAL B 122 -15.31 2.51 -33.70
N SER B 123 -14.82 2.57 -32.46
N SER B 123 -14.83 2.58 -32.47
CA SER B 123 -14.96 3.76 -31.58
CA SER B 123 -14.96 3.77 -31.59
C SER B 123 -13.66 4.01 -30.81
C SER B 123 -13.66 4.01 -30.81
N GLN B 124 -13.41 5.26 -30.48
CA GLN B 124 -12.37 5.64 -29.50
C GLN B 124 -12.93 5.40 -28.09
N VAL B 125 -12.19 4.66 -27.28
CA VAL B 125 -12.53 4.45 -25.85
C VAL B 125 -11.27 4.73 -25.05
N TYR B 126 -11.35 4.59 -23.73
CA TYR B 126 -10.28 5.08 -22.82
C TYR B 126 -9.95 4.00 -21.81
N LEU B 127 -8.66 3.66 -21.75
CA LEU B 127 -8.15 2.65 -20.82
C LEU B 127 -8.42 3.13 -19.40
N ASN B 128 -9.19 2.32 -18.64
CA ASN B 128 -9.56 2.63 -17.24
C ASN B 128 -10.29 4.00 -17.14
N GLY B 129 -10.92 4.45 -18.20
CA GLY B 129 -11.69 5.70 -18.20
C GLY B 129 -10.80 6.93 -18.16
N GLU B 130 -9.49 6.75 -18.38
CA GLU B 130 -8.50 7.86 -18.41
C GLU B 130 -8.42 8.44 -19.81
N THR B 131 -8.74 9.72 -19.96
CA THR B 131 -8.84 10.37 -21.29
C THR B 131 -7.43 10.61 -21.85
N THR B 132 -6.38 10.46 -21.05
CA THR B 132 -4.98 10.55 -21.53
C THR B 132 -4.52 9.19 -22.06
N MET B 133 -5.37 8.15 -22.02
CA MET B 133 -5.00 6.77 -22.40
C MET B 133 -5.98 6.26 -23.45
N PRO B 134 -5.94 6.84 -24.66
CA PRO B 134 -6.85 6.47 -25.72
C PRO B 134 -6.60 5.04 -26.22
N MET B 135 -7.68 4.42 -26.65
N MET B 135 -7.69 4.41 -26.63
CA MET B 135 -7.78 3.01 -27.07
CA MET B 135 -7.78 3.00 -27.06
C MET B 135 -8.81 2.97 -28.20
C MET B 135 -8.81 2.96 -28.19
N THR B 136 -8.71 1.98 -29.08
CA THR B 136 -9.79 1.74 -30.09
C THR B 136 -10.48 0.44 -29.72
N LEU B 137 -11.80 0.45 -29.74
CA LEU B 137 -12.62 -0.77 -29.68
C LEU B 137 -13.19 -1.03 -31.05
N THR B 138 -12.94 -2.21 -31.59
CA THR B 138 -13.59 -2.73 -32.82
C THR B 138 -14.50 -3.87 -32.39
N ILE B 139 -15.81 -3.73 -32.62
CA ILE B 139 -16.78 -4.83 -32.47
C ILE B 139 -17.08 -5.33 -33.89
N THR B 140 -16.76 -6.59 -34.18
CA THR B 140 -16.97 -7.13 -35.53
C THR B 140 -17.99 -8.25 -35.46
N PHE B 141 -19.00 -8.18 -36.32
CA PHE B 141 -20.05 -9.21 -36.47
C PHE B 141 -19.67 -10.12 -37.63
N ASN B 142 -19.66 -11.43 -37.37
CA ASN B 142 -19.52 -12.46 -38.41
C ASN B 142 -18.20 -12.27 -39.17
N GLY B 143 -17.13 -11.89 -38.50
CA GLY B 143 -15.84 -11.59 -39.15
C GLY B 143 -15.10 -12.82 -39.65
N THR B 150 -11.54 -25.10 -37.61
CA THR B 150 -12.51 -26.23 -37.52
C THR B 150 -12.88 -26.47 -36.06
N PRO B 151 -14.19 -26.64 -35.71
CA PRO B 151 -15.30 -26.53 -36.66
C PRO B 151 -15.56 -25.05 -37.02
N VAL B 152 -16.17 -24.80 -38.17
CA VAL B 152 -16.40 -23.39 -38.66
C VAL B 152 -17.58 -22.81 -37.88
N SER B 153 -17.50 -21.54 -37.50
CA SER B 153 -18.63 -20.85 -36.80
C SER B 153 -19.64 -20.40 -37.88
N THR B 154 -20.93 -20.35 -37.55
CA THR B 154 -21.97 -19.75 -38.42
C THR B 154 -22.07 -18.24 -38.15
N TYR B 155 -21.99 -17.85 -36.88
CA TYR B 155 -22.01 -16.45 -36.41
C TYR B 155 -20.80 -16.19 -35.55
N SER B 156 -20.40 -14.94 -35.42
CA SER B 156 -19.34 -14.56 -34.50
C SER B 156 -19.53 -13.11 -34.04
N MET B 157 -18.95 -12.81 -32.89
CA MET B 157 -18.91 -11.44 -32.34
C MET B 157 -17.53 -11.28 -31.69
N THR B 158 -16.72 -10.39 -32.23
CA THR B 158 -15.33 -10.18 -31.80
C THR B 158 -15.20 -8.78 -31.22
N PHE B 159 -14.60 -8.68 -30.03
CA PHE B 159 -14.30 -7.39 -29.37
C PHE B 159 -12.79 -7.25 -29.33
N THR B 160 -12.26 -6.28 -30.05
CA THR B 160 -10.80 -6.04 -30.12
C THR B 160 -10.50 -4.65 -29.56
N TRP B 161 -9.79 -4.62 -28.44
CA TRP B 161 -9.20 -3.38 -27.90
C TRP B 161 -7.74 -3.30 -28.35
N GLN B 162 -7.33 -2.15 -28.85
CA GLN B 162 -5.92 -1.88 -29.26
C GLN B 162 -5.52 -0.50 -28.79
N TRP B 163 -4.24 -0.33 -28.44
CA TRP B 163 -3.69 0.97 -28.00
C TRP B 163 -2.22 1.03 -28.38
N THR B 164 -1.65 2.22 -28.42
CA THR B 164 -0.24 2.46 -28.80
C THR B 164 0.56 2.96 -27.60
N GLY B 165 -0.11 3.45 -26.56
CA GLY B 165 0.55 3.98 -25.34
C GLY B 165 1.47 2.96 -24.66
N ASP B 166 2.49 3.46 -23.97
CA ASP B 166 3.39 2.69 -23.08
C ASP B 166 3.00 2.99 -21.64
N TYR B 167 2.70 1.97 -20.83
CA TYR B 167 2.19 2.13 -19.45
C TYR B 167 2.98 1.27 -18.45
N LYS B 168 4.13 0.73 -18.84
CA LYS B 168 4.92 -0.20 -18.01
C LYS B 168 5.38 0.59 -16.78
N ASP B 169 5.17 -0.03 -15.64
CA ASP B 169 5.62 0.57 -14.34
C ASP B 169 4.66 1.71 -13.95
N LYS B 170 3.52 1.89 -14.64
CA LYS B 170 2.40 2.71 -14.07
C LYS B 170 1.41 1.85 -13.26
N ASN B 171 1.68 0.58 -13.15
CA ASN B 171 0.84 -0.43 -12.47
C ASN B 171 -0.61 -0.27 -12.90
N ILE B 172 -0.85 -0.29 -14.22
CA ILE B 172 -2.20 -0.15 -14.82
C ILE B 172 -2.71 -1.54 -15.17
N THR B 173 -3.91 -1.90 -14.69
CA THR B 173 -4.60 -3.16 -15.05
C THR B 173 -5.42 -2.88 -16.30
N PHE B 174 -5.36 -3.75 -17.30
CA PHE B 174 -6.27 -3.64 -18.46
C PHE B 174 -7.71 -3.79 -17.96
N ALA B 175 -8.52 -2.75 -18.11
CA ALA B 175 -9.95 -2.76 -17.77
C ALA B 175 -10.64 -1.63 -18.55
N THR B 176 -11.86 -1.87 -18.97
CA THR B 176 -12.60 -0.96 -19.86
C THR B 176 -13.78 -0.32 -19.13
N ASN B 177 -14.21 0.82 -19.66
CA ASN B 177 -15.53 1.39 -19.31
C ASN B 177 -16.60 0.55 -19.98
N SER B 178 -17.82 0.58 -19.45
CA SER B 178 -19.00 0.00 -20.12
C SER B 178 -19.18 0.72 -21.46
N PHE B 179 -19.56 -0.05 -22.49
CA PHE B 179 -19.70 0.46 -23.86
C PHE B 179 -21.01 -0.06 -24.42
N THR B 180 -21.82 0.84 -24.98
CA THR B 180 -23.15 0.55 -25.55
C THR B 180 -23.03 0.40 -27.08
N PHE B 181 -23.77 -0.53 -27.63
CA PHE B 181 -23.80 -0.77 -29.10
C PHE B 181 -25.10 -1.47 -29.45
N SER B 182 -25.37 -1.60 -30.76
CA SER B 182 -26.54 -2.34 -31.26
C SER B 182 -26.20 -2.96 -32.60
N TYR B 183 -27.01 -3.93 -33.02
CA TYR B 183 -26.89 -4.60 -34.32
C TYR B 183 -28.22 -5.26 -34.67
N MET B 184 -28.42 -5.51 -35.95
CA MET B 184 -29.61 -6.21 -36.46
C MET B 184 -29.46 -7.70 -36.14
N ALA B 185 -30.52 -8.28 -35.64
CA ALA B 185 -30.63 -9.72 -35.28
C ALA B 185 -30.93 -10.53 -36.54
N GLN B 186 -30.49 -11.79 -36.54
CA GLN B 186 -30.74 -12.74 -37.65
C GLN B 186 -32.24 -12.98 -37.80
N GLU B 187 -32.96 -13.14 -36.70
CA GLU B 187 -34.44 -13.31 -36.77
C GLU B 187 -35.07 -12.66 -35.53
N LYS C 1 -44.71 3.79 -15.96
CA LYS C 1 -44.66 3.44 -17.37
C LYS C 1 -43.25 2.88 -17.71
N LEU C 2 -42.92 2.86 -18.99
CA LEU C 2 -41.64 2.37 -19.52
C LEU C 2 -40.75 3.56 -19.91
N THR C 3 -41.20 4.80 -19.70
CA THR C 3 -40.33 6.01 -19.90
C THR C 3 -40.33 6.87 -18.64
N LEU C 4 -39.14 7.19 -18.15
CA LEU C 4 -38.90 8.11 -17.03
C LEU C 4 -38.07 9.27 -17.60
N TRP C 5 -38.60 10.49 -17.56
CA TRP C 5 -37.92 11.61 -18.29
C TRP C 5 -38.17 12.97 -17.63
N THR C 6 -37.44 13.97 -18.14
CA THR C 6 -37.49 15.39 -17.75
C THR C 6 -38.57 16.13 -18.54
N THR C 7 -39.35 15.41 -19.36
CA THR C 7 -40.08 15.93 -20.53
C THR C 7 -39.05 16.26 -21.63
N PRO C 8 -39.48 16.30 -22.90
CA PRO C 8 -38.56 16.47 -24.02
C PRO C 8 -37.99 17.89 -24.11
N ASP C 9 -38.71 18.87 -23.57
CA ASP C 9 -38.37 20.30 -23.66
C ASP C 9 -38.47 20.95 -22.28
N PRO C 10 -37.62 20.55 -21.31
CA PRO C 10 -37.74 21.08 -19.95
C PRO C 10 -37.42 22.59 -19.85
N SER C 11 -38.09 23.24 -18.91
CA SER C 11 -37.71 24.54 -18.33
C SER C 11 -36.38 24.41 -17.63
N PRO C 12 -35.68 25.51 -17.29
CA PRO C 12 -34.46 25.44 -16.49
C PRO C 12 -34.75 24.63 -15.22
N ASN C 13 -34.02 23.53 -15.05
CA ASN C 13 -34.38 22.48 -14.08
C ASN C 13 -33.13 21.95 -13.41
N CYS C 14 -31.99 22.61 -13.56
CA CYS C 14 -30.68 22.01 -13.23
C CYS C 14 -29.71 23.09 -12.75
N GLN C 15 -28.90 22.75 -11.74
CA GLN C 15 -27.78 23.59 -11.27
C GLN C 15 -26.47 23.01 -11.80
N LEU C 16 -25.74 23.75 -12.65
CA LEU C 16 -24.31 23.47 -12.95
C LEU C 16 -23.44 24.25 -11.99
N LEU C 17 -23.69 25.55 -11.85
CA LEU C 17 -22.93 26.44 -10.94
C LEU C 17 -23.87 27.10 -9.93
N SER C 18 -25.09 27.45 -10.33
CA SER C 18 -26.09 28.10 -9.45
C SER C 18 -27.50 27.62 -9.80
N ASP C 19 -28.47 27.94 -8.97
CA ASP C 19 -29.84 27.38 -9.03
C ASP C 19 -30.43 27.59 -10.44
N ARG C 20 -30.91 26.51 -11.06
CA ARG C 20 -31.68 26.54 -12.32
C ARG C 20 -30.94 27.40 -13.36
N ASP C 21 -29.65 27.18 -13.51
CA ASP C 21 -28.79 27.88 -14.49
C ASP C 21 -28.70 27.04 -15.78
N ALA C 22 -29.42 25.93 -15.86
CA ALA C 22 -29.29 24.98 -16.99
C ALA C 22 -30.59 24.23 -17.24
N LYS C 23 -30.76 23.81 -18.49
N LYS C 23 -30.76 23.81 -18.49
CA LYS C 23 -31.80 22.86 -18.95
CA LYS C 23 -31.80 22.86 -18.95
C LYS C 23 -31.11 21.51 -19.15
C LYS C 23 -31.11 21.51 -19.15
N PHE C 24 -31.47 20.54 -18.32
CA PHE C 24 -30.98 19.15 -18.41
C PHE C 24 -32.11 18.28 -18.96
N THR C 25 -31.89 17.69 -20.12
CA THR C 25 -32.86 16.77 -20.76
C THR C 25 -32.34 15.34 -20.56
N LEU C 26 -33.16 14.47 -20.03
CA LEU C 26 -32.82 13.04 -19.88
C LEU C 26 -34.06 12.21 -20.11
N CYS C 27 -33.97 11.28 -21.05
CA CYS C 27 -35.03 10.28 -21.30
C CYS C 27 -34.45 8.89 -21.03
N LEU C 28 -35.02 8.18 -20.06
CA LEU C 28 -34.67 6.78 -19.75
C LEU C 28 -35.81 5.87 -20.22
N THR C 29 -35.55 5.02 -21.18
CA THR C 29 -36.57 4.13 -21.77
C THR C 29 -36.23 2.68 -21.36
N LYS C 30 -37.13 2.03 -20.65
CA LYS C 30 -36.88 0.67 -20.13
C LYS C 30 -37.07 -0.36 -21.27
N CYS C 31 -35.99 -0.99 -21.66
CA CYS C 31 -35.99 -2.13 -22.61
C CYS C 31 -35.70 -3.41 -21.80
N GLY C 32 -36.59 -3.85 -20.94
CA GLY C 32 -36.37 -5.04 -20.07
C GLY C 32 -35.12 -4.88 -19.22
N SER C 33 -34.08 -5.69 -19.46
CA SER C 33 -32.85 -5.76 -18.65
C SER C 33 -31.99 -4.50 -18.82
N GLN C 34 -32.21 -3.71 -19.88
CA GLN C 34 -31.36 -2.53 -20.15
C GLN C 34 -32.23 -1.29 -20.24
N ILE C 35 -31.68 -0.20 -19.76
CA ILE C 35 -32.25 1.15 -19.97
C ILE C 35 -31.53 1.78 -21.16
N LEU C 36 -32.29 2.35 -22.08
CA LEU C 36 -31.77 3.15 -23.20
C LEU C 36 -31.93 4.62 -22.80
N GLY C 37 -30.84 5.37 -22.81
CA GLY C 37 -30.84 6.78 -22.41
C GLY C 37 -30.44 7.72 -23.54
N THR C 38 -31.03 8.90 -23.55
CA THR C 38 -30.53 10.04 -24.35
C THR C 38 -30.52 11.26 -23.43
N VAL C 39 -29.40 11.96 -23.43
CA VAL C 39 -29.11 13.09 -22.52
C VAL C 39 -28.60 14.29 -23.33
N ALA C 40 -28.98 15.48 -22.91
CA ALA C 40 -28.45 16.76 -23.41
C ALA C 40 -28.52 17.78 -22.29
N VAL C 41 -27.64 18.77 -22.33
CA VAL C 41 -27.66 19.86 -21.32
C VAL C 41 -27.26 21.16 -21.99
N ALA C 42 -27.81 22.27 -21.51
CA ALA C 42 -27.45 23.63 -21.95
C ALA C 42 -27.48 24.56 -20.75
N ALA C 43 -26.42 25.33 -20.51
CA ALA C 43 -26.44 26.51 -19.62
C ALA C 43 -27.39 27.55 -20.28
N VAL C 44 -28.30 28.14 -19.52
CA VAL C 44 -29.33 29.09 -20.06
C VAL C 44 -29.40 30.28 -19.11
N THR C 45 -29.62 31.50 -19.59
CA THR C 45 -30.24 32.64 -18.85
C THR C 45 -29.27 33.21 -17.82
N VAL C 46 -28.80 32.41 -16.89
CA VAL C 46 -28.03 32.95 -15.71
C VAL C 46 -26.58 33.13 -16.15
N GLY C 47 -26.02 34.31 -15.91
CA GLY C 47 -24.63 34.63 -16.27
C GLY C 47 -23.72 33.86 -15.34
N SER C 48 -22.63 33.33 -15.86
CA SER C 48 -21.77 32.36 -15.12
C SER C 48 -20.50 32.10 -15.93
N ALA C 49 -19.54 31.38 -15.33
CA ALA C 49 -18.30 30.97 -16.01
C ALA C 49 -18.61 30.01 -17.17
N LEU C 50 -19.84 29.53 -17.31
CA LEU C 50 -20.23 28.62 -18.42
C LEU C 50 -21.21 29.31 -19.37
N ASN C 51 -21.51 30.58 -19.15
CA ASN C 51 -22.51 31.33 -19.95
C ASN C 51 -22.19 32.84 -19.90
N PRO C 52 -21.26 33.34 -20.73
CA PRO C 52 -20.47 32.53 -21.66
C PRO C 52 -19.26 31.86 -20.96
N ILE C 53 -18.74 30.79 -21.55
CA ILE C 53 -17.49 30.11 -21.09
C ILE C 53 -16.38 31.18 -21.05
N ASN C 54 -15.77 31.38 -19.89
CA ASN C 54 -14.67 32.36 -19.69
C ASN C 54 -13.35 31.63 -19.38
N ASP C 55 -13.35 30.31 -19.43
CA ASP C 55 -12.16 29.41 -19.36
C ASP C 55 -11.71 29.24 -17.89
N THR C 56 -12.44 29.75 -16.90
CA THR C 56 -12.11 29.54 -15.46
C THR C 56 -12.65 28.18 -15.02
N VAL C 57 -13.64 27.65 -15.75
CA VAL C 57 -14.37 26.41 -15.40
C VAL C 57 -14.47 25.56 -16.67
N LYS C 58 -13.85 24.38 -16.65
CA LYS C 58 -13.69 23.51 -17.83
C LYS C 58 -14.29 22.14 -17.53
N SER C 59 -15.26 22.08 -16.63
N SER C 59 -15.26 22.08 -16.63
CA SER C 59 -16.11 20.89 -16.40
CA SER C 59 -16.12 20.89 -16.41
C SER C 59 -17.53 21.34 -16.08
C SER C 59 -17.52 21.34 -16.07
N ALA C 60 -18.49 20.47 -16.31
CA ALA C 60 -19.89 20.66 -15.90
C ALA C 60 -20.39 19.31 -15.39
N ILE C 61 -21.01 19.27 -14.22
CA ILE C 61 -21.42 18.00 -13.58
C ILE C 61 -22.89 18.05 -13.24
N VAL C 62 -23.61 17.01 -13.58
CA VAL C 62 -25.02 16.79 -13.15
C VAL C 62 -25.03 15.50 -12.34
N PHE C 63 -25.34 15.62 -11.05
CA PHE C 63 -25.44 14.48 -10.10
C PHE C 63 -26.90 14.15 -9.86
N LEU C 64 -27.31 12.93 -10.17
CA LEU C 64 -28.67 12.43 -9.83
C LEU C 64 -28.51 11.35 -8.76
N ARG C 65 -29.12 11.57 -7.61
CA ARG C 65 -29.10 10.64 -6.48
C ARG C 65 -30.52 10.10 -6.28
N PHE C 66 -30.62 8.80 -6.05
CA PHE C 66 -31.92 8.12 -5.93
C PHE C 66 -31.91 7.29 -4.64
N ASP C 67 -33.07 7.26 -3.99
CA ASP C 67 -33.27 6.44 -2.77
C ASP C 67 -33.51 5.00 -3.22
N SER C 68 -33.81 4.12 -2.29
CA SER C 68 -33.95 2.67 -2.54
C SER C 68 -35.21 2.38 -3.36
N ASP C 69 -36.10 3.36 -3.54
CA ASP C 69 -37.31 3.22 -4.40
C ASP C 69 -37.05 3.82 -5.78
N GLY C 70 -35.84 4.31 -6.03
CA GLY C 70 -35.48 4.98 -7.29
C GLY C 70 -36.09 6.36 -7.40
N VAL C 71 -36.49 6.95 -6.27
CA VAL C 71 -37.05 8.33 -6.22
C VAL C 71 -35.89 9.33 -6.13
N LEU C 72 -35.95 10.40 -6.94
CA LEU C 72 -34.88 11.42 -6.99
C LEU C 72 -34.78 12.09 -5.62
N MET C 73 -33.57 12.23 -5.09
CA MET C 73 -33.32 12.84 -3.77
C MET C 73 -33.00 14.32 -3.91
N SER C 74 -33.33 15.10 -2.88
CA SER C 74 -33.25 16.59 -2.87
C SER C 74 -31.82 17.05 -3.20
N ASN C 75 -30.81 16.32 -2.74
CA ASN C 75 -29.38 16.66 -2.96
C ASN C 75 -28.90 16.30 -4.40
N SER C 76 -29.75 16.47 -5.39
CA SER C 76 -29.42 16.20 -6.83
C SER C 76 -29.27 17.55 -7.53
N SER C 77 -28.53 17.60 -8.63
CA SER C 77 -28.34 18.81 -9.49
C SER C 77 -29.68 19.26 -10.08
N MET C 78 -30.55 18.31 -10.35
CA MET C 78 -31.81 18.47 -11.09
C MET C 78 -32.96 18.55 -10.10
N VAL C 79 -33.90 19.46 -10.34
CA VAL C 79 -35.20 19.58 -9.64
C VAL C 79 -36.12 18.43 -10.08
N GLY C 80 -36.92 17.88 -9.17
CA GLY C 80 -37.78 16.71 -9.43
C GLY C 80 -39.17 17.04 -9.94
N ASP C 81 -39.53 18.33 -10.08
CA ASP C 81 -40.92 18.76 -10.41
C ASP C 81 -41.44 18.05 -11.67
N TYR C 82 -40.64 17.99 -12.73
CA TYR C 82 -41.00 17.33 -14.02
C TYR C 82 -40.01 16.22 -14.33
N TRP C 83 -39.62 15.47 -13.29
CA TRP C 83 -38.93 14.16 -13.43
C TRP C 83 -39.92 13.07 -13.04
N ASN C 84 -40.47 12.37 -14.02
CA ASN C 84 -41.59 11.44 -13.78
C ASN C 84 -41.81 10.57 -15.02
N PHE C 85 -42.68 9.59 -14.89
CA PHE C 85 -43.13 8.73 -16.00
C PHE C 85 -43.85 9.61 -17.02
N ARG C 86 -43.71 9.24 -18.29
CA ARG C 86 -44.25 10.00 -19.43
C ARG C 86 -45.79 9.95 -19.40
N GLU C 87 -46.43 11.07 -19.76
CA GLU C 87 -47.84 11.13 -20.20
C GLU C 87 -47.90 12.13 -21.35
N GLY C 88 -48.13 11.63 -22.58
CA GLY C 88 -48.05 12.45 -23.80
C GLY C 88 -46.69 13.11 -23.91
N GLN C 89 -46.66 14.44 -24.04
CA GLN C 89 -45.40 15.23 -24.13
C GLN C 89 -44.97 15.74 -22.74
N THR C 90 -45.61 15.29 -21.66
CA THR C 90 -45.31 15.83 -20.31
C THR C 90 -45.12 14.65 -19.34
N THR C 91 -45.34 14.89 -18.06
CA THR C 91 -45.20 13.86 -17.00
C THR C 91 -46.60 13.53 -16.47
N GLN C 92 -46.78 12.31 -15.95
CA GLN C 92 -48.00 11.95 -15.20
C GLN C 92 -48.12 12.95 -14.04
N SER C 93 -49.34 13.20 -13.61
CA SER C 93 -49.66 14.27 -12.63
C SER C 93 -49.26 13.85 -11.21
N VAL C 94 -49.24 12.55 -10.91
CA VAL C 94 -48.87 12.03 -9.55
C VAL C 94 -47.37 11.66 -9.54
N ALA C 95 -46.61 12.15 -8.58
CA ALA C 95 -45.17 11.83 -8.36
C ALA C 95 -45.02 10.30 -8.26
N TYR C 96 -44.06 9.71 -8.97
CA TYR C 96 -43.87 8.23 -8.93
C TYR C 96 -43.37 7.83 -7.55
N THR C 97 -43.72 6.62 -7.12
CA THR C 97 -43.30 6.06 -5.80
C THR C 97 -42.22 4.99 -5.98
N ASN C 98 -42.05 4.45 -7.18
CA ASN C 98 -41.06 3.36 -7.42
C ASN C 98 -40.61 3.39 -8.89
N ALA C 99 -39.30 3.48 -9.12
CA ALA C 99 -38.66 3.36 -10.45
C ALA C 99 -37.42 2.48 -10.34
N VAL C 100 -37.46 1.43 -9.50
CA VAL C 100 -36.25 0.57 -9.33
C VAL C 100 -35.92 -0.09 -10.68
N GLY C 101 -36.93 -0.32 -11.52
CA GLY C 101 -36.76 -0.83 -12.90
C GLY C 101 -35.86 0.05 -13.77
N PHE C 102 -35.62 1.29 -13.38
CA PHE C 102 -34.80 2.26 -14.12
C PHE C 102 -33.46 2.49 -13.45
N MET C 103 -33.23 1.89 -12.29
CA MET C 103 -32.01 2.18 -11.50
C MET C 103 -30.86 1.34 -12.05
N PRO C 104 -29.62 1.86 -12.02
CA PRO C 104 -28.46 1.09 -12.46
C PRO C 104 -28.18 -0.10 -11.53
N ASN C 105 -28.03 -1.27 -12.15
CA ASN C 105 -27.83 -2.58 -11.46
C ASN C 105 -26.66 -2.46 -10.47
N LEU C 106 -26.87 -2.79 -9.20
CA LEU C 106 -25.82 -2.67 -8.16
C LEU C 106 -24.81 -3.84 -8.27
N GLY C 107 -25.16 -4.91 -8.96
CA GLY C 107 -24.22 -6.01 -9.29
C GLY C 107 -23.26 -5.57 -10.37
N ALA C 108 -23.78 -5.02 -11.46
CA ALA C 108 -22.99 -4.52 -12.61
C ALA C 108 -22.15 -3.32 -12.19
N TYR C 109 -22.74 -2.42 -11.40
CA TYR C 109 -22.16 -1.10 -11.05
C TYR C 109 -22.21 -0.94 -9.54
N PRO C 110 -21.33 -1.64 -8.79
CA PRO C 110 -21.43 -1.67 -7.35
C PRO C 110 -21.08 -0.32 -6.70
N LYS C 111 -21.64 -0.11 -5.51
CA LYS C 111 -21.91 1.20 -4.93
C LYS C 111 -20.61 1.75 -4.35
N THR C 112 -20.31 2.99 -4.75
CA THR C 112 -19.29 3.93 -4.19
C THR C 112 -18.09 3.95 -5.14
N GLN C 113 -18.15 3.06 -6.13
CA GLN C 113 -16.98 2.63 -6.93
C GLN C 113 -17.00 3.44 -8.21
N SER C 114 -16.87 4.75 -8.09
CA SER C 114 -16.71 5.73 -9.23
C SER C 114 -15.43 5.48 -10.05
N LYS C 115 -14.50 4.73 -9.43
CA LYS C 115 -13.12 4.48 -9.93
C LYS C 115 -12.99 3.09 -10.58
N THR C 116 -13.88 2.12 -10.34
CA THR C 116 -14.06 0.87 -11.11
C THR C 116 -14.50 1.22 -12.52
N PRO C 117 -13.66 1.00 -13.56
CA PRO C 117 -14.00 1.52 -14.90
C PRO C 117 -15.37 1.04 -15.41
N LYS C 118 -15.80 -0.18 -15.07
CA LYS C 118 -17.09 -0.74 -15.57
C LYS C 118 -18.30 0.13 -15.10
N ASN C 119 -18.16 0.86 -13.99
CA ASN C 119 -19.24 1.72 -13.43
C ASN C 119 -19.49 2.90 -14.38
N SER C 120 -18.56 3.21 -15.29
CA SER C 120 -18.70 4.44 -16.14
C SER C 120 -18.76 4.08 -17.63
N ILE C 121 -19.30 5.01 -18.40
CA ILE C 121 -19.18 5.11 -19.87
C ILE C 121 -18.38 6.39 -20.13
N VAL C 122 -17.30 6.33 -20.90
CA VAL C 122 -16.49 7.53 -21.21
C VAL C 122 -16.35 7.65 -22.71
N SER C 123 -16.75 8.79 -23.26
N SER C 123 -16.74 8.79 -23.27
CA SER C 123 -16.82 9.00 -24.73
CA SER C 123 -16.83 9.00 -24.73
C SER C 123 -16.37 10.42 -25.11
C SER C 123 -16.37 10.42 -25.11
N GLN C 124 -15.78 10.56 -26.29
CA GLN C 124 -15.47 11.86 -26.88
C GLN C 124 -16.75 12.47 -27.47
N VAL C 125 -17.03 13.69 -27.08
CA VAL C 125 -18.19 14.49 -27.62
C VAL C 125 -17.65 15.87 -27.98
N TYR C 126 -18.53 16.75 -28.43
CA TYR C 126 -18.13 18.04 -29.05
C TYR C 126 -18.94 19.17 -28.43
N LEU C 127 -18.20 20.14 -27.89
CA LEU C 127 -18.79 21.33 -27.28
C LEU C 127 -19.58 22.09 -28.35
N ASN C 128 -20.88 22.28 -28.13
CA ASN C 128 -21.80 22.98 -29.07
C ASN C 128 -21.86 22.26 -30.39
N GLY C 129 -21.56 20.97 -30.46
CA GLY C 129 -21.53 20.24 -31.75
C GLY C 129 -20.43 20.67 -32.69
N GLU C 130 -19.46 21.43 -32.20
CA GLU C 130 -18.31 21.90 -33.01
C GLU C 130 -17.19 20.86 -32.95
N THR C 131 -16.82 20.31 -34.09
CA THR C 131 -15.85 19.17 -34.15
C THR C 131 -14.43 19.71 -33.90
N THR C 132 -14.21 21.03 -33.88
CA THR C 132 -12.90 21.61 -33.47
C THR C 132 -12.83 21.76 -31.94
N MET C 133 -13.86 21.39 -31.21
CA MET C 133 -13.96 21.64 -29.74
C MET C 133 -14.26 20.33 -29.01
N PRO C 134 -13.27 19.40 -29.00
CA PRO C 134 -13.44 18.11 -28.34
C PRO C 134 -13.62 18.23 -26.83
N MET C 135 -14.42 17.33 -26.29
CA MET C 135 -14.90 17.29 -24.89
C MET C 135 -15.00 15.80 -24.52
N THR C 136 -14.94 15.45 -23.25
CA THR C 136 -15.22 14.07 -22.78
C THR C 136 -16.50 14.12 -21.97
N LEU C 137 -17.37 13.14 -22.17
CA LEU C 137 -18.50 12.87 -21.28
C LEU C 137 -18.19 11.58 -20.51
N THR C 138 -18.21 11.64 -19.19
CA THR C 138 -18.17 10.46 -18.30
C THR C 138 -19.55 10.31 -17.65
N ILE C 139 -20.21 9.19 -17.91
CA ILE C 139 -21.47 8.80 -17.20
C ILE C 139 -21.10 7.74 -16.19
N THR C 140 -21.32 8.01 -14.91
CA THR C 140 -20.96 7.09 -13.84
C THR C 140 -22.22 6.60 -13.13
N PHE C 141 -22.34 5.29 -12.99
CA PHE C 141 -23.45 4.62 -12.28
C PHE C 141 -23.01 4.29 -10.87
N ASN C 142 -23.80 4.72 -9.89
CA ASN C 142 -23.65 4.29 -8.48
C ASN C 142 -22.28 4.68 -7.97
N GLY C 143 -21.74 5.83 -8.37
CA GLY C 143 -20.39 6.25 -7.99
C GLY C 143 -20.38 6.86 -6.61
N THR C 144 -21.47 7.49 -6.16
CA THR C 144 -21.43 8.56 -5.11
C THR C 144 -21.07 7.94 -3.76
N ASP C 145 -20.20 8.60 -3.00
CA ASP C 145 -19.74 8.17 -1.66
C ASP C 145 -20.12 9.28 -0.69
N GLU C 146 -21.42 9.49 -0.44
CA GLU C 146 -21.91 10.70 0.29
C GLU C 146 -21.86 10.52 1.83
N THR C 150 -25.42 13.00 3.46
CA THR C 150 -26.66 12.59 4.19
C THR C 150 -27.87 13.30 3.56
N PRO C 151 -29.00 12.60 3.29
CA PRO C 151 -29.11 11.14 3.48
C PRO C 151 -28.34 10.41 2.37
N VAL C 152 -27.97 9.15 2.58
CA VAL C 152 -27.13 8.36 1.64
C VAL C 152 -28.00 7.91 0.46
N SER C 153 -27.51 7.99 -0.76
CA SER C 153 -28.25 7.52 -1.95
C SER C 153 -28.06 6.01 -2.07
N THR C 154 -29.04 5.28 -2.59
CA THR C 154 -28.92 3.83 -2.92
C THR C 154 -28.37 3.67 -4.33
N TYR C 155 -28.85 4.52 -5.26
CA TYR C 155 -28.42 4.54 -6.67
C TYR C 155 -27.99 5.96 -7.03
N SER C 156 -27.18 6.09 -8.07
CA SER C 156 -26.80 7.42 -8.59
C SER C 156 -26.43 7.34 -10.05
N MET C 157 -26.54 8.48 -10.73
N MET C 157 -26.55 8.47 -10.73
CA MET C 157 -26.14 8.64 -12.12
CA MET C 157 -26.14 8.63 -12.13
C MET C 157 -25.51 10.03 -12.25
C MET C 157 -25.51 10.03 -12.25
N THR C 158 -24.23 10.08 -12.60
CA THR C 158 -23.45 11.33 -12.66
C THR C 158 -23.01 11.54 -14.10
N PHE C 159 -23.25 12.73 -14.63
CA PHE C 159 -22.81 13.15 -15.97
C PHE C 159 -21.75 14.22 -15.80
N THR C 160 -20.52 13.94 -16.21
CA THR C 160 -19.39 14.87 -16.11
C THR C 160 -18.88 15.19 -17.51
N TRP C 161 -19.05 16.45 -17.94
CA TRP C 161 -18.42 16.98 -19.17
C TRP C 161 -17.13 17.71 -18.80
N GLN C 162 -16.05 17.44 -19.51
CA GLN C 162 -14.73 18.08 -19.28
C GLN C 162 -14.08 18.40 -20.61
N TRP C 163 -13.34 19.50 -20.68
CA TRP C 163 -12.63 19.92 -21.91
C TRP C 163 -11.37 20.68 -21.50
N THR C 164 -10.41 20.85 -22.42
CA THR C 164 -9.13 21.52 -22.13
C THR C 164 -9.03 22.81 -22.94
N GLY C 165 -9.83 22.98 -24.00
CA GLY C 165 -9.67 24.14 -24.90
C GLY C 165 -9.95 25.46 -24.17
N ASP C 166 -9.44 26.55 -24.71
CA ASP C 166 -9.75 27.94 -24.28
C ASP C 166 -10.68 28.58 -25.30
N TYR C 167 -11.85 29.07 -24.88
CA TYR C 167 -12.91 29.55 -25.78
C TYR C 167 -13.44 30.92 -25.37
N LYS C 168 -12.77 31.63 -24.47
CA LYS C 168 -13.31 32.87 -23.88
C LYS C 168 -13.60 33.92 -24.96
N ASP C 169 -12.80 33.99 -26.02
CA ASP C 169 -12.96 35.00 -27.09
C ASP C 169 -14.17 34.66 -27.98
N LYS C 170 -14.74 33.45 -27.85
CA LYS C 170 -15.73 32.94 -28.84
C LYS C 170 -17.16 33.16 -28.37
N ASN C 171 -17.37 33.70 -27.17
CA ASN C 171 -18.71 33.95 -26.57
C ASN C 171 -19.59 32.71 -26.77
N ILE C 172 -19.11 31.57 -26.29
CA ILE C 172 -19.79 30.26 -26.40
C ILE C 172 -20.49 29.98 -25.07
N THR C 173 -21.76 29.64 -25.11
CA THR C 173 -22.51 29.13 -23.92
C THR C 173 -22.36 27.62 -23.90
N PHE C 174 -22.04 27.05 -22.73
CA PHE C 174 -21.95 25.59 -22.56
C PHE C 174 -23.25 24.92 -23.00
N ALA C 175 -23.19 24.08 -24.01
CA ALA C 175 -24.34 23.25 -24.46
C ALA C 175 -23.83 22.04 -25.21
N THR C 176 -24.54 20.93 -25.11
CA THR C 176 -24.08 19.63 -25.67
C THR C 176 -25.04 19.19 -26.78
N ASN C 177 -24.53 18.31 -27.62
CA ASN C 177 -25.33 17.46 -28.53
C ASN C 177 -26.10 16.44 -27.70
N SER C 178 -27.16 15.88 -28.23
CA SER C 178 -27.82 14.69 -27.65
C SER C 178 -26.80 13.53 -27.68
N PHE C 179 -26.82 12.72 -26.65
CA PHE C 179 -25.86 11.60 -26.46
C PHE C 179 -26.65 10.37 -26.01
N THR C 180 -26.41 9.26 -26.70
CA THR C 180 -27.07 7.95 -26.47
C THR C 180 -26.19 7.05 -25.60
N PHE C 181 -26.79 6.33 -24.68
CA PHE C 181 -26.10 5.35 -23.82
C PHE C 181 -27.10 4.31 -23.35
N SER C 182 -26.59 3.27 -22.68
CA SER C 182 -27.42 2.22 -22.06
C SER C 182 -26.73 1.68 -20.83
N TYR C 183 -27.49 1.02 -19.99
CA TYR C 183 -26.96 0.34 -18.77
C TYR C 183 -27.92 -0.73 -18.35
N MET C 184 -27.41 -1.71 -17.61
CA MET C 184 -28.24 -2.78 -17.03
C MET C 184 -29.06 -2.22 -15.89
N ALA C 185 -30.35 -2.57 -15.89
CA ALA C 185 -31.33 -2.16 -14.87
C ALA C 185 -31.22 -3.06 -13.64
N GLN C 186 -31.55 -2.51 -12.48
CA GLN C 186 -31.56 -3.25 -11.20
C GLN C 186 -32.58 -4.38 -11.26
N GLU C 187 -33.75 -4.14 -11.81
CA GLU C 187 -34.77 -5.23 -11.98
C GLU C 187 -35.55 -4.98 -13.27
N LYS D 1 -1.43 21.18 -19.99
CA LYS D 1 -1.18 22.54 -20.54
C LYS D 1 -0.30 23.36 -19.56
N LEU D 2 0.63 22.70 -18.90
CA LEU D 2 1.58 23.33 -17.96
C LEU D 2 2.96 23.48 -18.61
N THR D 3 3.14 23.00 -19.85
CA THR D 3 4.39 23.23 -20.61
C THR D 3 4.10 23.89 -21.96
N LEU D 4 4.77 25.00 -22.22
CA LEU D 4 4.75 25.73 -23.51
C LEU D 4 6.18 25.71 -24.05
N TRP D 5 6.41 25.09 -25.21
CA TRP D 5 7.79 24.86 -25.68
C TRP D 5 7.92 24.86 -27.20
N THR D 6 9.17 24.81 -27.67
CA THR D 6 9.62 24.74 -29.06
C THR D 6 9.69 23.29 -29.53
N THR D 7 9.26 22.33 -28.70
CA THR D 7 9.69 20.91 -28.70
C THR D 7 11.15 20.85 -28.24
N PRO D 8 11.61 19.68 -27.75
CA PRO D 8 12.94 19.58 -27.16
C PRO D 8 14.06 19.59 -28.21
N ASP D 9 13.73 19.21 -29.44
CA ASP D 9 14.69 19.07 -30.56
C ASP D 9 14.16 19.79 -31.81
N PRO D 10 14.01 21.12 -31.77
CA PRO D 10 13.42 21.85 -32.90
C PRO D 10 14.30 21.81 -34.17
N SER D 11 13.65 21.82 -35.32
CA SER D 11 14.23 22.21 -36.63
C SER D 11 14.62 23.68 -36.59
N PRO D 12 15.47 24.17 -37.51
CA PRO D 12 15.79 25.60 -37.57
C PRO D 12 14.49 26.41 -37.55
N ASN D 13 14.35 27.26 -36.55
CA ASN D 13 13.05 27.87 -36.19
C ASN D 13 13.26 29.34 -35.78
N CYS D 14 14.43 29.90 -36.04
CA CYS D 14 14.83 31.17 -35.41
C CYS D 14 15.77 31.96 -36.32
N GLN D 15 15.57 33.28 -36.37
CA GLN D 15 16.50 34.24 -37.01
C GLN D 15 17.42 34.89 -35.98
N LEU D 16 18.72 34.68 -36.08
CA LEU D 16 19.74 35.54 -35.41
C LEU D 16 20.16 36.65 -36.37
N LEU D 17 20.49 36.31 -37.60
CA LEU D 17 20.90 37.29 -38.64
C LEU D 17 20.02 37.15 -39.87
N SER D 18 19.58 35.95 -40.23
CA SER D 18 18.69 35.73 -41.40
C SER D 18 17.70 34.60 -41.11
N ASP D 19 16.70 34.44 -41.97
CA ASP D 19 15.54 33.55 -41.72
C ASP D 19 16.04 32.13 -41.37
N ARG D 20 15.56 31.57 -40.27
CA ARG D 20 15.78 30.15 -39.88
C ARG D 20 17.26 29.80 -39.98
N ASP D 21 18.13 30.66 -39.43
CA ASP D 21 19.60 30.44 -39.42
C ASP D 21 19.99 29.81 -38.07
N ALA D 22 19.03 29.50 -37.22
CA ALA D 22 19.33 28.99 -35.85
C ALA D 22 18.24 28.09 -35.34
N LYS D 23 18.65 27.18 -34.44
CA LYS D 23 17.74 26.37 -33.60
C LYS D 23 17.66 27.03 -32.23
N PHE D 24 16.47 27.49 -31.88
CA PHE D 24 16.18 28.10 -30.57
C PHE D 24 15.32 27.11 -29.80
N THR D 25 15.83 26.61 -28.67
CA THR D 25 15.09 25.69 -27.80
C THR D 25 14.63 26.46 -26.57
N LEU D 26 13.35 26.42 -26.26
CA LEU D 26 12.82 27.10 -25.05
C LEU D 26 11.70 26.25 -24.49
N CYS D 27 11.81 25.89 -23.22
CA CYS D 27 10.78 25.14 -22.48
C CYS D 27 10.34 26.00 -21.31
N LEU D 28 9.08 26.39 -21.29
CA LEU D 28 8.45 27.16 -20.18
C LEU D 28 7.51 26.24 -19.43
N THR D 29 7.78 25.98 -18.16
CA THR D 29 6.98 25.09 -17.33
C THR D 29 6.28 25.91 -16.24
N LYS D 30 4.97 25.90 -16.22
CA LYS D 30 4.19 26.71 -15.26
C LYS D 30 4.18 26.03 -13.90
N CYS D 31 4.83 26.65 -12.93
CA CYS D 31 4.81 26.25 -11.52
C CYS D 31 3.95 27.28 -10.75
N GLY D 32 2.65 27.31 -10.98
CA GLY D 32 1.75 28.32 -10.39
C GLY D 32 2.20 29.74 -10.73
N SER D 33 2.60 30.50 -9.72
CA SER D 33 2.96 31.93 -9.79
C SER D 33 4.26 32.16 -10.57
N GLN D 34 5.09 31.12 -10.76
CA GLN D 34 6.40 31.28 -11.43
C GLN D 34 6.46 30.33 -12.61
N ILE D 35 7.11 30.79 -13.65
CA ILE D 35 7.48 29.97 -14.82
C ILE D 35 8.93 29.56 -14.65
N LEU D 36 9.20 28.27 -14.83
CA LEU D 36 10.56 27.71 -14.87
C LEU D 36 10.95 27.53 -16.32
N GLY D 37 12.05 28.13 -16.73
CA GLY D 37 12.49 28.12 -18.14
C GLY D 37 13.86 27.47 -18.30
N THR D 38 14.05 26.77 -19.40
CA THR D 38 15.38 26.37 -19.88
C THR D 38 15.48 26.75 -21.36
N VAL D 39 16.58 27.37 -21.73
CA VAL D 39 16.80 27.94 -23.09
C VAL D 39 18.19 27.52 -23.58
N ALA D 40 18.26 27.26 -24.87
CA ALA D 40 19.53 27.08 -25.60
C ALA D 40 19.35 27.61 -27.02
N VAL D 41 20.45 27.99 -27.66
CA VAL D 41 20.40 28.40 -29.08
C VAL D 41 21.69 27.95 -29.77
N ALA D 42 21.57 27.64 -31.06
CA ALA D 42 22.74 27.31 -31.91
C ALA D 42 22.50 27.86 -33.31
N ALA D 43 23.47 28.60 -33.84
CA ALA D 43 23.51 28.95 -35.28
C ALA D 43 23.73 27.66 -36.05
N VAL D 44 23.00 27.47 -37.15
CA VAL D 44 23.10 26.21 -37.97
C VAL D 44 23.44 26.49 -39.42
N THR D 45 23.11 27.65 -40.01
CA THR D 45 23.54 27.99 -41.41
C THR D 45 25.04 28.37 -41.40
N VAL D 46 25.84 27.66 -42.19
CA VAL D 46 27.30 27.92 -42.22
C VAL D 46 27.57 29.08 -43.17
N GLY D 47 28.39 30.04 -42.75
CA GLY D 47 28.94 31.10 -43.60
C GLY D 47 28.45 32.47 -43.14
N SER D 48 27.53 32.50 -42.17
CA SER D 48 27.08 33.78 -41.55
C SER D 48 28.19 34.32 -40.63
N ALA D 49 28.04 35.56 -40.22
CA ALA D 49 28.95 36.25 -39.29
C ALA D 49 28.94 35.57 -37.91
N LEU D 50 28.02 34.64 -37.64
CA LEU D 50 27.99 33.92 -36.34
C LEU D 50 28.34 32.43 -36.55
N ASN D 51 28.69 32.03 -37.75
CA ASN D 51 28.96 30.60 -38.03
C ASN D 51 29.85 30.43 -39.23
N PRO D 52 31.19 30.62 -39.13
CA PRO D 52 31.85 30.97 -37.88
C PRO D 52 31.81 32.44 -37.49
N ILE D 53 31.93 32.72 -36.20
CA ILE D 53 32.03 34.11 -35.66
C ILE D 53 33.21 34.81 -36.34
N ASN D 54 32.97 35.93 -37.03
CA ASN D 54 34.06 36.68 -37.74
C ASN D 54 34.26 38.07 -37.11
N ASP D 55 33.60 38.33 -35.98
CA ASP D 55 33.80 39.53 -35.12
C ASP D 55 33.12 40.79 -35.73
N THR D 56 32.31 40.63 -36.77
CA THR D 56 31.51 41.77 -37.34
C THR D 56 30.27 42.00 -36.50
N VAL D 57 29.83 40.98 -35.72
CA VAL D 57 28.71 41.14 -34.76
C VAL D 57 29.06 40.40 -33.48
N LYS D 58 28.88 41.04 -32.31
CA LYS D 58 29.27 40.48 -30.99
C LYS D 58 28.04 40.43 -30.06
N SER D 59 26.87 40.29 -30.64
CA SER D 59 25.62 39.99 -29.95
C SER D 59 24.78 39.07 -30.80
N ALA D 60 23.92 38.31 -30.15
CA ALA D 60 22.90 37.48 -30.79
C ALA D 60 21.64 37.65 -30.00
N ILE D 61 20.54 37.99 -30.66
CA ILE D 61 19.28 38.39 -29.97
C ILE D 61 18.16 37.51 -30.48
N VAL D 62 17.35 36.99 -29.57
CA VAL D 62 16.06 36.37 -29.87
C VAL D 62 14.98 37.17 -29.17
N PHE D 63 14.11 37.82 -29.94
N PHE D 63 14.11 37.83 -29.95
CA PHE D 63 12.97 38.65 -29.48
CA PHE D 63 12.97 38.63 -29.43
C PHE D 63 11.68 37.84 -29.63
C PHE D 63 11.68 37.84 -29.63
N LEU D 64 10.97 37.60 -28.54
CA LEU D 64 9.63 36.99 -28.57
C LEU D 64 8.64 38.08 -28.15
N ARG D 65 7.69 38.38 -29.02
CA ARG D 65 6.61 39.34 -28.78
C ARG D 65 5.30 38.59 -28.71
N PHE D 66 4.48 38.94 -27.74
CA PHE D 66 3.18 38.26 -27.48
C PHE D 66 2.08 39.30 -27.41
N ASP D 67 0.93 38.94 -27.94
CA ASP D 67 -0.28 39.79 -27.91
C ASP D 67 -0.92 39.64 -26.52
N SER D 68 -2.08 40.25 -26.32
CA SER D 68 -2.75 40.31 -25.00
C SER D 68 -3.25 38.93 -24.56
N ASP D 69 -3.27 37.95 -25.46
CA ASP D 69 -3.67 36.55 -25.16
C ASP D 69 -2.43 35.68 -24.94
N GLY D 70 -1.23 36.27 -25.00
CA GLY D 70 0.04 35.53 -24.86
C GLY D 70 0.37 34.70 -26.10
N VAL D 71 -0.24 35.04 -27.23
CA VAL D 71 0.02 34.38 -28.54
C VAL D 71 1.23 35.05 -29.21
N LEU D 72 2.16 34.25 -29.73
CA LEU D 72 3.40 34.73 -30.36
C LEU D 72 3.03 35.57 -31.58
N MET D 73 3.59 36.76 -31.70
CA MET D 73 3.30 37.69 -32.82
C MET D 73 4.32 37.52 -33.95
N SER D 74 3.91 37.84 -35.17
CA SER D 74 4.69 37.62 -36.42
C SER D 74 6.07 38.28 -36.33
N ASN D 75 6.18 39.43 -35.70
CA ASN D 75 7.44 40.23 -35.62
C ASN D 75 8.34 39.69 -34.51
N SER D 76 8.44 38.37 -34.37
CA SER D 76 9.31 37.67 -33.39
C SER D 76 10.46 37.00 -34.14
N SER D 77 11.60 36.78 -33.50
CA SER D 77 12.78 36.07 -34.06
C SER D 77 12.43 34.62 -34.39
N MET D 78 11.50 34.03 -33.63
CA MET D 78 11.16 32.60 -33.69
C MET D 78 9.88 32.42 -34.49
N VAL D 79 9.83 31.41 -35.33
CA VAL D 79 8.61 30.95 -36.05
C VAL D 79 7.67 30.27 -35.03
N GLY D 80 6.36 30.43 -35.18
CA GLY D 80 5.37 29.92 -34.21
C GLY D 80 4.86 28.54 -34.52
N ASP D 81 5.29 27.91 -35.63
CA ASP D 81 4.69 26.64 -36.13
C ASP D 81 4.70 25.56 -35.04
N TYR D 82 5.82 25.41 -34.33
CA TYR D 82 6.01 24.41 -33.25
C TYR D 82 6.39 25.14 -31.96
N TRP D 83 5.72 26.26 -31.70
CA TRP D 83 5.65 26.93 -30.38
C TRP D 83 4.24 26.71 -29.83
N ASN D 84 4.08 25.78 -28.89
CA ASN D 84 2.74 25.35 -28.46
C ASN D 84 2.86 24.53 -27.18
N PHE D 85 1.73 24.23 -26.57
CA PHE D 85 1.63 23.33 -25.40
C PHE D 85 2.13 21.95 -25.81
N ARG D 86 2.75 21.27 -24.85
CA ARG D 86 3.38 19.95 -25.06
C ARG D 86 2.32 18.89 -25.37
N GLU D 87 2.64 17.97 -26.28
CA GLU D 87 1.96 16.66 -26.43
C GLU D 87 3.05 15.64 -26.73
N GLY D 88 3.35 14.76 -25.77
CA GLY D 88 4.47 13.81 -25.85
C GLY D 88 5.78 14.56 -26.06
N GLN D 89 6.52 14.22 -27.12
CA GLN D 89 7.80 14.90 -27.48
C GLN D 89 7.55 16.04 -28.49
N THR D 90 6.30 16.40 -28.78
CA THR D 90 6.00 17.42 -29.82
C THR D 90 5.00 18.44 -29.25
N THR D 91 4.25 19.10 -30.11
CA THR D 91 3.26 20.12 -29.73
C THR D 91 1.85 19.57 -29.99
N GLN D 92 0.86 20.03 -29.25
CA GLN D 92 -0.56 19.77 -29.56
C GLN D 92 -0.80 20.27 -30.99
N SER D 93 -1.75 19.67 -31.68
CA SER D 93 -1.96 19.87 -33.13
C SER D 93 -2.67 21.22 -33.39
N VAL D 94 -3.46 21.73 -32.45
CA VAL D 94 -4.21 23.01 -32.60
C VAL D 94 -3.39 24.15 -31.95
N ALA D 95 -3.16 25.24 -32.68
CA ALA D 95 -2.46 26.45 -32.19
C ALA D 95 -3.17 26.95 -30.93
N TYR D 96 -2.43 27.26 -29.86
CA TYR D 96 -3.05 27.75 -28.60
C TYR D 96 -3.64 29.14 -28.86
N THR D 97 -4.71 29.47 -28.14
CA THR D 97 -5.40 30.77 -28.23
C THR D 97 -5.14 31.59 -26.96
N ASN D 98 -4.63 30.98 -25.88
CA ASN D 98 -4.34 31.75 -24.64
C ASN D 98 -3.20 31.12 -23.86
N ALA D 99 -2.16 31.89 -23.56
CA ALA D 99 -1.04 31.50 -22.69
C ALA D 99 -0.71 32.63 -21.71
N VAL D 100 -1.71 33.36 -21.23
CA VAL D 100 -1.44 34.51 -20.30
C VAL D 100 -0.79 33.96 -19.03
N GLY D 101 -1.11 32.72 -18.64
CA GLY D 101 -0.47 32.05 -17.50
C GLY D 101 1.04 31.89 -17.65
N PHE D 102 1.58 32.03 -18.84
CA PHE D 102 3.02 31.91 -19.14
C PHE D 102 3.67 33.28 -19.37
N MET D 103 2.87 34.35 -19.38
CA MET D 103 3.41 35.68 -19.75
C MET D 103 4.08 36.31 -18.54
N PRO D 104 5.16 37.08 -18.72
CA PRO D 104 5.81 37.78 -17.62
C PRO D 104 4.92 38.86 -17.01
N ASN D 105 4.79 38.80 -15.68
CA ASN D 105 3.92 39.68 -14.88
C ASN D 105 4.21 41.14 -15.19
N LEU D 106 3.19 41.92 -15.59
CA LEU D 106 3.38 43.34 -15.97
C LEU D 106 3.55 44.23 -14.73
N GLY D 107 3.17 43.74 -13.54
CA GLY D 107 3.46 44.44 -12.28
C GLY D 107 4.92 44.31 -11.93
N ALA D 108 5.45 43.09 -11.94
CA ALA D 108 6.87 42.77 -11.61
C ALA D 108 7.78 43.38 -12.68
N TYR D 109 7.38 43.28 -13.95
CA TYR D 109 8.24 43.63 -15.11
C TYR D 109 7.45 44.58 -16.02
N PRO D 110 7.27 45.84 -15.62
CA PRO D 110 6.38 46.72 -16.37
C PRO D 110 6.96 47.10 -17.74
N LYS D 111 6.06 47.39 -18.71
CA LYS D 111 6.48 48.02 -19.98
C LYS D 111 6.74 49.48 -19.66
N THR D 112 7.98 49.95 -19.77
CA THR D 112 8.36 51.36 -19.49
C THR D 112 9.44 51.78 -20.47
N GLN D 113 9.61 53.09 -20.62
CA GLN D 113 10.66 53.68 -21.47
C GLN D 113 11.95 53.82 -20.65
N SER D 114 11.88 53.69 -19.31
CA SER D 114 13.06 53.73 -18.41
C SER D 114 13.67 52.32 -18.34
N LYS D 115 14.99 52.22 -18.36
CA LYS D 115 15.70 50.92 -18.21
C LYS D 115 15.59 50.55 -16.72
N THR D 116 14.98 49.39 -16.44
CA THR D 116 14.64 48.92 -15.08
C THR D 116 15.33 47.58 -14.85
N PRO D 117 16.41 47.52 -14.03
CA PRO D 117 17.16 46.28 -13.84
C PRO D 117 16.30 45.06 -13.50
N LYS D 118 15.24 45.24 -12.69
CA LYS D 118 14.41 44.07 -12.22
C LYS D 118 13.73 43.38 -13.42
N ASN D 119 13.52 44.07 -14.55
CA ASN D 119 12.89 43.47 -15.77
C ASN D 119 13.80 42.41 -16.36
N SER D 120 15.09 42.40 -16.02
CA SER D 120 16.06 41.48 -16.66
C SER D 120 16.68 40.50 -15.65
N ILE D 121 17.15 39.40 -16.20
CA ILE D 121 18.12 38.48 -15.54
C ILE D 121 19.43 38.59 -16.33
N VAL D 122 20.53 38.87 -15.66
CA VAL D 122 21.82 39.02 -16.35
C VAL D 122 22.84 38.07 -15.71
N SER D 123 23.42 37.19 -16.52
CA SER D 123 24.32 36.12 -16.01
C SER D 123 25.53 35.94 -16.93
N GLN D 124 26.67 35.55 -16.36
CA GLN D 124 27.86 35.16 -17.12
C GLN D 124 27.66 33.72 -17.62
N VAL D 125 27.83 33.53 -18.91
CA VAL D 125 27.79 32.19 -19.54
C VAL D 125 29.00 32.11 -20.47
N TYR D 126 29.14 30.98 -21.17
CA TYR D 126 30.38 30.62 -21.87
C TYR D 126 30.05 30.13 -23.27
N LEU D 127 30.68 30.77 -24.25
CA LEU D 127 30.47 30.45 -25.66
C LEU D 127 30.94 29.01 -25.89
N ASN D 128 30.03 28.16 -26.36
CA ASN D 128 30.29 26.72 -26.60
C ASN D 128 30.79 26.01 -25.34
N GLY D 129 30.42 26.51 -24.16
CA GLY D 129 30.82 25.89 -22.89
C GLY D 129 32.31 26.06 -22.60
N GLU D 130 33.01 26.91 -23.35
CA GLU D 130 34.45 27.17 -23.16
C GLU D 130 34.66 28.28 -22.15
N THR D 131 35.33 28.00 -21.03
CA THR D 131 35.46 28.97 -19.92
C THR D 131 36.47 30.06 -20.30
N THR D 132 37.22 29.91 -21.38
CA THR D 132 38.11 30.98 -21.90
C THR D 132 37.32 31.95 -22.80
N MET D 133 36.02 31.71 -23.02
N MET D 133 36.02 31.71 -23.02
CA MET D 133 35.17 32.53 -23.92
CA MET D 133 35.18 32.53 -23.93
C MET D 133 33.94 33.03 -23.18
C MET D 133 33.94 33.03 -23.18
N PRO D 134 34.13 33.90 -22.18
CA PRO D 134 33.02 34.45 -21.42
C PRO D 134 32.10 35.34 -22.26
N MET D 135 30.83 35.29 -21.88
CA MET D 135 29.68 35.90 -22.58
C MET D 135 28.70 36.33 -21.49
N THR D 136 27.81 37.29 -21.78
CA THR D 136 26.68 37.60 -20.89
C THR D 136 25.42 37.17 -21.62
N LEU D 137 24.47 36.62 -20.88
CA LEU D 137 23.07 36.50 -21.30
C LEU D 137 22.25 37.47 -20.51
N THR D 138 21.51 38.34 -21.22
CA THR D 138 20.45 39.19 -20.63
C THR D 138 19.10 38.66 -21.10
N ILE D 139 18.26 38.23 -20.16
CA ILE D 139 16.84 37.87 -20.43
C ILE D 139 16.01 39.04 -19.94
N THR D 140 15.29 39.69 -20.84
CA THR D 140 14.46 40.87 -20.51
C THR D 140 13.01 40.51 -20.69
N PHE D 141 12.23 40.78 -19.65
CA PHE D 141 10.76 40.60 -19.64
C PHE D 141 10.12 41.96 -19.94
N ASN D 142 9.25 41.98 -20.93
CA ASN D 142 8.40 43.17 -21.23
C ASN D 142 9.28 44.40 -21.43
N GLY D 143 10.35 44.24 -22.19
CA GLY D 143 11.39 45.28 -22.35
C GLY D 143 10.90 46.50 -23.11
N THR D 144 11.52 47.66 -22.84
CA THR D 144 11.34 48.86 -23.68
C THR D 144 11.74 48.46 -25.10
N ASP D 145 10.80 48.61 -26.02
CA ASP D 145 10.84 48.10 -27.40
C ASP D 145 11.07 49.32 -28.33
N GLU D 146 11.34 49.08 -29.61
CA GLU D 146 11.60 50.20 -30.56
C GLU D 146 10.31 51.02 -30.64
N LYS D 147 10.42 52.36 -30.62
CA LYS D 147 9.26 53.29 -30.67
C LYS D 147 8.38 52.99 -31.91
N ASP D 148 8.95 52.50 -33.01
CA ASP D 148 8.25 52.29 -34.28
C ASP D 148 7.86 50.81 -34.44
N THR D 149 7.93 49.99 -33.38
CA THR D 149 7.47 48.58 -33.46
C THR D 149 5.95 48.61 -33.77
N THR D 150 5.50 47.77 -34.70
CA THR D 150 4.07 47.60 -35.09
C THR D 150 3.89 46.18 -35.64
N PRO D 151 2.81 45.43 -35.24
CA PRO D 151 1.85 45.90 -34.22
C PRO D 151 2.48 45.78 -32.82
N VAL D 152 1.91 46.48 -31.83
CA VAL D 152 2.56 46.62 -30.47
C VAL D 152 2.28 45.34 -29.67
N SER D 153 3.28 44.84 -28.99
CA SER D 153 3.18 43.62 -28.15
C SER D 153 2.62 44.03 -26.78
N THR D 154 1.90 43.13 -26.10
CA THR D 154 1.46 43.32 -24.70
C THR D 154 2.53 42.79 -23.76
N TYR D 155 3.14 41.65 -24.12
CA TYR D 155 4.23 41.01 -23.36
C TYR D 155 5.40 40.77 -24.30
N SER D 156 6.59 40.62 -23.74
CA SER D 156 7.78 40.25 -24.54
C SER D 156 8.79 39.52 -23.68
N MET D 157 9.62 38.74 -24.34
N MET D 157 9.62 38.74 -24.33
CA MET D 157 10.76 38.02 -23.71
CA MET D 157 10.75 38.02 -23.70
C MET D 157 11.92 38.07 -24.70
C MET D 157 11.92 38.06 -24.70
N THR D 158 13.00 38.73 -24.33
CA THR D 158 14.18 38.96 -25.17
C THR D 158 15.37 38.27 -24.57
N PHE D 159 16.11 37.52 -25.38
CA PHE D 159 17.36 36.85 -24.99
C PHE D 159 18.47 37.51 -25.76
N THR D 160 19.37 38.21 -25.08
CA THR D 160 20.51 38.90 -25.69
C THR D 160 21.81 38.28 -25.17
N TRP D 161 22.55 37.62 -26.04
CA TRP D 161 23.92 37.17 -25.76
C TRP D 161 24.89 38.24 -26.29
N GLN D 162 25.87 38.61 -25.48
CA GLN D 162 26.87 39.64 -25.83
C GLN D 162 28.23 39.17 -25.36
N TRP D 163 29.26 39.51 -26.11
CA TRP D 163 30.65 39.17 -25.75
C TRP D 163 31.58 40.23 -26.28
N THR D 164 32.78 40.31 -25.73
CA THR D 164 33.80 41.29 -26.13
C THR D 164 34.97 40.59 -26.83
N GLY D 165 35.11 39.27 -26.67
CA GLY D 165 36.16 38.46 -27.31
C GLY D 165 36.23 38.62 -28.82
N ASP D 166 37.43 38.50 -29.40
CA ASP D 166 37.65 38.37 -30.87
C ASP D 166 37.92 36.90 -31.19
N TYR D 167 37.15 36.31 -32.10
CA TYR D 167 37.22 34.88 -32.43
C TYR D 167 37.36 34.64 -33.93
N LYS D 168 37.68 35.68 -34.72
CA LYS D 168 37.86 35.54 -36.18
C LYS D 168 39.05 34.58 -36.46
N ASP D 169 40.09 34.60 -35.63
CA ASP D 169 41.29 33.73 -35.78
C ASP D 169 40.97 32.28 -35.46
N LYS D 170 39.82 32.00 -34.85
CA LYS D 170 39.33 30.62 -34.56
C LYS D 170 38.27 30.30 -35.62
N ASN D 171 37.50 29.25 -35.40
CA ASN D 171 36.40 28.82 -36.31
C ASN D 171 35.25 28.37 -35.41
N ILE D 172 34.68 29.30 -34.68
CA ILE D 172 33.69 29.03 -33.59
C ILE D 172 32.27 29.26 -34.12
N THR D 173 31.39 28.28 -33.96
CA THR D 173 29.94 28.40 -34.24
C THR D 173 29.27 29.01 -33.01
N PHE D 174 28.44 30.03 -33.18
CA PHE D 174 27.70 30.59 -32.02
C PHE D 174 26.73 29.51 -31.52
N ALA D 175 26.91 29.05 -30.30
CA ALA D 175 26.04 28.03 -29.67
C ALA D 175 26.22 28.12 -28.17
N THR D 176 25.13 27.92 -27.43
CA THR D 176 25.09 28.18 -25.99
C THR D 176 24.89 26.86 -25.24
N ASN D 177 25.31 26.88 -23.99
CA ASN D 177 24.93 25.85 -22.99
C ASN D 177 23.46 26.05 -22.65
N SER D 178 22.79 24.99 -22.17
CA SER D 178 21.42 25.14 -21.61
C SER D 178 21.50 26.09 -20.40
N PHE D 179 20.48 26.94 -20.24
CA PHE D 179 20.48 27.98 -19.21
C PHE D 179 19.11 27.96 -18.54
N THR D 180 19.10 27.89 -17.22
CA THR D 180 17.88 27.84 -16.38
C THR D 180 17.55 29.25 -15.85
N PHE D 181 16.29 29.58 -15.81
CA PHE D 181 15.79 30.86 -15.24
C PHE D 181 14.35 30.70 -14.81
N SER D 182 13.82 31.71 -14.14
CA SER D 182 12.40 31.75 -13.72
C SER D 182 11.92 33.19 -13.71
N TYR D 183 10.61 33.37 -13.73
CA TYR D 183 9.98 34.71 -13.62
C TYR D 183 8.55 34.56 -13.13
N MET D 184 8.03 35.63 -12.55
CA MET D 184 6.63 35.68 -12.08
C MET D 184 5.69 35.74 -13.28
N ALA D 185 4.66 34.92 -13.24
CA ALA D 185 3.65 34.82 -14.30
C ALA D 185 2.59 35.93 -14.12
N GLN D 186 1.98 36.37 -15.21
CA GLN D 186 0.91 37.38 -15.20
C GLN D 186 -0.30 36.87 -14.40
N GLU D 187 -0.68 35.62 -14.58
CA GLU D 187 -1.77 35.00 -13.78
C GLU D 187 -1.45 33.54 -13.50
N LYS E 1 7.31 9.05 -6.56
CA LYS E 1 6.55 10.33 -6.43
C LYS E 1 7.27 11.40 -7.26
N LEU E 2 7.24 12.65 -6.82
CA LEU E 2 7.68 13.82 -7.59
C LEU E 2 9.04 14.31 -7.08
N THR E 3 9.63 13.66 -6.07
CA THR E 3 11.02 13.97 -5.65
C THR E 3 11.89 12.71 -5.65
N LEU E 4 13.03 12.80 -6.31
CA LEU E 4 14.07 11.77 -6.35
C LEU E 4 15.33 12.41 -5.78
N TRP E 5 15.84 11.89 -4.65
CA TRP E 5 16.93 12.60 -3.94
C TRP E 5 17.85 11.64 -3.18
N THR E 6 18.93 12.21 -2.68
CA THR E 6 19.98 11.58 -1.83
C THR E 6 19.58 11.64 -0.36
N THR E 7 18.38 12.12 -0.05
CA THR E 7 17.99 12.74 1.26
C THR E 7 18.70 14.10 1.35
N PRO E 8 18.20 15.00 2.22
CA PRO E 8 18.75 16.35 2.31
C PRO E 8 20.11 16.40 3.02
N ASP E 9 20.40 15.40 3.85
N ASP E 9 20.40 15.40 3.85
CA ASP E 9 21.62 15.34 4.70
CA ASP E 9 21.60 15.33 4.71
C ASP E 9 22.27 13.96 4.58
C ASP E 9 22.27 13.96 4.58
N PRO E 10 22.76 13.57 3.39
CA PRO E 10 23.31 12.22 3.21
C PRO E 10 24.61 11.98 4.01
N SER E 11 24.78 10.74 4.44
CA SER E 11 26.07 10.17 4.89
C SER E 11 27.00 10.10 3.69
N PRO E 12 28.33 9.88 3.90
CA PRO E 12 29.27 9.76 2.79
C PRO E 12 28.74 8.70 1.81
N ASN E 13 28.53 9.11 0.57
CA ASN E 13 27.73 8.34 -0.40
C ASN E 13 28.36 8.42 -1.79
N CYS E 14 29.57 8.93 -1.89
CA CYS E 14 30.14 9.34 -3.18
C CYS E 14 31.65 9.15 -3.22
N GLN E 15 32.16 8.71 -4.37
CA GLN E 15 33.61 8.62 -4.64
C GLN E 15 34.02 9.80 -5.54
N LEU E 16 34.88 10.69 -5.04
CA LEU E 16 35.62 11.66 -5.89
C LEU E 16 36.95 11.03 -6.29
N LEU E 17 37.70 10.51 -5.32
CA LEU E 17 39.02 9.88 -5.56
C LEU E 17 39.00 8.43 -5.04
N SER E 18 38.34 8.16 -3.92
CA SER E 18 38.27 6.81 -3.32
C SER E 18 36.89 6.59 -2.69
N ASP E 19 36.61 5.33 -2.31
CA ASP E 19 35.25 4.89 -1.90
C ASP E 19 34.70 5.81 -0.80
N ARG E 20 33.50 6.36 -1.00
N ARG E 20 33.50 6.36 -0.99
CA ARG E 20 32.73 7.11 0.03
CA ARG E 20 32.73 7.11 0.03
C ARG E 20 33.64 8.16 0.70
C ARG E 20 33.64 8.16 0.70
N ASP E 21 34.37 8.93 -0.11
CA ASP E 21 35.27 10.01 0.36
C ASP E 21 34.52 11.35 0.34
N ALA E 22 33.24 11.35 -0.03
CA ALA E 22 32.49 12.60 -0.19
C ALA E 22 31.00 12.42 0.11
N LYS E 23 30.35 13.53 0.48
CA LYS E 23 28.89 13.65 0.60
C LYS E 23 28.38 14.41 -0.62
N PHE E 24 27.61 13.73 -1.46
CA PHE E 24 26.98 14.29 -2.66
C PHE E 24 25.49 14.45 -2.38
N THR E 25 25.00 15.70 -2.39
CA THR E 25 23.58 15.99 -2.19
C THR E 25 22.95 16.36 -3.53
N LEU E 26 21.87 15.69 -3.90
CA LEU E 26 21.17 15.99 -5.16
C LEU E 26 19.68 15.79 -4.94
N CYS E 27 18.90 16.83 -5.21
CA CYS E 27 17.43 16.78 -5.11
C CYS E 27 16.87 17.11 -6.48
N LEU E 28 16.17 16.15 -7.09
CA LEU E 28 15.47 16.35 -8.38
C LEU E 28 13.97 16.41 -8.09
N THR E 29 13.36 17.54 -8.43
CA THR E 29 11.92 17.76 -8.20
C THR E 29 11.23 17.83 -9.55
N LYS E 30 10.29 16.92 -9.81
CA LYS E 30 9.62 16.85 -11.13
C LYS E 30 8.53 17.91 -11.17
N CYS E 31 8.71 18.90 -12.04
CA CYS E 31 7.73 19.96 -12.35
C CYS E 31 7.20 19.67 -13.76
N GLY E 32 6.43 18.59 -13.93
CA GLY E 32 5.94 18.13 -15.24
C GLY E 32 7.11 17.88 -16.19
N SER E 33 7.20 18.66 -17.26
CA SER E 33 8.16 18.49 -18.37
C SER E 33 9.60 18.82 -17.93
N GLN E 34 9.78 19.52 -16.82
CA GLN E 34 11.12 19.96 -16.40
C GLN E 34 11.39 19.47 -15.00
N ILE E 35 12.64 19.10 -14.78
CA ILE E 35 13.16 18.75 -13.46
C ILE E 35 13.87 19.98 -12.92
N LEU E 36 13.55 20.33 -11.68
CA LEU E 36 14.27 21.37 -10.92
C LEU E 36 15.27 20.65 -10.00
N GLY E 37 16.53 20.99 -10.11
CA GLY E 37 17.60 20.35 -9.35
C GLY E 37 18.32 21.31 -8.43
N THR E 38 18.80 20.80 -7.29
CA THR E 38 19.79 21.48 -6.45
C THR E 38 20.85 20.45 -6.06
N VAL E 39 22.12 20.84 -6.18
CA VAL E 39 23.26 19.93 -6.02
C VAL E 39 24.30 20.62 -5.13
N ALA E 40 24.98 19.82 -4.30
CA ALA E 40 26.18 20.23 -3.55
C ALA E 40 27.05 19.00 -3.33
N VAL E 41 28.35 19.22 -3.10
CA VAL E 41 29.27 18.12 -2.76
C VAL E 41 30.30 18.64 -1.76
N ALA E 42 30.79 17.74 -0.89
CA ALA E 42 31.89 18.04 0.05
C ALA E 42 32.76 16.79 0.23
N ALA E 43 34.07 16.93 0.06
CA ALA E 43 35.04 15.89 0.46
C ALA E 43 35.00 15.78 1.99
N VAL E 44 34.97 14.57 2.53
CA VAL E 44 34.88 14.35 4.01
C VAL E 44 36.02 13.44 4.51
N THR E 45 36.59 12.52 3.72
CA THR E 45 37.74 11.65 4.13
C THR E 45 39.04 12.48 4.18
N VAL E 46 39.71 12.49 5.32
CA VAL E 46 40.90 13.38 5.50
C VAL E 46 42.12 12.65 4.93
N GLY E 47 42.93 13.38 4.16
CA GLY E 47 44.25 12.94 3.70
C GLY E 47 44.26 12.74 2.19
N SER E 48 43.10 12.89 1.54
CA SER E 48 43.02 12.85 0.06
C SER E 48 43.59 14.13 -0.51
N ALA E 49 43.88 14.13 -1.80
CA ALA E 49 44.37 15.30 -2.55
C ALA E 49 43.30 16.41 -2.58
N LEU E 50 42.07 16.14 -2.13
CA LEU E 50 41.00 17.17 -2.09
C LEU E 50 40.62 17.50 -0.64
N ASN E 51 41.32 16.94 0.35
CA ASN E 51 40.98 17.14 1.77
C ASN E 51 42.18 16.90 2.65
N PRO E 52 43.13 17.87 2.78
CA PRO E 52 43.02 19.18 2.13
C PRO E 52 43.52 19.17 0.67
N ILE E 53 43.05 20.13 -0.13
CA ILE E 53 43.52 20.36 -1.52
C ILE E 53 45.04 20.55 -1.48
N ASN E 54 45.79 19.70 -2.21
CA ASN E 54 47.27 19.78 -2.26
C ASN E 54 47.74 20.17 -3.67
N ASP E 55 46.80 20.49 -4.57
CA ASP E 55 47.04 21.09 -5.91
C ASP E 55 47.49 20.02 -6.91
N THR E 56 47.48 18.73 -6.57
CA THR E 56 47.81 17.63 -7.52
C THR E 56 46.57 17.32 -8.36
N VAL E 57 45.38 17.68 -7.88
CA VAL E 57 44.10 17.37 -8.57
C VAL E 57 43.21 18.62 -8.51
N LYS E 58 42.83 19.13 -9.69
CA LYS E 58 42.14 20.44 -9.83
C LYS E 58 40.82 20.23 -10.57
N SER E 59 40.24 19.05 -10.47
CA SER E 59 38.86 18.76 -10.90
C SER E 59 38.26 17.74 -9.94
N ALA E 60 36.95 17.73 -9.87
CA ALA E 60 36.18 16.75 -9.08
C ALA E 60 34.95 16.40 -9.91
N ILE E 61 34.72 15.12 -10.14
CA ILE E 61 33.67 14.65 -11.07
C ILE E 61 32.77 13.67 -10.34
N VAL E 62 31.49 13.85 -10.49
CA VAL E 62 30.45 12.90 -10.06
C VAL E 62 29.70 12.45 -11.31
N PHE E 63 29.83 11.16 -11.66
CA PHE E 63 29.19 10.54 -12.84
C PHE E 63 28.01 9.70 -12.36
N LEU E 64 26.80 10.03 -12.81
CA LEU E 64 25.61 9.19 -12.56
C LEU E 64 25.20 8.57 -13.89
N ARG E 65 25.15 7.24 -13.93
CA ARG E 65 24.72 6.47 -15.11
C ARG E 65 23.40 5.79 -14.78
N PHE E 66 22.47 5.81 -15.71
CA PHE E 66 21.12 5.23 -15.53
C PHE E 66 20.80 4.31 -16.69
N ASP E 67 20.11 3.20 -16.39
CA ASP E 67 19.63 2.25 -17.40
C ASP E 67 18.35 2.80 -18.04
N SER E 68 17.71 2.04 -18.91
CA SER E 68 16.56 2.50 -19.71
C SER E 68 15.33 2.71 -18.81
N ASP E 69 15.36 2.23 -17.57
CA ASP E 69 14.27 2.44 -16.57
C ASP E 69 14.61 3.59 -15.65
N GLY E 70 15.75 4.26 -15.88
CA GLY E 70 16.19 5.42 -15.07
C GLY E 70 16.74 4.97 -13.75
N VAL E 71 17.11 3.69 -13.62
CA VAL E 71 17.71 3.10 -12.38
C VAL E 71 19.21 3.34 -12.39
N LEU E 72 19.75 3.79 -11.27
CA LEU E 72 21.18 4.12 -11.14
C LEU E 72 22.00 2.84 -11.34
N MET E 73 23.02 2.89 -12.20
CA MET E 73 23.87 1.72 -12.54
C MET E 73 25.11 1.68 -11.63
N SER E 74 25.62 0.48 -11.34
CA SER E 74 26.56 0.24 -10.21
C SER E 74 27.84 1.06 -10.39
N ASN E 75 28.30 1.26 -11.62
CA ASN E 75 29.57 1.96 -11.89
C ASN E 75 29.47 3.48 -11.72
N SER E 76 28.51 4.02 -10.98
CA SER E 76 28.30 5.47 -10.81
C SER E 76 29.14 5.96 -9.63
N SER E 77 29.48 7.23 -9.55
CA SER E 77 30.27 7.83 -8.44
C SER E 77 29.53 7.72 -7.11
N MET E 78 28.21 7.79 -7.18
CA MET E 78 27.31 7.86 -6.01
C MET E 78 26.71 6.47 -5.82
N VAL E 79 26.63 6.04 -4.57
CA VAL E 79 25.96 4.78 -4.16
C VAL E 79 24.45 4.96 -4.26
N GLY E 80 23.72 3.90 -4.63
CA GLY E 80 22.25 3.89 -4.81
C GLY E 80 21.46 3.64 -3.52
N ASP E 81 22.11 3.35 -2.39
CA ASP E 81 21.44 2.91 -1.14
C ASP E 81 20.34 3.91 -0.74
N TYR E 82 20.67 5.20 -0.74
CA TYR E 82 19.73 6.28 -0.35
C TYR E 82 19.60 7.26 -1.51
N TRP E 83 19.51 6.72 -2.73
CA TRP E 83 19.05 7.42 -3.95
C TRP E 83 17.68 6.89 -4.30
N ASN E 84 16.63 7.62 -3.99
CA ASN E 84 15.26 7.08 -4.12
C ASN E 84 14.23 8.19 -4.00
N PHE E 85 12.98 7.84 -4.25
CA PHE E 85 11.82 8.74 -4.07
C PHE E 85 11.74 9.12 -2.59
N ARG E 86 11.28 10.34 -2.33
CA ARG E 86 11.23 10.93 -0.97
C ARG E 86 10.18 10.18 -0.14
N GLU E 87 10.48 9.97 1.13
CA GLU E 87 9.50 9.65 2.19
C GLU E 87 9.89 10.45 3.44
N GLY E 88 9.11 11.47 3.78
CA GLY E 88 9.44 12.45 4.83
C GLY E 88 10.79 13.09 4.58
N GLN E 89 11.72 13.00 5.55
CA GLN E 89 13.11 13.51 5.40
C GLN E 89 14.07 12.43 4.87
N THR E 90 13.58 11.29 4.44
CA THR E 90 14.47 10.17 4.00
C THR E 90 13.98 9.64 2.65
N THR E 91 14.32 8.41 2.32
CA THR E 91 13.94 7.76 1.06
C THR E 91 12.94 6.65 1.36
N GLN E 92 12.09 6.31 0.41
CA GLN E 92 11.29 5.05 0.52
C GLN E 92 12.32 3.90 0.64
N SER E 93 11.96 2.82 1.30
CA SER E 93 12.94 1.78 1.73
C SER E 93 13.25 0.83 0.55
N VAL E 94 12.32 0.66 -0.39
CA VAL E 94 12.47 -0.28 -1.53
C VAL E 94 12.96 0.51 -2.75
N ALA E 95 14.06 0.04 -3.38
CA ALA E 95 14.66 0.65 -4.58
C ALA E 95 13.58 0.84 -5.64
N TYR E 96 13.53 2.03 -6.24
CA TYR E 96 12.56 2.33 -7.32
C TYR E 96 12.90 1.45 -8.54
N THR E 97 11.89 1.13 -9.33
CA THR E 97 12.04 0.30 -10.57
C THR E 97 11.93 1.17 -11.83
N ASN E 98 11.44 2.40 -11.72
CA ASN E 98 11.30 3.30 -12.90
C ASN E 98 11.34 4.74 -12.44
N ALA E 99 12.25 5.54 -13.02
CA ALA E 99 12.34 7.00 -12.81
C ALA E 99 12.57 7.68 -14.15
N VAL E 100 11.99 7.18 -15.24
CA VAL E 100 12.19 7.77 -16.58
C VAL E 100 11.66 9.21 -16.56
N GLY E 101 10.65 9.50 -15.74
CA GLY E 101 10.12 10.87 -15.54
C GLY E 101 11.18 11.86 -15.05
N PHE E 102 12.29 11.38 -14.51
CA PHE E 102 13.39 12.24 -13.98
C PHE E 102 14.60 12.20 -14.90
N MET E 103 14.57 11.42 -15.99
CA MET E 103 15.76 11.25 -16.84
C MET E 103 15.86 12.45 -17.81
N PRO E 104 17.07 12.90 -18.17
CA PRO E 104 17.23 13.98 -19.15
C PRO E 104 16.79 13.55 -20.55
N ASN E 105 15.94 14.37 -21.15
CA ASN E 105 15.29 14.13 -22.44
C ASN E 105 16.37 13.82 -23.50
N LEU E 106 16.24 12.68 -24.20
CA LEU E 106 17.26 12.24 -25.19
C LEU E 106 17.12 13.05 -26.51
N GLY E 107 15.98 13.69 -26.73
CA GLY E 107 15.78 14.62 -27.86
C GLY E 107 16.54 15.91 -27.61
N ALA E 108 16.34 16.51 -26.43
CA ALA E 108 17.01 17.78 -26.04
C ALA E 108 18.52 17.55 -25.87
N TYR E 109 18.90 16.41 -25.27
CA TYR E 109 20.29 16.13 -24.83
C TYR E 109 20.67 14.76 -25.38
N PRO E 110 20.94 14.63 -26.69
CA PRO E 110 21.17 13.31 -27.27
C PRO E 110 22.50 12.69 -26.82
N LYS E 111 22.58 11.36 -26.80
CA LYS E 111 23.82 10.63 -26.47
C LYS E 111 24.87 10.84 -27.58
N THR E 112 25.94 11.55 -27.25
CA THR E 112 27.16 11.71 -28.07
C THR E 112 28.34 11.81 -27.10
N GLN E 113 29.53 11.50 -27.60
CA GLN E 113 30.79 11.66 -26.84
C GLN E 113 31.33 13.07 -27.07
N SER E 114 30.81 13.80 -28.07
CA SER E 114 31.20 15.19 -28.41
C SER E 114 30.44 16.14 -27.46
N LYS E 115 31.10 17.19 -26.95
N LYS E 115 31.11 17.19 -26.98
CA LYS E 115 30.37 18.20 -26.13
CA LYS E 115 30.45 18.26 -26.19
C LYS E 115 29.59 19.09 -27.08
C LYS E 115 29.60 19.11 -27.13
N THR E 116 28.40 18.67 -27.46
CA THR E 116 27.26 19.51 -27.97
C THR E 116 26.87 20.47 -26.85
N PRO E 117 27.08 21.79 -26.99
CA PRO E 117 26.94 22.71 -25.84
C PRO E 117 25.57 22.61 -25.12
N LYS E 118 24.50 22.37 -25.87
CA LYS E 118 23.11 22.32 -25.31
C LYS E 118 22.98 21.18 -24.27
N ASN E 119 23.79 20.12 -24.37
CA ASN E 119 23.77 18.98 -23.42
C ASN E 119 24.24 19.44 -22.04
N SER E 120 24.94 20.57 -21.94
CA SER E 120 25.55 21.00 -20.67
C SER E 120 24.99 22.34 -20.18
N ILE E 121 25.12 22.54 -18.88
CA ILE E 121 24.98 23.85 -18.19
C ILE E 121 26.36 24.19 -17.66
N VAL E 122 26.89 25.37 -17.98
CA VAL E 122 28.25 25.73 -17.53
C VAL E 122 28.18 27.07 -16.82
N SER E 123 28.65 27.13 -15.59
N SER E 123 28.64 27.13 -15.58
CA SER E 123 28.54 28.33 -14.73
CA SER E 123 28.54 28.33 -14.73
C SER E 123 29.83 28.55 -13.93
C SER E 123 29.82 28.55 -13.92
N GLN E 124 30.13 29.81 -13.63
CA GLN E 124 31.17 30.16 -12.64
C GLN E 124 30.58 29.96 -11.23
N VAL E 125 31.29 29.20 -10.41
CA VAL E 125 30.94 28.99 -8.98
C VAL E 125 32.20 29.25 -8.17
N TYR E 126 32.11 29.11 -6.86
CA TYR E 126 33.18 29.57 -5.94
C TYR E 126 33.52 28.47 -4.94
N LEU E 127 34.79 28.11 -4.89
CA LEU E 127 35.29 27.07 -3.97
C LEU E 127 35.02 27.53 -2.54
N ASN E 128 34.24 26.76 -1.78
CA ASN E 128 33.90 27.07 -0.38
C ASN E 128 33.16 28.41 -0.29
N GLY E 129 32.52 28.85 -1.34
CA GLY E 129 31.77 30.13 -1.35
C GLY E 129 32.65 31.33 -1.31
N GLU E 130 33.97 31.17 -1.52
CA GLU E 130 34.95 32.27 -1.50
C GLU E 130 35.06 32.88 -2.89
N THR E 131 34.74 34.17 -3.01
CA THR E 131 34.65 34.83 -4.33
C THR E 131 36.04 35.07 -4.90
N THR E 132 37.10 34.92 -4.12
CA THR E 132 38.50 34.99 -4.61
C THR E 132 38.96 33.62 -5.13
N MET E 133 38.10 32.60 -5.10
CA MET E 133 38.48 31.21 -5.48
C MET E 133 37.52 30.68 -6.55
N PRO E 134 37.60 31.26 -7.76
CA PRO E 134 36.67 30.90 -8.83
C PRO E 134 36.89 29.48 -9.34
N MET E 135 35.78 28.88 -9.75
N MET E 135 35.79 28.88 -9.76
CA MET E 135 35.66 27.46 -10.15
CA MET E 135 35.66 27.46 -10.15
C MET E 135 34.63 27.42 -11.27
C MET E 135 34.63 27.42 -11.27
N THR E 136 34.66 26.41 -12.14
CA THR E 136 33.58 26.19 -13.13
C THR E 136 32.85 24.92 -12.74
N LEU E 137 31.54 24.94 -12.83
CA LEU E 137 30.70 23.74 -12.76
C LEU E 137 30.13 23.48 -14.14
N THR E 138 30.38 22.28 -14.67
CA THR E 138 29.73 21.77 -15.90
C THR E 138 28.78 20.64 -15.49
N ILE E 139 27.49 20.81 -15.73
CA ILE E 139 26.49 19.72 -15.60
C ILE E 139 26.19 19.24 -17.01
N THR E 140 26.46 17.97 -17.29
CA THR E 140 26.27 17.40 -18.62
C THR E 140 25.20 16.32 -18.55
N PHE E 141 24.22 16.43 -19.45
CA PHE E 141 23.12 15.44 -19.60
C PHE E 141 23.47 14.49 -20.73
N ASN E 142 23.43 13.19 -20.46
CA ASN E 142 23.55 12.16 -21.50
C ASN E 142 24.90 12.31 -22.23
N GLY E 143 25.96 12.63 -21.52
CA GLY E 143 27.35 12.46 -21.96
C GLY E 143 27.76 11.02 -21.73
N THR E 144 29.00 10.68 -22.13
CA THR E 144 29.61 9.35 -21.93
C THR E 144 30.84 9.52 -21.04
N ASP E 145 31.10 8.55 -20.14
CA ASP E 145 32.07 8.69 -19.01
C ASP E 145 33.18 7.63 -19.20
N GLU E 146 34.44 8.00 -18.97
CA GLU E 146 35.60 7.30 -19.60
C GLU E 146 35.70 5.89 -19.04
N LYS E 147 35.82 4.90 -19.94
CA LYS E 147 35.72 3.43 -19.76
C LYS E 147 34.72 3.03 -18.67
N ASP E 148 33.57 3.70 -18.59
CA ASP E 148 32.42 3.30 -17.75
C ASP E 148 31.32 2.90 -18.72
N THR E 149 31.00 1.60 -18.91
CA THR E 149 29.73 1.20 -19.56
C THR E 149 29.88 -0.04 -20.48
N THR E 150 29.82 -1.28 -19.95
CA THR E 150 28.99 -2.39 -20.53
C THR E 150 28.34 -3.21 -19.42
N PRO E 151 27.02 -3.51 -19.46
CA PRO E 151 26.11 -3.01 -20.49
C PRO E 151 25.79 -1.52 -20.26
N VAL E 152 25.40 -0.82 -21.33
CA VAL E 152 25.66 0.63 -21.55
C VAL E 152 24.60 1.43 -20.79
N SER E 153 24.91 2.67 -20.39
CA SER E 153 23.90 3.57 -19.81
C SER E 153 23.01 4.16 -20.92
N THR E 154 21.72 4.31 -20.62
CA THR E 154 20.73 4.95 -21.54
C THR E 154 20.72 6.45 -21.29
N TYR E 155 20.81 6.86 -20.01
CA TYR E 155 20.85 8.27 -19.56
C TYR E 155 22.07 8.47 -18.68
N SER E 156 22.52 9.70 -18.54
CA SER E 156 23.60 10.04 -17.60
C SER E 156 23.50 11.48 -17.15
N MET E 157 24.10 11.77 -16.02
N MET E 157 24.10 11.77 -16.02
CA MET E 157 24.18 13.13 -15.45
CA MET E 157 24.18 13.13 -15.45
C MET E 157 25.55 13.27 -14.80
C MET E 157 25.55 13.26 -14.79
N THR E 158 26.37 14.17 -15.31
CA THR E 158 27.78 14.34 -14.90
C THR E 158 27.94 15.73 -14.31
N PHE E 159 28.55 15.81 -13.13
CA PHE E 159 28.87 17.09 -12.46
C PHE E 159 30.37 17.20 -12.42
N THR E 160 30.93 18.19 -13.13
CA THR E 160 32.39 18.41 -13.19
C THR E 160 32.71 19.78 -12.62
N TRP E 161 33.43 19.81 -11.50
CA TRP E 161 34.04 21.04 -10.95
C TRP E 161 35.49 21.10 -11.39
N GLN E 162 35.94 22.25 -11.87
CA GLN E 162 37.35 22.47 -12.28
C GLN E 162 37.81 23.83 -11.81
N TRP E 163 39.06 23.97 -11.45
CA TRP E 163 39.65 25.26 -11.01
C TRP E 163 41.12 25.29 -11.39
N THR E 164 41.72 26.47 -11.42
CA THR E 164 43.13 26.67 -11.83
C THR E 164 43.96 27.13 -10.63
N GLY E 165 43.31 27.64 -9.56
CA GLY E 165 44.02 28.18 -8.39
C GLY E 165 44.90 27.15 -7.70
N ASP E 166 45.95 27.60 -7.01
CA ASP E 166 46.79 26.79 -6.10
C ASP E 166 46.40 27.12 -4.66
N TYR E 167 46.04 26.13 -3.86
CA TYR E 167 45.50 26.32 -2.49
C TYR E 167 46.22 25.44 -1.46
N LYS E 168 47.37 24.86 -1.80
CA LYS E 168 48.04 23.86 -0.92
C LYS E 168 48.43 24.49 0.42
N ASP E 169 48.82 25.75 0.46
CA ASP E 169 49.23 26.41 1.73
C ASP E 169 48.00 26.71 2.61
N LYS E 170 46.79 26.60 2.07
CA LYS E 170 45.59 27.23 2.67
C LYS E 170 44.76 26.20 3.48
N ASN E 171 45.16 24.94 3.49
CA ASN E 171 44.45 23.83 4.18
C ASN E 171 42.94 23.91 3.91
N ILE E 172 42.56 23.91 2.64
CA ILE E 172 41.16 24.03 2.17
C ILE E 172 40.59 22.64 1.84
N THR E 173 39.43 22.31 2.34
CA THR E 173 38.66 21.10 1.94
C THR E 173 37.81 21.41 0.70
N PHE E 174 37.85 20.56 -0.32
CA PHE E 174 36.96 20.71 -1.48
C PHE E 174 35.51 20.60 -1.00
N ALA E 175 34.74 21.67 -1.17
CA ALA E 175 33.29 21.68 -0.87
C ALA E 175 32.66 22.82 -1.66
N THR E 176 31.43 22.63 -2.08
CA THR E 176 30.74 23.56 -2.99
C THR E 176 29.55 24.20 -2.28
N ASN E 177 29.14 25.35 -2.82
CA ASN E 177 27.84 25.95 -2.52
C ASN E 177 26.75 25.12 -3.17
N SER E 178 25.53 25.24 -2.68
CA SER E 178 24.35 24.70 -3.40
C SER E 178 24.24 25.38 -4.76
N PHE E 179 23.85 24.63 -5.78
CA PHE E 179 23.69 25.13 -7.15
C PHE E 179 22.35 24.66 -7.70
N THR E 180 21.57 25.60 -8.24
CA THR E 180 20.25 25.34 -8.84
C THR E 180 20.39 25.16 -10.35
N PHE E 181 19.62 24.25 -10.90
CA PHE E 181 19.60 24.02 -12.38
C PHE E 181 18.28 23.37 -12.74
N SER E 182 18.03 23.22 -14.05
CA SER E 182 16.85 22.50 -14.55
C SER E 182 17.17 21.87 -15.88
N TYR E 183 16.32 20.94 -16.29
CA TYR E 183 16.43 20.25 -17.60
C TYR E 183 15.10 19.66 -17.97
N MET E 184 14.92 19.44 -19.26
CA MET E 184 13.72 18.77 -19.80
C MET E 184 13.78 17.29 -19.46
N ALA E 185 12.67 16.76 -18.99
CA ALA E 185 12.52 15.33 -18.61
C ALA E 185 12.20 14.52 -19.86
N GLN E 186 12.59 13.25 -19.84
CA GLN E 186 12.31 12.31 -20.94
C GLN E 186 10.80 12.11 -21.10
N GLU E 187 10.05 12.01 -20.01
CA GLU E 187 8.57 11.90 -20.08
C GLU E 187 7.96 12.61 -18.88
N LYS F 1 -2.17 28.74 -1.82
CA LYS F 1 -1.15 28.78 -0.72
C LYS F 1 0.16 28.09 -1.16
N LEU F 2 0.46 28.08 -2.46
CA LEU F 2 1.72 27.57 -3.01
C LEU F 2 2.66 28.71 -3.40
N THR F 3 2.23 29.98 -3.20
CA THR F 3 3.13 31.14 -3.38
C THR F 3 3.15 32.01 -2.14
N LEU F 4 4.34 32.34 -1.67
CA LEU F 4 4.60 33.26 -0.56
C LEU F 4 5.45 34.40 -1.11
N TRP F 5 4.94 35.63 -1.10
CA TRP F 5 5.63 36.73 -1.83
C TRP F 5 5.42 38.09 -1.18
N THR F 6 6.18 39.07 -1.71
CA THR F 6 6.14 40.50 -1.34
C THR F 6 5.08 41.25 -2.14
N THR F 7 4.29 40.53 -2.94
CA THR F 7 3.57 41.05 -4.13
C THR F 7 4.62 41.35 -5.22
N PRO F 8 4.19 41.41 -6.51
CA PRO F 8 5.14 41.55 -7.60
C PRO F 8 5.73 42.96 -7.71
N ASP F 9 5.02 43.96 -7.18
CA ASP F 9 5.41 45.38 -7.27
C ASP F 9 5.34 46.05 -5.91
N PRO F 10 6.15 45.64 -4.92
CA PRO F 10 6.05 46.20 -3.56
C PRO F 10 6.43 47.70 -3.49
N SER F 11 5.80 48.39 -2.57
CA SER F 11 6.21 49.69 -2.00
C SER F 11 7.53 49.53 -1.27
N PRO F 12 8.25 50.61 -0.94
CA PRO F 12 9.48 50.52 -0.15
C PRO F 12 9.17 49.72 1.12
N ASN F 13 9.87 48.62 1.30
CA ASN F 13 9.48 47.58 2.29
C ASN F 13 10.72 47.02 2.96
N CYS F 14 11.87 47.65 2.79
CA CYS F 14 13.15 46.99 3.13
C CYS F 14 14.20 48.01 3.57
N GLN F 15 15.02 47.63 4.55
CA GLN F 15 16.20 48.40 5.01
C GLN F 15 17.46 47.78 4.42
N LEU F 16 18.21 48.52 3.59
CA LEU F 16 19.64 48.21 3.29
C LEU F 16 20.54 48.93 4.27
N LEU F 17 20.34 50.24 4.46
CA LEU F 17 21.12 51.06 5.41
C LEU F 17 20.20 51.72 6.43
N SER F 18 19.02 52.17 6.02
CA SER F 18 18.04 52.82 6.93
C SER F 18 16.62 52.39 6.56
N ASP F 19 15.66 52.72 7.42
CA ASP F 19 14.27 52.23 7.35
C ASP F 19 13.67 52.49 5.95
N ARG F 20 13.15 51.45 5.31
N ARG F 20 13.15 51.45 5.31
CA ARG F 20 12.36 51.53 4.05
CA ARG F 20 12.36 51.53 4.05
C ARG F 20 13.13 52.36 3.03
C ARG F 20 13.14 52.36 3.02
N ASP F 21 14.43 52.08 2.87
CA ASP F 21 15.31 52.74 1.88
C ASP F 21 15.35 51.91 0.59
N ALA F 22 14.60 50.82 0.52
CA ALA F 22 14.68 49.87 -0.62
C ALA F 22 13.35 49.18 -0.88
N LYS F 23 13.18 48.74 -2.11
CA LYS F 23 12.11 47.83 -2.57
C LYS F 23 12.73 46.45 -2.76
N PHE F 24 12.32 45.51 -1.93
CA PHE F 24 12.77 44.12 -1.98
C PHE F 24 11.63 43.27 -2.52
N THR F 25 11.84 42.65 -3.67
CA THR F 25 10.84 41.77 -4.31
C THR F 25 11.31 40.32 -4.11
N LEU F 26 10.46 39.47 -3.56
CA LEU F 26 10.79 38.03 -3.40
C LEU F 26 9.53 37.22 -3.62
N CYS F 27 9.60 36.27 -4.53
CA CYS F 27 8.52 35.32 -4.81
C CYS F 27 9.06 33.91 -4.54
N LEU F 28 8.47 33.21 -3.56
CA LEU F 28 8.80 31.81 -3.25
C LEU F 28 7.63 30.93 -3.72
N THR F 29 7.88 30.04 -4.66
CA THR F 29 6.84 29.17 -5.22
C THR F 29 7.16 27.73 -4.77
N LYS F 30 6.24 27.09 -4.07
CA LYS F 30 6.45 25.73 -3.54
C LYS F 30 6.24 24.71 -4.66
N CYS F 31 7.31 24.04 -5.05
CA CYS F 31 7.29 22.91 -5.99
C CYS F 31 7.54 21.62 -5.19
N GLY F 32 6.62 21.21 -4.31
CA GLY F 32 6.81 20.08 -3.38
C GLY F 32 8.06 20.23 -2.56
N SER F 33 9.07 19.37 -2.77
CA SER F 33 10.30 19.26 -1.96
C SER F 33 11.19 20.49 -2.13
N GLN F 34 11.02 21.28 -3.20
CA GLN F 34 11.90 22.42 -3.49
C GLN F 34 11.06 23.68 -3.63
N ILE F 35 11.64 24.77 -3.17
CA ILE F 35 11.09 26.13 -3.38
C ILE F 35 11.83 26.73 -4.56
N LEU F 36 11.08 27.32 -5.49
CA LEU F 36 11.65 28.10 -6.61
C LEU F 36 11.51 29.57 -6.24
N GLY F 37 12.62 30.29 -6.23
CA GLY F 37 12.66 31.69 -5.81
C GLY F 37 13.09 32.62 -6.93
N THR F 38 12.53 33.81 -6.98
CA THR F 38 13.04 34.94 -7.78
C THR F 38 13.07 36.17 -6.86
N VAL F 39 14.20 36.85 -6.86
CA VAL F 39 14.50 37.98 -5.97
C VAL F 39 15.05 39.14 -6.81
N ALA F 40 14.69 40.36 -6.40
CA ALA F 40 15.33 41.60 -6.86
C ALA F 40 15.31 42.62 -5.72
N VAL F 41 16.22 43.56 -5.75
CA VAL F 41 16.19 44.68 -4.80
C VAL F 41 16.61 45.98 -5.51
N ALA F 42 16.09 47.11 -5.06
CA ALA F 42 16.48 48.46 -5.57
C ALA F 42 16.45 49.45 -4.42
N ALA F 43 17.55 50.17 -4.17
CA ALA F 43 17.57 51.34 -3.27
C ALA F 43 16.65 52.42 -3.91
N VAL F 44 15.76 53.02 -3.15
CA VAL F 44 14.74 53.99 -3.65
C VAL F 44 14.68 55.15 -2.66
N THR F 45 14.39 56.39 -3.10
CA THR F 45 13.80 57.48 -2.30
C THR F 45 14.82 58.07 -1.35
N VAL F 46 15.36 57.26 -0.45
CA VAL F 46 16.17 57.78 0.69
C VAL F 46 17.58 57.94 0.19
N GLY F 47 18.19 59.12 0.41
CA GLY F 47 19.58 59.36 0.01
C GLY F 47 20.49 58.56 0.93
N SER F 48 21.53 57.94 0.41
CA SER F 48 22.39 57.01 1.18
C SER F 48 23.68 56.73 0.41
N ALA F 49 24.60 55.98 1.03
CA ALA F 49 25.84 55.52 0.40
C ALA F 49 25.52 54.54 -0.74
N LEU F 50 24.29 54.10 -0.92
CA LEU F 50 23.89 53.20 -2.03
C LEU F 50 22.94 53.92 -3.00
N ASN F 51 22.67 55.20 -2.79
CA ASN F 51 21.68 55.96 -3.61
C ASN F 51 22.02 57.45 -3.57
N PRO F 52 22.99 57.92 -4.37
CA PRO F 52 23.80 57.11 -5.27
C PRO F 52 24.97 56.42 -4.55
N ILE F 53 25.48 55.35 -5.13
CA ILE F 53 26.72 54.64 -4.65
C ILE F 53 27.86 55.66 -4.57
N ASN F 54 28.46 55.81 -3.38
CA ASN F 54 29.57 56.75 -3.15
C ASN F 54 30.87 55.99 -2.82
N ASP F 55 30.82 54.66 -2.89
CA ASP F 55 32.00 53.74 -2.80
C ASP F 55 32.43 53.56 -1.32
N THR F 56 31.69 54.09 -0.34
CA THR F 56 32.01 53.86 1.11
C THR F 56 31.43 52.53 1.53
N VAL F 57 30.44 52.02 0.80
CA VAL F 57 29.66 50.81 1.12
C VAL F 57 29.60 49.96 -0.15
N LYS F 58 30.20 48.76 -0.06
CA LYS F 58 30.38 47.87 -1.23
C LYS F 58 29.72 46.52 -0.94
N SER F 59 28.74 46.51 -0.04
CA SER F 59 27.85 45.34 0.17
C SER F 59 26.47 45.85 0.51
N ALA F 60 25.48 45.02 0.26
CA ALA F 60 24.07 45.29 0.59
C ALA F 60 23.49 43.98 1.08
N ILE F 61 22.85 43.98 2.25
CA ILE F 61 22.38 42.75 2.91
C ILE F 61 20.90 42.87 3.22
N VAL F 62 20.14 41.84 2.87
CA VAL F 62 18.75 41.65 3.30
C VAL F 62 18.68 40.38 4.12
N PHE F 63 18.36 40.51 5.41
CA PHE F 63 18.19 39.39 6.38
C PHE F 63 16.70 39.11 6.57
N LEU F 64 16.25 37.91 6.25
CA LEU F 64 14.89 37.44 6.59
C LEU F 64 15.03 36.38 7.68
N ARG F 65 14.39 36.63 8.81
CA ARG F 65 14.43 35.73 9.98
C ARG F 65 13.01 35.21 10.18
N PHE F 66 12.88 33.91 10.43
CA PHE F 66 11.58 33.25 10.57
C PHE F 66 11.57 32.42 11.85
N ASP F 67 10.42 32.43 12.52
CA ASP F 67 10.21 31.63 13.73
C ASP F 67 9.94 30.17 13.31
N SER F 68 9.62 29.30 14.25
CA SER F 68 9.49 27.85 13.98
C SER F 68 8.19 27.58 13.17
N ASP F 69 7.32 28.56 13.01
CA ASP F 69 6.09 28.46 12.17
C ASP F 69 6.35 29.05 10.78
N GLY F 70 7.57 29.53 10.52
CA GLY F 70 7.93 30.15 9.25
C GLY F 70 7.36 31.54 9.12
N VAL F 71 6.98 32.16 10.23
CA VAL F 71 6.44 33.55 10.28
C VAL F 71 7.62 34.52 10.36
N LEU F 72 7.60 35.58 9.54
CA LEU F 72 8.67 36.58 9.47
C LEU F 72 8.78 37.29 10.82
N MET F 73 9.99 37.40 11.36
CA MET F 73 10.23 38.00 12.68
C MET F 73 10.59 39.49 12.51
N SER F 74 10.29 40.29 13.55
N SER F 74 10.30 40.28 13.56
CA SER F 74 10.40 41.78 13.54
CA SER F 74 10.40 41.77 13.56
C SER F 74 11.81 42.21 13.17
C SER F 74 11.82 42.21 13.17
N ASN F 75 12.85 41.49 13.62
CA ASN F 75 14.26 41.89 13.41
C ASN F 75 14.73 41.51 11.99
N SER F 76 13.88 41.57 10.98
CA SER F 76 14.22 41.27 9.57
C SER F 76 14.41 42.61 8.84
N SER F 77 15.17 42.61 7.76
CA SER F 77 15.39 43.80 6.88
C SER F 77 14.06 44.24 6.26
N MET F 78 13.17 43.30 6.00
CA MET F 78 11.90 43.49 5.28
C MET F 78 10.75 43.60 6.26
N VAL F 79 9.84 44.53 6.01
CA VAL F 79 8.54 44.68 6.73
C VAL F 79 7.60 43.55 6.31
N GLY F 80 6.77 43.05 7.22
CA GLY F 80 5.87 41.90 7.01
C GLY F 80 4.49 42.27 6.47
N ASP F 81 4.18 43.57 6.29
CA ASP F 81 2.80 44.03 5.98
C ASP F 81 2.27 43.31 4.72
N TYR F 82 3.09 43.21 3.66
CA TYR F 82 2.72 42.56 2.38
C TYR F 82 3.68 41.41 2.09
N TRP F 83 4.01 40.65 3.13
CA TRP F 83 4.67 39.32 3.03
C TRP F 83 3.65 38.26 3.41
N ASN F 84 3.09 37.57 2.43
CA ASN F 84 1.95 36.66 2.68
C ASN F 84 1.72 35.79 1.45
N PHE F 85 0.84 34.81 1.59
CA PHE F 85 0.38 33.95 0.49
C PHE F 85 -0.32 34.82 -0.55
N ARG F 86 -0.19 34.43 -1.81
CA ARG F 86 -0.72 35.19 -2.95
C ARG F 86 -2.25 35.17 -2.93
N GLU F 87 -2.86 36.29 -3.30
CA GLU F 87 -4.28 36.37 -3.73
C GLU F 87 -4.32 37.35 -4.90
N GLY F 88 -4.56 36.85 -6.12
CA GLY F 88 -4.47 37.64 -7.36
C GLY F 88 -3.08 38.26 -7.50
N GLN F 89 -3.01 39.58 -7.65
CA GLN F 89 -1.73 40.34 -7.74
C GLN F 89 -1.30 40.86 -6.37
N THR F 90 -1.95 40.45 -5.27
CA THR F 90 -1.65 41.01 -3.94
C THR F 90 -1.49 39.85 -2.94
N THR F 91 -1.70 40.11 -1.67
CA THR F 91 -1.58 39.11 -0.58
C THR F 91 -2.97 38.83 -0.03
N GLN F 92 -3.19 37.63 0.52
CA GLN F 92 -4.36 37.34 1.38
C GLN F 92 -4.48 38.44 2.43
N SER F 93 -5.69 38.77 2.87
CA SER F 93 -5.94 39.83 3.85
C SER F 93 -5.54 39.41 5.27
N VAL F 94 -5.58 38.11 5.60
CA VAL F 94 -5.22 37.61 6.97
C VAL F 94 -3.75 37.13 6.97
N ALA F 95 -2.94 37.62 7.92
CA ALA F 95 -1.53 37.22 8.11
C ALA F 95 -1.47 35.69 8.24
N TYR F 96 -0.56 35.03 7.52
CA TYR F 96 -0.41 33.57 7.60
C TYR F 96 0.11 33.19 9.00
N THR F 97 -0.25 32.00 9.47
CA THR F 97 0.20 31.48 10.80
C THR F 97 1.22 30.36 10.60
N ASN F 98 1.35 29.79 9.40
CA ASN F 98 2.31 28.69 9.15
C ASN F 98 2.76 28.67 7.70
N ALA F 99 4.06 28.74 7.46
CA ALA F 99 4.69 28.59 6.14
C ALA F 99 5.91 27.68 6.25
N VAL F 100 5.85 26.63 7.08
CA VAL F 100 7.04 25.76 7.27
C VAL F 100 7.38 25.09 5.94
N GLY F 101 6.36 24.86 5.08
CA GLY F 101 6.53 24.32 3.73
C GLY F 101 7.43 25.18 2.84
N PHE F 102 7.70 26.43 3.22
CA PHE F 102 8.54 27.36 2.46
C PHE F 102 9.89 27.57 3.14
N MET F 103 10.10 26.98 4.31
CA MET F 103 11.33 27.26 5.09
C MET F 103 12.45 26.37 4.57
N PRO F 104 13.71 26.85 4.59
CA PRO F 104 14.84 26.04 4.16
C PRO F 104 15.09 24.87 5.11
N ASN F 105 15.21 23.69 4.51
CA ASN F 105 15.38 22.39 5.20
C ASN F 105 16.56 22.49 6.19
N LEU F 106 16.33 22.16 7.47
CA LEU F 106 17.40 22.27 8.49
C LEU F 106 18.38 21.08 8.41
N GLY F 107 18.00 19.99 7.72
CA GLY F 107 18.94 18.89 7.40
C GLY F 107 19.90 19.32 6.31
N ALA F 108 19.39 19.87 5.21
CA ALA F 108 20.21 20.33 4.06
C ALA F 108 21.06 21.53 4.48
N TYR F 109 20.48 22.45 5.27
CA TYR F 109 21.09 23.74 5.59
C TYR F 109 21.05 23.90 7.12
N PRO F 110 21.91 23.19 7.86
CA PRO F 110 21.82 23.19 9.32
C PRO F 110 22.30 24.51 9.93
N LYS F 111 21.77 24.88 11.08
CA LYS F 111 22.28 26.06 11.83
C LYS F 111 23.60 25.75 12.53
N THR F 112 24.76 25.92 11.92
CA THR F 112 26.08 25.50 12.50
C THR F 112 26.91 26.74 12.78
N GLN F 113 27.90 26.62 13.65
CA GLN F 113 28.73 27.78 14.10
C GLN F 113 29.87 28.01 13.07
N SER F 114 30.27 26.96 12.39
CA SER F 114 31.32 26.99 11.34
C SER F 114 30.65 27.26 9.99
N LYS F 115 31.31 28.01 9.11
CA LYS F 115 30.92 28.26 7.70
C LYS F 115 30.80 26.92 6.94
N THR F 116 29.61 26.65 6.42
CA THR F 116 29.24 25.42 5.66
C THR F 116 28.80 25.84 4.25
N PRO F 117 29.65 25.60 3.22
CA PRO F 117 29.36 26.16 1.88
C PRO F 117 27.99 25.73 1.33
N LYS F 118 27.53 24.52 1.63
CA LYS F 118 26.24 23.96 1.13
C LYS F 118 25.05 24.84 1.56
N ASN F 119 25.17 25.58 2.66
CA ASN F 119 24.10 26.47 3.18
C ASN F 119 23.87 27.65 2.22
N SER F 120 24.82 27.92 1.34
CA SER F 120 24.76 29.12 0.46
C SER F 120 24.69 28.74 -1.01
N ILE F 121 24.13 29.68 -1.78
CA ILE F 121 24.27 29.76 -3.26
C ILE F 121 25.09 31.00 -3.55
N VAL F 122 26.18 30.88 -4.31
CA VAL F 122 27.03 32.05 -4.62
C VAL F 122 27.18 32.15 -6.14
N SER F 123 26.83 33.32 -6.69
CA SER F 123 26.75 33.52 -8.16
C SER F 123 27.27 34.91 -8.54
N GLN F 124 27.87 35.00 -9.73
CA GLN F 124 28.24 36.30 -10.32
C GLN F 124 26.99 36.95 -10.92
N VAL F 125 26.75 38.18 -10.55
CA VAL F 125 25.64 39.02 -11.13
C VAL F 125 26.23 40.38 -11.51
N TYR F 126 25.40 41.31 -11.95
CA TYR F 126 25.84 42.59 -12.54
C TYR F 126 25.04 43.74 -11.92
N LEU F 127 25.76 44.70 -11.39
CA LEU F 127 25.17 45.93 -10.82
C LEU F 127 24.39 46.66 -11.91
N ASN F 128 23.08 46.84 -11.70
CA ASN F 128 22.19 47.55 -12.65
C ASN F 128 22.15 46.83 -13.98
N GLY F 129 22.49 45.54 -14.05
CA GLY F 129 22.50 44.78 -15.32
C GLY F 129 23.61 45.22 -16.25
N GLU F 130 24.58 46.00 -15.75
CA GLU F 130 25.73 46.48 -16.54
C GLU F 130 26.85 45.41 -16.49
N THR F 131 27.21 44.90 -17.66
CA THR F 131 28.10 43.73 -17.77
C THR F 131 29.54 44.16 -17.46
N THR F 132 29.85 45.45 -17.37
CA THR F 132 31.19 45.94 -16.96
C THR F 132 31.24 46.09 -15.44
N MET F 133 30.17 45.75 -14.71
CA MET F 133 30.07 46.03 -13.24
C MET F 133 29.73 44.73 -12.50
N PRO F 134 30.70 43.79 -12.45
CA PRO F 134 30.48 42.51 -11.81
C PRO F 134 30.32 42.62 -10.30
N MET F 135 29.48 41.73 -9.76
N MET F 135 29.48 41.73 -9.76
CA MET F 135 28.98 41.72 -8.37
CA MET F 135 28.99 41.71 -8.37
C MET F 135 28.84 40.23 -7.99
C MET F 135 28.84 40.23 -8.00
N THR F 136 28.88 39.89 -6.71
CA THR F 136 28.51 38.54 -6.24
C THR F 136 27.22 38.65 -5.46
N LEU F 137 26.31 37.71 -5.64
CA LEU F 137 25.19 37.48 -4.73
C LEU F 137 25.46 36.17 -3.95
N THR F 138 25.42 36.25 -2.65
CA THR F 138 25.44 35.07 -1.73
C THR F 138 24.06 34.97 -1.08
N ILE F 139 23.35 33.87 -1.33
CA ILE F 139 22.08 33.55 -0.63
C ILE F 139 22.42 32.47 0.40
N THR F 140 22.21 32.75 1.67
CA THR F 140 22.55 31.84 2.76
C THR F 140 21.25 31.42 3.45
N PHE F 141 21.09 30.10 3.59
CA PHE F 141 19.96 29.47 4.30
C PHE F 141 20.40 29.14 5.71
N ASN F 142 19.62 29.59 6.68
CA ASN F 142 19.77 29.18 8.10
C ASN F 142 21.18 29.52 8.59
N GLY F 143 21.73 30.66 8.20
CA GLY F 143 23.11 31.04 8.55
C GLY F 143 23.24 31.46 10.01
N THR F 144 24.44 31.28 10.62
CA THR F 144 24.69 31.62 12.05
C THR F 144 25.50 32.93 12.13
N ASP F 145 25.07 33.83 13.01
CA ASP F 145 25.51 35.24 13.11
C ASP F 145 26.15 35.39 14.49
N GLU F 146 27.25 36.15 14.62
CA GLU F 146 27.90 36.39 15.93
C GLU F 146 26.90 37.15 16.84
N LYS F 147 26.13 38.09 16.27
CA LYS F 147 25.11 38.87 16.99
C LYS F 147 24.05 37.90 17.51
N ASP F 148 23.84 37.89 18.81
CA ASP F 148 22.90 36.95 19.52
C ASP F 148 21.49 37.61 19.61
N THR F 149 20.87 37.74 18.45
CA THR F 149 19.58 38.47 18.28
C THR F 149 18.53 37.74 19.11
N THR F 150 17.71 38.52 19.86
CA THR F 150 16.51 38.01 20.60
C THR F 150 15.23 38.56 19.94
N PRO F 151 14.20 37.71 19.67
CA PRO F 151 14.26 36.27 19.93
C PRO F 151 15.11 35.58 18.83
N VAL F 152 15.52 34.34 19.05
CA VAL F 152 16.36 33.54 18.11
C VAL F 152 15.50 33.09 16.93
N SER F 153 16.02 33.17 15.71
CA SER F 153 15.26 32.68 14.52
C SER F 153 15.46 31.17 14.41
N THR F 154 14.47 30.43 13.91
CA THR F 154 14.57 28.97 13.62
C THR F 154 15.11 28.79 12.19
N TYR F 155 14.61 29.61 11.26
CA TYR F 155 15.00 29.61 9.85
C TYR F 155 15.46 31.02 9.46
N SER F 156 16.30 31.10 8.46
CA SER F 156 16.74 32.42 7.94
C SER F 156 17.08 32.30 6.46
N MET F 157 16.97 33.42 5.78
CA MET F 157 17.39 33.56 4.37
C MET F 157 18.05 34.95 4.24
N THR F 158 19.33 34.96 3.92
CA THR F 158 20.17 36.17 3.88
C THR F 158 20.63 36.35 2.44
N PHE F 159 20.44 37.55 1.90
CA PHE F 159 20.89 37.93 0.56
C PHE F 159 21.98 38.98 0.73
N THR F 160 23.19 38.65 0.34
CA THR F 160 24.36 39.53 0.46
C THR F 160 24.91 39.81 -0.95
N TRP F 161 24.80 41.05 -1.39
CA TRP F 161 25.45 41.55 -2.63
C TRP F 161 26.75 42.23 -2.25
N GLN F 162 27.83 41.91 -2.95
CA GLN F 162 29.17 42.48 -2.71
C GLN F 162 29.83 42.78 -4.04
N TRP F 163 30.62 43.85 -4.08
CA TRP F 163 31.35 44.24 -5.31
C TRP F 163 32.63 44.96 -4.91
N THR F 164 33.59 45.07 -5.83
CA THR F 164 34.90 45.72 -5.54
C THR F 164 35.03 47.02 -6.36
N GLY F 165 34.22 47.20 -7.39
CA GLY F 165 34.34 48.38 -8.28
C GLY F 165 34.11 49.71 -7.54
N ASP F 166 34.64 50.78 -8.09
CA ASP F 166 34.38 52.19 -7.67
C ASP F 166 33.47 52.84 -8.72
N TYR F 167 32.33 53.38 -8.30
CA TYR F 167 31.27 53.88 -9.21
C TYR F 167 30.82 55.30 -8.84
N LYS F 168 31.50 56.00 -7.93
CA LYS F 168 30.98 57.25 -7.34
C LYS F 168 30.68 58.30 -8.44
N ASP F 169 31.53 58.40 -9.46
CA ASP F 169 31.36 59.46 -10.50
C ASP F 169 30.22 59.10 -11.44
N LYS F 170 29.66 57.90 -11.37
CA LYS F 170 28.64 57.43 -12.33
C LYS F 170 27.22 57.68 -11.84
N ASN F 171 27.04 58.19 -10.61
CA ASN F 171 25.71 58.53 -10.02
C ASN F 171 24.73 57.37 -10.27
N ILE F 172 25.13 56.19 -9.82
CA ILE F 172 24.42 54.91 -9.98
C ILE F 172 23.68 54.61 -8.66
N THR F 173 22.41 54.30 -8.74
CA THR F 173 21.63 53.78 -7.57
C THR F 173 21.75 52.25 -7.54
N PHE F 174 22.06 51.69 -6.37
CA PHE F 174 22.14 50.23 -6.20
C PHE F 174 20.81 49.60 -6.58
N ALA F 175 20.83 48.74 -7.59
CA ALA F 175 19.64 47.94 -7.99
C ALA F 175 20.12 46.70 -8.71
N THR F 176 19.37 45.62 -8.58
CA THR F 176 19.78 44.30 -9.12
C THR F 176 18.83 43.85 -10.20
N ASN F 177 19.34 42.96 -11.04
CA ASN F 177 18.53 42.13 -11.96
C ASN F 177 17.72 41.14 -11.15
N SER F 178 16.63 40.65 -11.69
CA SER F 178 15.93 39.49 -11.12
C SER F 178 16.89 38.29 -11.12
N PHE F 179 16.83 37.49 -10.05
CA PHE F 179 17.76 36.35 -9.84
C PHE F 179 16.94 35.15 -9.40
N THR F 180 17.13 34.04 -10.09
CA THR F 180 16.45 32.75 -9.86
C THR F 180 17.32 31.84 -8.98
N PHE F 181 16.69 31.13 -8.08
CA PHE F 181 17.38 30.15 -7.18
C PHE F 181 16.36 29.14 -6.71
N SER F 182 16.85 28.09 -6.03
CA SER F 182 15.98 27.05 -5.42
C SER F 182 16.64 26.50 -4.19
N TYR F 183 15.86 25.88 -3.34
CA TYR F 183 16.36 25.20 -2.11
C TYR F 183 15.36 24.15 -1.68
N MET F 184 15.84 23.17 -0.93
CA MET F 184 14.98 22.13 -0.36
C MET F 184 14.16 22.71 0.77
N ALA F 185 12.87 22.39 0.78
CA ALA F 185 11.89 22.86 1.79
C ALA F 185 11.98 21.96 3.04
N GLN F 186 11.66 22.52 4.19
CA GLN F 186 11.65 21.80 5.49
C GLN F 186 10.59 20.69 5.45
N GLU F 187 9.41 20.97 4.90
CA GLU F 187 8.35 19.93 4.74
C GLU F 187 7.60 20.15 3.43
N LYS G 1 -2.86 -12.94 15.77
CA LYS G 1 -2.34 -14.35 15.77
C LYS G 1 -3.35 -15.21 15.00
N LEU G 2 -3.56 -16.45 15.42
CA LEU G 2 -4.38 -17.44 14.68
C LEU G 2 -5.76 -17.58 15.32
N THR G 3 -6.07 -16.84 16.39
CA THR G 3 -7.45 -16.75 16.94
C THR G 3 -7.97 -15.30 16.97
N LEU G 4 -9.13 -15.11 16.39
CA LEU G 4 -9.91 -13.85 16.44
C LEU G 4 -11.23 -14.17 17.18
N TRP G 5 -11.48 -13.53 18.31
CA TRP G 5 -12.63 -13.92 19.15
C TRP G 5 -13.24 -12.76 19.92
N THR G 6 -14.38 -13.05 20.57
CA THR G 6 -15.16 -12.17 21.45
C THR G 6 -14.65 -12.22 22.88
N THR G 7 -13.56 -12.96 23.13
CA THR G 7 -13.20 -13.57 24.43
C THR G 7 -14.18 -14.70 24.73
N PRO G 8 -13.78 -15.67 25.59
CA PRO G 8 -14.59 -16.87 25.78
C PRO G 8 -15.85 -16.64 26.61
N ASP G 9 -15.83 -15.58 27.43
CA ASP G 9 -16.90 -15.25 28.39
C ASP G 9 -17.21 -13.75 28.25
N PRO G 10 -17.75 -13.31 27.10
CA PRO G 10 -18.01 -11.89 26.89
C PRO G 10 -19.08 -11.32 27.83
N SER G 11 -18.94 -10.05 28.20
CA SER G 11 -20.05 -9.20 28.70
C SER G 11 -21.08 -9.05 27.58
N PRO G 12 -22.32 -8.60 27.89
CA PRO G 12 -23.29 -8.29 26.85
C PRO G 12 -22.64 -7.40 25.78
N ASN G 13 -22.63 -7.88 24.54
CA ASN G 13 -21.78 -7.32 23.47
C ASN G 13 -22.55 -7.31 22.14
N CYS G 14 -23.83 -7.60 22.17
CA CYS G 14 -24.58 -7.91 20.94
C CYS G 14 -26.03 -7.44 21.04
N GLN G 15 -26.57 -6.98 19.91
CA GLN G 15 -28.00 -6.61 19.79
C GLN G 15 -28.73 -7.72 19.04
N LEU G 16 -29.69 -8.38 19.71
CA LEU G 16 -30.71 -9.21 19.03
C LEU G 16 -31.91 -8.33 18.70
N LEU G 17 -32.40 -7.58 19.69
CA LEU G 17 -33.52 -6.63 19.48
C LEU G 17 -33.12 -5.23 19.89
N SER G 18 -32.31 -5.06 20.92
CA SER G 18 -31.86 -3.72 21.40
C SER G 18 -30.42 -3.78 21.86
N ASP G 19 -29.81 -2.60 22.08
CA ASP G 19 -28.35 -2.49 22.34
C ASP G 19 -27.92 -3.43 23.48
N ARG G 20 -26.91 -4.24 23.24
CA ARG G 20 -26.23 -5.08 24.26
C ARG G 20 -27.26 -5.86 25.09
N ASP G 21 -28.24 -6.48 24.41
CA ASP G 21 -29.30 -7.28 25.05
C ASP G 21 -28.88 -8.76 25.10
N ALA G 22 -27.68 -9.09 24.62
CA ALA G 22 -27.25 -10.49 24.45
C ALA G 22 -25.75 -10.62 24.53
N LYS G 23 -25.31 -11.83 24.95
CA LYS G 23 -23.89 -12.25 24.90
C LYS G 23 -23.72 -13.14 23.67
N PHE G 24 -22.90 -12.66 22.74
CA PHE G 24 -22.56 -13.38 21.50
C PHE G 24 -21.11 -13.85 21.64
N THR G 25 -20.91 -15.17 21.66
CA THR G 25 -19.57 -15.78 21.74
C THR G 25 -19.20 -16.32 20.38
N LEU G 26 -18.06 -15.90 19.85
CA LEU G 26 -17.59 -16.37 18.53
C LEU G 26 -16.07 -16.49 18.60
N CYS G 27 -15.57 -17.69 18.31
CA CYS G 27 -14.13 -17.97 18.22
C CYS G 27 -13.84 -18.42 16.80
N LEU G 28 -13.01 -17.67 16.10
CA LEU G 28 -12.52 -18.01 14.73
C LEU G 28 -11.06 -18.40 14.84
N THR G 29 -10.75 -19.65 14.52
CA THR G 29 -9.37 -20.17 14.58
C THR G 29 -8.88 -20.43 13.16
N LYS G 30 -7.81 -19.78 12.75
CA LYS G 30 -7.26 -19.91 11.39
C LYS G 30 -6.47 -21.22 11.27
N CYS G 31 -6.97 -22.15 10.49
CA CYS G 31 -6.27 -23.40 10.14
C CYS G 31 -5.85 -23.29 8.66
N GLY G 32 -4.91 -22.39 8.33
CA GLY G 32 -4.49 -22.16 6.94
C GLY G 32 -5.68 -21.75 6.08
N SER G 33 -6.04 -22.59 5.09
CA SER G 33 -7.07 -22.31 4.07
C SER G 33 -8.47 -22.23 4.68
N GLN G 34 -8.70 -22.78 5.87
CA GLN G 34 -10.04 -22.85 6.48
C GLN G 34 -10.01 -22.23 7.84
N ILE G 35 -11.09 -21.57 8.17
CA ILE G 35 -11.36 -21.05 9.53
C ILE G 35 -12.27 -22.06 10.22
N LEU G 36 -11.92 -22.42 11.45
CA LEU G 36 -12.73 -23.24 12.34
C LEU G 36 -13.44 -22.29 13.31
N GLY G 37 -14.75 -22.37 13.37
CA GLY G 37 -15.56 -21.51 14.23
C GLY G 37 -16.38 -22.26 15.25
N THR G 38 -16.55 -21.66 16.41
CA THR G 38 -17.58 -22.09 17.38
C THR G 38 -18.33 -20.82 17.83
N VAL G 39 -19.64 -20.93 17.86
CA VAL G 39 -20.55 -19.79 18.12
C VAL G 39 -21.60 -20.21 19.12
N ALA G 40 -21.98 -19.28 19.98
CA ALA G 40 -23.14 -19.39 20.87
C ALA G 40 -23.71 -18.00 21.11
N VAL G 41 -24.98 -17.94 21.45
CA VAL G 41 -25.61 -16.65 21.82
C VAL G 41 -26.61 -16.91 22.95
N ALA G 42 -26.77 -15.92 23.82
CA ALA G 42 -27.77 -15.98 24.91
C ALA G 42 -28.32 -14.57 25.16
N ALA G 43 -29.65 -14.44 25.14
CA ALA G 43 -30.34 -13.21 25.55
C ALA G 43 -30.08 -13.00 27.03
N VAL G 44 -29.77 -11.79 27.47
N VAL G 44 -29.76 -11.80 27.46
CA VAL G 44 -29.53 -11.53 28.94
CA VAL G 44 -29.51 -11.45 28.88
C VAL G 44 -30.48 -10.46 29.50
C VAL G 44 -30.65 -10.57 29.42
N THR G 45 -30.97 -9.49 28.70
N THR G 45 -30.92 -9.45 28.73
CA THR G 45 -31.96 -8.50 29.15
CA THR G 45 -31.99 -8.49 29.10
C THR G 45 -33.36 -9.17 29.21
C THR G 45 -33.32 -9.25 29.24
N VAL G 46 -34.00 -9.12 30.37
CA VAL G 46 -35.34 -9.72 30.56
C VAL G 46 -36.36 -8.66 30.12
N GLY G 47 -37.34 -9.08 29.35
CA GLY G 47 -38.62 -8.40 29.16
C GLY G 47 -38.84 -8.11 27.69
N SER G 48 -37.81 -8.25 26.85
CA SER G 48 -37.85 -8.28 25.39
C SER G 48 -38.64 -9.50 24.90
N ALA G 49 -39.00 -9.42 23.62
CA ALA G 49 -39.74 -10.43 22.90
C ALA G 49 -38.97 -11.75 22.84
N LEU G 50 -37.68 -11.77 23.17
CA LEU G 50 -36.89 -13.04 23.12
C LEU G 50 -36.48 -13.48 24.52
N ASN G 51 -36.95 -12.79 25.56
CA ASN G 51 -36.51 -13.14 26.94
C ASN G 51 -37.49 -12.64 27.95
N PRO G 52 -38.64 -13.32 28.20
CA PRO G 52 -39.00 -14.54 27.54
C PRO G 52 -39.59 -14.42 26.14
N ILE G 53 -39.42 -15.47 25.32
CA ILE G 53 -40.03 -15.55 23.97
C ILE G 53 -41.55 -15.36 24.11
N ASN G 54 -42.13 -14.35 23.44
CA ASN G 54 -43.59 -14.06 23.51
C ASN G 54 -44.24 -14.29 22.13
N ASP G 55 -43.50 -14.81 21.17
CA ASP G 55 -43.96 -15.30 19.85
C ASP G 55 -44.24 -14.11 18.90
N THR G 56 -43.85 -12.89 19.25
CA THR G 56 -43.97 -11.72 18.32
C THR G 56 -42.79 -11.72 17.36
N VAL G 57 -41.70 -12.42 17.68
CA VAL G 57 -40.54 -12.58 16.75
C VAL G 57 -40.03 -14.01 16.85
N LYS G 58 -39.85 -14.68 15.70
CA LYS G 58 -39.45 -16.10 15.63
C LYS G 58 -38.16 -16.26 14.83
N SER G 59 -37.32 -15.22 14.86
CA SER G 59 -35.94 -15.25 14.36
C SER G 59 -35.08 -14.41 15.29
N ALA G 60 -33.80 -14.71 15.31
CA ALA G 60 -32.77 -13.97 16.04
C ALA G 60 -31.57 -13.90 15.12
N ILE G 61 -31.07 -12.70 14.83
CA ILE G 61 -30.04 -12.48 13.78
C ILE G 61 -28.86 -11.75 14.41
N VAL G 62 -27.66 -12.20 14.13
CA VAL G 62 -26.40 -11.49 14.42
C VAL G 62 -25.70 -11.28 13.08
N PHE G 63 -25.58 -10.01 12.65
CA PHE G 63 -24.92 -9.62 11.38
C PHE G 63 -23.57 -9.02 11.70
N LEU G 64 -22.53 -9.58 11.12
CA LEU G 64 -21.15 -9.03 11.22
C LEU G 64 -20.77 -8.55 9.82
N ARG G 65 -20.46 -7.25 9.70
CA ARG G 65 -19.97 -6.64 8.46
C ARG G 65 -18.52 -6.24 8.64
N PHE G 66 -17.72 -6.49 7.62
CA PHE G 66 -16.26 -6.23 7.64
C PHE G 66 -15.86 -5.41 6.42
N ASP G 67 -14.93 -4.50 6.63
CA ASP G 67 -14.37 -3.66 5.56
C ASP G 67 -13.33 -4.48 4.79
N SER G 68 -12.64 -3.85 3.84
CA SER G 68 -11.70 -4.58 2.94
C SER G 68 -10.46 -5.04 3.70
N ASP G 69 -10.25 -4.56 4.93
CA ASP G 69 -9.13 -5.00 5.81
C ASP G 69 -9.62 -6.07 6.80
N GLY G 70 -10.88 -6.49 6.70
CA GLY G 70 -11.48 -7.47 7.61
C GLY G 70 -11.75 -6.89 9.01
N VAL G 71 -11.82 -5.56 9.11
CA VAL G 71 -12.13 -4.84 10.37
C VAL G 71 -13.66 -4.74 10.52
N LEU G 72 -14.17 -5.05 11.72
CA LEU G 72 -15.63 -5.05 12.00
C LEU G 72 -16.16 -3.62 11.81
N MET G 73 -17.25 -3.48 11.06
CA MET G 73 -17.85 -2.15 10.76
C MET G 73 -18.96 -1.83 11.77
N SER G 74 -19.25 -0.53 11.92
N SER G 74 -19.24 -0.52 11.91
CA SER G 74 -20.25 0.05 12.85
CA SER G 74 -20.25 0.07 12.82
C SER G 74 -21.63 -0.60 12.63
C SER G 74 -21.62 -0.60 12.63
N ASN G 75 -22.00 -0.92 11.40
CA ASN G 75 -23.37 -1.45 11.12
C ASN G 75 -23.38 -2.96 11.33
N SER G 76 -22.84 -3.42 12.46
CA SER G 76 -22.83 -4.84 12.90
C SER G 76 -23.70 -4.96 14.16
N SER G 77 -24.28 -6.13 14.40
CA SER G 77 -25.06 -6.47 15.62
C SER G 77 -24.15 -6.46 16.85
N MET G 78 -22.88 -6.79 16.66
CA MET G 78 -21.89 -6.96 17.77
C MET G 78 -21.04 -5.71 17.87
N VAL G 79 -20.78 -5.27 19.09
CA VAL G 79 -19.81 -4.20 19.46
C VAL G 79 -18.38 -4.73 19.24
N GLY G 80 -17.46 -3.89 18.79
CA GLY G 80 -16.09 -4.32 18.42
C GLY G 80 -15.08 -4.20 19.56
N ASP G 81 -15.45 -3.70 20.74
CA ASP G 81 -14.39 -3.33 21.74
C ASP G 81 -13.55 -4.57 22.16
N TYR G 82 -14.18 -5.74 22.29
CA TYR G 82 -13.51 -7.02 22.64
C TYR G 82 -13.75 -8.05 21.52
N TRP G 83 -13.69 -7.58 20.28
CA TRP G 83 -13.51 -8.41 19.05
C TRP G 83 -12.09 -8.20 18.55
N ASN G 84 -11.19 -9.15 18.79
CA ASN G 84 -9.76 -8.93 18.53
C ASN G 84 -9.02 -10.27 18.62
N PHE G 85 -7.76 -10.27 18.24
CA PHE G 85 -6.87 -11.43 18.34
C PHE G 85 -6.71 -11.77 19.82
N ARG G 86 -6.56 -13.06 20.11
CA ARG G 86 -6.48 -13.60 21.48
C ARG G 86 -5.20 -13.12 22.16
N GLU G 87 -5.28 -12.79 23.45
CA GLU G 87 -4.11 -12.71 24.37
C GLU G 87 -4.57 -13.30 25.70
N GLY G 88 -4.06 -14.48 26.05
CA GLY G 88 -4.50 -15.25 27.22
C GLY G 88 -5.99 -15.53 27.13
N GLN G 89 -6.75 -15.15 28.16
CA GLN G 89 -8.24 -15.31 28.17
C GLN G 89 -8.94 -14.04 27.67
N THR G 90 -8.21 -13.07 27.13
CA THR G 90 -8.84 -11.78 26.70
C THR G 90 -8.37 -11.46 25.27
N THR G 91 -8.39 -10.18 24.91
CA THR G 91 -7.99 -9.70 23.57
C THR G 91 -6.68 -8.92 23.71
N GLN G 92 -5.88 -8.87 22.65
CA GLN G 92 -4.71 -7.97 22.60
C GLN G 92 -5.23 -6.53 22.81
N SER G 93 -4.42 -5.66 23.35
CA SER G 93 -4.85 -4.32 23.85
C SER G 93 -5.04 -3.34 22.66
N VAL G 94 -4.33 -3.54 21.55
CA VAL G 94 -4.45 -2.66 20.35
C VAL G 94 -5.42 -3.28 19.34
N ALA G 95 -6.42 -2.52 18.89
CA ALA G 95 -7.41 -2.93 17.85
C ALA G 95 -6.65 -3.43 16.62
N TYR G 96 -7.03 -4.59 16.07
CA TYR G 96 -6.37 -5.13 14.87
C TYR G 96 -6.68 -4.20 13.67
N THR G 97 -5.75 -4.13 12.72
CA THR G 97 -5.89 -3.31 11.50
C THR G 97 -6.09 -4.22 10.28
N ASN G 98 -5.84 -5.54 10.39
CA ASN G 98 -6.03 -6.47 9.24
C ASN G 98 -6.37 -7.87 9.74
N ALA G 99 -7.48 -8.43 9.28
CA ALA G 99 -7.89 -9.84 9.53
C ALA G 99 -8.40 -10.46 8.23
N VAL G 100 -7.80 -10.14 7.09
CA VAL G 100 -8.28 -10.69 5.79
C VAL G 100 -8.11 -12.20 5.81
N GLY G 101 -7.09 -12.71 6.55
CA GLY G 101 -6.88 -14.17 6.72
C GLY G 101 -8.05 -14.88 7.38
N PHE G 102 -8.96 -14.14 8.02
CA PHE G 102 -10.14 -14.70 8.70
C PHE G 102 -11.42 -14.45 7.90
N MET G 103 -11.35 -13.71 6.80
CA MET G 103 -12.56 -13.32 6.07
C MET G 103 -13.00 -14.46 5.16
N PRO G 104 -14.32 -14.63 4.95
CA PRO G 104 -14.83 -15.65 4.05
C PRO G 104 -14.44 -15.40 2.61
N ASN G 105 -13.89 -16.42 1.96
CA ASN G 105 -13.37 -16.36 0.58
C ASN G 105 -14.44 -15.82 -0.37
N LEU G 106 -14.14 -14.76 -1.12
CA LEU G 106 -15.12 -14.12 -2.03
C LEU G 106 -15.29 -14.95 -3.31
N GLY G 107 -14.37 -15.87 -3.61
CA GLY G 107 -14.53 -16.82 -4.72
C GLY G 107 -15.53 -17.90 -4.34
N ALA G 108 -15.35 -18.51 -3.17
CA ALA G 108 -16.23 -19.56 -2.65
C ALA G 108 -17.61 -19.00 -2.33
N TYR G 109 -17.65 -17.82 -1.74
CA TYR G 109 -18.89 -17.21 -1.18
C TYR G 109 -19.01 -15.79 -1.74
N PRO G 110 -19.38 -15.64 -3.02
CA PRO G 110 -19.34 -14.32 -3.65
C PRO G 110 -20.41 -13.37 -3.05
N LYS G 111 -20.13 -12.06 -3.11
CA LYS G 111 -21.19 -11.05 -2.92
C LYS G 111 -22.04 -11.07 -4.18
N THR G 112 -23.30 -11.45 -4.06
CA THR G 112 -24.20 -11.65 -5.24
C THR G 112 -25.59 -11.18 -4.83
N GLN G 113 -26.37 -10.81 -5.82
CA GLN G 113 -27.80 -10.44 -5.67
C GLN G 113 -28.64 -11.72 -5.74
N SER G 114 -28.07 -12.82 -6.25
CA SER G 114 -28.77 -14.13 -6.41
C SER G 114 -28.65 -14.89 -5.09
N LYS G 115 -29.69 -15.57 -4.67
CA LYS G 115 -29.66 -16.50 -3.50
C LYS G 115 -28.80 -17.71 -3.89
N THR G 116 -27.68 -17.94 -3.18
CA THR G 116 -26.67 -18.97 -3.52
C THR G 116 -26.48 -19.90 -2.32
N PRO G 117 -27.02 -21.14 -2.37
CA PRO G 117 -26.95 -22.04 -1.20
C PRO G 117 -25.53 -22.24 -0.66
N LYS G 118 -24.51 -22.30 -1.52
CA LYS G 118 -23.11 -22.59 -1.07
C LYS G 118 -22.60 -21.49 -0.11
N ASN G 119 -23.15 -20.26 -0.19
CA ASN G 119 -22.75 -19.14 0.71
C ASN G 119 -23.16 -19.45 2.15
N SER G 120 -24.07 -20.39 2.38
CA SER G 120 -24.61 -20.64 3.73
C SER G 120 -24.30 -22.06 4.23
N ILE G 121 -24.31 -22.20 5.53
CA ILE G 121 -24.42 -23.50 6.26
C ILE G 121 -25.78 -23.49 6.94
N VAL G 122 -26.59 -24.52 6.70
CA VAL G 122 -27.93 -24.57 7.35
C VAL G 122 -28.06 -25.87 8.12
N SER G 123 -28.34 -25.76 9.42
CA SER G 123 -28.36 -26.95 10.33
C SER G 123 -29.53 -26.89 11.30
N GLN G 124 -30.07 -28.04 11.67
CA GLN G 124 -31.10 -28.15 12.72
C GLN G 124 -30.40 -28.09 14.08
N VAL G 125 -30.85 -27.19 14.93
CA VAL G 125 -30.36 -27.03 16.31
C VAL G 125 -31.57 -26.95 17.22
N TYR G 126 -31.33 -26.80 18.52
CA TYR G 126 -32.38 -26.95 19.55
C TYR G 126 -32.31 -25.80 20.53
N LEU G 127 -33.43 -25.12 20.68
CA LEU G 127 -33.54 -23.96 21.60
C LEU G 127 -33.27 -24.47 23.02
N ASN G 128 -32.26 -23.90 23.66
CA ASN G 128 -31.84 -24.26 25.03
C ASN G 128 -31.47 -25.76 25.13
N GLY G 129 -31.08 -26.39 24.03
CA GLY G 129 -30.68 -27.80 24.04
C GLY G 129 -31.88 -28.73 24.21
N GLU G 130 -33.10 -28.21 24.10
CA GLU G 130 -34.34 -28.99 24.25
C GLU G 130 -34.76 -29.56 22.91
N THR G 131 -34.83 -30.87 22.79
CA THR G 131 -35.12 -31.54 21.50
C THR G 131 -36.59 -31.38 21.13
N THR G 132 -37.43 -30.92 22.03
CA THR G 132 -38.85 -30.60 21.71
C THR G 132 -38.97 -29.18 21.11
N MET G 133 -37.85 -28.44 21.01
N MET G 133 -37.86 -28.45 21.01
CA MET G 133 -37.86 -27.04 20.51
CA MET G 133 -37.86 -27.04 20.51
C MET G 133 -36.87 -26.91 19.35
C MET G 133 -36.87 -26.91 19.35
N PRO G 134 -37.16 -27.57 18.21
CA PRO G 134 -36.31 -27.50 17.04
C PRO G 134 -36.26 -26.09 16.44
N MET G 135 -35.10 -25.78 15.87
N MET G 135 -35.09 -25.77 15.89
CA MET G 135 -34.69 -24.45 15.37
CA MET G 135 -34.69 -24.45 15.37
C MET G 135 -33.79 -24.72 14.17
C MET G 135 -33.79 -24.72 14.17
N THR G 136 -33.68 -23.77 13.23
CA THR G 136 -32.62 -23.80 12.21
C THR G 136 -31.64 -22.70 12.52
N LEU G 137 -30.37 -22.96 12.34
CA LEU G 137 -29.31 -21.94 12.24
C LEU G 137 -28.87 -21.86 10.79
N THR G 138 -28.92 -20.67 10.20
CA THR G 138 -28.32 -20.35 8.89
C THR G 138 -27.12 -19.44 9.13
N ILE G 139 -25.93 -19.91 8.79
CA ILE G 139 -24.70 -19.07 8.78
C ILE G 139 -24.43 -18.70 7.33
N THR G 140 -24.45 -17.42 7.01
CA THR G 140 -24.27 -16.93 5.63
C THR G 140 -22.99 -16.14 5.56
N PHE G 141 -22.15 -16.49 4.60
CA PHE G 141 -20.90 -15.78 4.27
C PHE G 141 -21.15 -14.82 3.12
N ASN G 142 -20.79 -13.55 3.30
CA ASN G 142 -20.80 -12.54 2.22
C ASN G 142 -22.18 -12.48 1.56
N GLY G 143 -23.22 -12.45 2.36
CA GLY G 143 -24.60 -12.65 1.88
C GLY G 143 -25.14 -11.49 1.06
N THR G 144 -26.06 -11.76 0.12
CA THR G 144 -26.91 -10.71 -0.46
C THR G 144 -27.30 -9.80 0.71
N ASP G 145 -27.02 -8.52 0.57
CA ASP G 145 -27.22 -7.53 1.66
C ASP G 145 -28.41 -6.67 1.27
N GLU G 146 -28.88 -5.81 2.18
CA GLU G 146 -29.89 -4.77 1.83
C GLU G 146 -29.26 -3.86 0.76
N LYS G 147 -30.01 -3.54 -0.28
CA LYS G 147 -29.54 -2.67 -1.41
C LYS G 147 -29.05 -1.31 -0.86
N ASP G 148 -29.63 -0.82 0.25
CA ASP G 148 -29.35 0.52 0.81
C ASP G 148 -28.34 0.41 1.95
N THR G 149 -27.64 -0.72 2.13
CA THR G 149 -26.67 -0.88 3.25
C THR G 149 -25.56 0.18 3.11
N THR G 150 -25.24 0.87 4.19
CA THR G 150 -24.20 1.96 4.23
C THR G 150 -23.59 2.01 5.63
N PRO G 151 -22.24 2.09 5.77
CA PRO G 151 -21.30 2.03 4.65
C PRO G 151 -21.18 0.59 4.12
N VAL G 152 -20.70 0.41 2.89
CA VAL G 152 -20.81 -0.89 2.14
C VAL G 152 -19.71 -1.85 2.66
N SER G 153 -20.06 -3.06 3.00
CA SER G 153 -19.11 -4.07 3.59
C SER G 153 -18.41 -4.77 2.42
N THR G 154 -17.17 -5.25 2.61
CA THR G 154 -16.46 -6.11 1.63
C THR G 154 -16.77 -7.58 1.94
N TYR G 155 -16.82 -7.92 3.22
CA TYR G 155 -17.11 -9.29 3.73
C TYR G 155 -18.25 -9.22 4.75
N SER G 156 -18.94 -10.32 4.97
CA SER G 156 -19.97 -10.39 6.02
C SER G 156 -20.13 -11.83 6.53
N MET G 157 -20.63 -11.94 7.73
CA MET G 157 -20.95 -13.25 8.36
C MET G 157 -22.22 -13.05 9.16
N THR G 158 -23.29 -13.73 8.79
CA THR G 158 -24.63 -13.58 9.39
C THR G 158 -25.04 -14.88 10.04
N PHE G 159 -25.53 -14.81 11.26
CA PHE G 159 -26.09 -15.97 12.01
C PHE G 159 -27.56 -15.71 12.19
N THR G 160 -28.41 -16.50 11.54
CA THR G 160 -29.88 -16.38 11.64
C THR G 160 -30.44 -17.66 12.27
N TRP G 161 -31.01 -17.53 13.44
CA TRP G 161 -31.81 -18.60 14.11
C TRP G 161 -33.28 -18.34 13.78
N GLN G 162 -34.01 -19.38 13.35
CA GLN G 162 -35.44 -19.30 13.03
C GLN G 162 -36.15 -20.53 13.59
N TRP G 163 -37.40 -20.34 14.00
CA TRP G 163 -38.22 -21.44 14.54
C TRP G 163 -39.67 -21.18 14.24
N THR G 164 -40.51 -22.21 14.33
CA THR G 164 -41.95 -22.12 14.05
C THR G 164 -42.76 -22.32 15.35
N GLY G 165 -42.15 -22.88 16.39
CA GLY G 165 -42.76 -23.11 17.71
C GLY G 165 -43.38 -21.87 18.33
N ASP G 166 -44.46 -22.06 19.11
CA ASP G 166 -45.06 -21.03 19.99
C ASP G 166 -44.63 -21.32 21.41
N TYR G 167 -44.02 -20.35 22.10
CA TYR G 167 -43.47 -20.54 23.46
C TYR G 167 -44.00 -19.50 24.44
N LYS G 168 -45.01 -18.71 24.06
N LYS G 168 -45.01 -18.70 24.07
CA LYS G 168 -45.51 -17.62 24.94
CA LYS G 168 -45.53 -17.61 24.94
C LYS G 168 -46.11 -18.24 26.23
C LYS G 168 -46.12 -18.23 26.23
N ASP G 169 -46.72 -19.43 26.15
CA ASP G 169 -47.31 -20.10 27.31
C ASP G 169 -46.22 -20.63 28.27
N LYS G 170 -44.98 -20.66 27.86
CA LYS G 170 -43.81 -21.03 28.70
C LYS G 170 -43.07 -19.74 29.08
N ASN G 171 -41.85 -19.86 29.56
CA ASN G 171 -41.00 -18.72 29.99
C ASN G 171 -39.58 -19.01 29.51
N ILE G 172 -39.37 -19.01 28.21
CA ILE G 172 -38.12 -19.51 27.57
C ILE G 172 -37.22 -18.32 27.23
N THR G 173 -35.96 -18.35 27.68
CA THR G 173 -34.91 -17.41 27.30
C THR G 173 -34.31 -17.85 25.96
N PHE G 174 -34.16 -16.96 24.99
CA PHE G 174 -33.50 -17.36 23.73
C PHE G 174 -32.02 -17.59 24.04
N ALA G 175 -31.54 -18.81 23.89
CA ALA G 175 -30.14 -19.17 24.15
C ALA G 175 -29.83 -20.45 23.39
N THR G 176 -28.64 -20.53 22.84
CA THR G 176 -28.25 -21.61 21.92
C THR G 176 -27.19 -22.51 22.55
N ASN G 177 -27.13 -23.72 22.05
CA ASN G 177 -25.96 -24.62 22.29
C ASN G 177 -24.79 -24.08 21.48
N SER G 178 -23.57 -24.40 21.88
CA SER G 178 -22.37 -24.14 21.07
C SER G 178 -22.52 -24.88 19.74
N PHE G 179 -22.08 -24.23 18.65
CA PHE G 179 -22.24 -24.76 17.29
C PHE G 179 -20.91 -24.61 16.58
N THR G 180 -20.44 -25.70 15.98
CA THR G 180 -19.16 -25.77 15.24
C THR G 180 -19.42 -25.62 13.73
N PHE G 181 -18.54 -24.90 13.05
CA PHE G 181 -18.62 -24.74 11.59
C PHE G 181 -17.24 -24.39 11.05
N SER G 182 -17.10 -24.36 9.74
CA SER G 182 -15.86 -23.93 9.06
C SER G 182 -16.20 -23.26 7.73
N TYR G 183 -15.24 -22.55 7.19
CA TYR G 183 -15.35 -21.93 5.85
C TYR G 183 -13.96 -21.65 5.29
N MET G 184 -13.87 -21.58 3.99
CA MET G 184 -12.62 -21.20 3.28
C MET G 184 -12.29 -19.73 3.52
N ALA G 185 -11.04 -19.46 3.85
CA ALA G 185 -10.52 -18.12 4.15
C ALA G 185 -10.18 -17.40 2.84
N GLN G 186 -10.26 -16.08 2.85
CA GLN G 186 -9.91 -15.25 1.67
C GLN G 186 -8.43 -15.41 1.32
N GLU G 187 -7.56 -15.42 2.32
CA GLU G 187 -6.11 -15.66 2.09
C GLU G 187 -5.52 -16.45 3.24
N LYS H 1 2.02 -33.67 22.29
CA LYS H 1 1.86 -33.38 20.85
C LYS H 1 0.59 -32.53 20.64
N LEU H 2 0.10 -32.48 19.41
CA LEU H 2 -1.11 -31.72 19.02
C LEU H 2 -2.28 -32.68 18.82
N THR H 3 -2.09 -33.99 19.02
CA THR H 3 -3.23 -34.96 18.99
C THR H 3 -3.26 -35.78 20.29
N LEU H 4 -4.42 -35.79 20.92
CA LEU H 4 -4.76 -36.61 22.09
C LEU H 4 -5.90 -37.54 21.68
N TRP H 5 -5.68 -38.85 21.69
CA TRP H 5 -6.69 -39.80 21.13
C TRP H 5 -6.67 -41.16 21.85
N THR H 6 -7.66 -41.96 21.49
CA THR H 6 -7.91 -43.35 21.93
C THR H 6 -7.14 -44.34 21.04
N THR H 7 -6.33 -43.85 20.11
CA THR H 7 -5.93 -44.54 18.85
C THR H 7 -7.14 -44.60 17.92
N PRO H 8 -6.92 -44.77 16.60
CA PRO H 8 -8.03 -44.75 15.64
C PRO H 8 -8.91 -46.01 15.70
N ASP H 9 -8.36 -47.11 16.19
CA ASP H 9 -9.00 -48.44 16.21
C ASP H 9 -8.86 -49.07 17.59
N PRO H 10 -9.45 -48.48 18.64
CA PRO H 10 -9.25 -48.98 20.01
C PRO H 10 -9.89 -50.36 20.24
N SER H 11 -9.24 -51.15 21.10
CA SER H 11 -9.82 -52.31 21.79
C SER H 11 -10.94 -51.83 22.70
N PRO H 12 -11.83 -52.73 23.19
CA PRO H 12 -12.84 -52.35 24.16
C PRO H 12 -12.19 -51.59 25.31
N ASN H 13 -12.61 -50.33 25.50
CA ASN H 13 -11.88 -49.37 26.35
C ASN H 13 -12.86 -48.53 27.18
N CYS H 14 -14.13 -48.92 27.22
CA CYS H 14 -15.18 -48.05 27.73
C CYS H 14 -16.29 -48.85 28.39
N GLN H 15 -16.84 -48.33 29.49
CA GLN H 15 -18.05 -48.88 30.16
C GLN H 15 -19.26 -48.02 29.77
N LEU H 16 -20.25 -48.61 29.09
CA LEU H 16 -21.61 -48.03 28.98
C LEU H 16 -22.47 -48.58 30.12
N LEU H 17 -22.48 -49.90 30.30
CA LEU H 17 -23.28 -50.58 31.34
C LEU H 17 -22.36 -51.40 32.25
N SER H 18 -21.34 -52.05 31.69
CA SER H 18 -20.38 -52.89 32.46
C SER H 18 -18.98 -52.75 31.88
N ASP H 19 -17.99 -53.27 32.59
CA ASP H 19 -16.55 -53.04 32.32
C ASP H 19 -16.23 -53.36 30.85
N ARG H 20 -15.62 -52.42 30.13
CA ARG H 20 -15.07 -52.63 28.75
C ARG H 20 -16.13 -53.33 27.87
N ASP H 21 -17.37 -52.83 27.89
CA ASP H 21 -18.49 -53.36 27.09
C ASP H 21 -18.59 -52.56 25.78
N ALA H 22 -17.70 -51.62 25.55
CA ALA H 22 -17.79 -50.73 24.37
C ALA H 22 -16.42 -50.29 23.88
N LYS H 23 -16.35 -49.97 22.58
CA LYS H 23 -15.21 -49.30 21.94
C LYS H 23 -15.60 -47.82 21.75
N PHE H 24 -14.91 -46.95 22.44
CA PHE H 24 -15.09 -45.48 22.38
C PHE H 24 -13.90 -44.90 21.62
N THR H 25 -14.16 -44.29 20.46
CA THR H 25 -13.10 -43.64 19.66
C THR H 25 -13.23 -42.12 19.81
N LEU H 26 -12.15 -41.47 20.22
CA LEU H 26 -12.15 -39.99 20.35
C LEU H 26 -10.79 -39.47 19.91
N CYS H 27 -10.78 -38.54 18.96
CA CYS H 27 -9.59 -37.84 18.50
C CYS H 27 -9.75 -36.37 18.77
N LEU H 28 -8.90 -35.79 19.62
CA LEU H 28 -8.85 -34.34 19.89
C LEU H 28 -7.60 -33.78 19.23
N THR H 29 -7.78 -32.87 18.28
CA THR H 29 -6.67 -32.24 17.55
C THR H 29 -6.59 -30.78 17.96
N LYS H 30 -5.47 -30.35 18.53
CA LYS H 30 -5.31 -28.96 19.00
C LYS H 30 -5.00 -28.07 17.80
N CYS H 31 -5.93 -27.17 17.50
CA CYS H 31 -5.77 -26.11 16.48
C CYS H 31 -5.64 -24.78 17.23
N GLY H 32 -4.53 -24.57 17.94
CA GLY H 32 -4.34 -23.40 18.82
C GLY H 32 -5.48 -23.30 19.84
N SER H 33 -6.26 -22.23 19.75
N SER H 33 -6.27 -22.26 19.80
CA SER H 33 -7.31 -21.87 20.73
CA SER H 33 -7.24 -22.02 20.90
C SER H 33 -8.52 -22.82 20.67
C SER H 33 -8.52 -22.82 20.68
N GLN H 34 -8.65 -23.61 19.61
CA GLN H 34 -9.80 -24.53 19.49
C GLN H 34 -9.31 -25.96 19.32
N ILE H 35 -10.04 -26.87 19.91
CA ILE H 35 -9.84 -28.31 19.72
C ILE H 35 -10.86 -28.77 18.67
N LEU H 36 -10.40 -29.51 17.69
CA LEU H 36 -11.24 -30.20 16.70
C LEU H 36 -11.39 -31.66 17.15
N GLY H 37 -12.62 -32.12 17.31
CA GLY H 37 -12.88 -33.49 17.79
C GLY H 37 -13.66 -34.32 16.79
N THR H 38 -13.41 -35.63 16.79
CA THR H 38 -14.26 -36.62 16.11
C THR H 38 -14.45 -37.79 17.08
N VAL H 39 -15.69 -38.22 17.24
CA VAL H 39 -16.10 -39.22 18.25
C VAL H 39 -16.99 -40.26 17.59
N ALA H 40 -16.85 -41.51 18.03
CA ALA H 40 -17.75 -42.62 17.68
C ALA H 40 -17.75 -43.63 18.83
N VAL H 41 -18.81 -44.39 18.96
CA VAL H 41 -18.89 -45.45 20.01
C VAL H 41 -19.67 -46.64 19.47
N ALA H 42 -19.32 -47.84 19.94
CA ALA H 42 -20.06 -49.08 19.62
C ALA H 42 -20.05 -50.00 20.85
N ALA H 43 -21.21 -50.49 21.25
CA ALA H 43 -21.32 -51.62 22.21
C ALA H 43 -20.73 -52.86 21.54
N VAL H 44 -19.92 -53.63 22.24
CA VAL H 44 -19.24 -54.83 21.66
C VAL H 44 -19.50 -56.12 22.46
N THR H 45 -19.78 -56.08 23.76
CA THR H 45 -20.05 -57.35 24.54
C THR H 45 -21.51 -57.79 24.26
N VAL H 46 -21.68 -59.03 23.82
CA VAL H 46 -23.02 -59.52 23.38
C VAL H 46 -23.81 -59.96 24.61
N GLY H 47 -25.06 -59.54 24.69
CA GLY H 47 -26.02 -59.95 25.71
C GLY H 47 -26.35 -58.80 26.65
N SER H 48 -25.71 -57.64 26.48
CA SER H 48 -26.06 -56.41 27.24
C SER H 48 -27.37 -55.87 26.68
N ALA H 49 -28.00 -54.97 27.43
CA ALA H 49 -29.24 -54.28 27.04
C ALA H 49 -28.99 -53.39 25.81
N LEU H 50 -27.74 -53.18 25.40
CA LEU H 50 -27.41 -52.34 24.22
C LEU H 50 -26.82 -53.21 23.09
N ASN H 51 -26.77 -54.52 23.27
CA ASN H 51 -26.15 -55.43 22.27
C ASN H 51 -26.69 -56.85 22.41
N PRO H 52 -27.88 -57.15 21.86
CA PRO H 52 -28.70 -56.17 21.10
C PRO H 52 -29.56 -55.28 22.00
N ILE H 53 -29.94 -54.10 21.50
CA ILE H 53 -30.88 -53.18 22.19
C ILE H 53 -32.16 -53.94 22.50
N ASN H 54 -32.55 -54.02 23.78
CA ASN H 54 -33.77 -54.74 24.23
C ASN H 54 -34.79 -53.74 24.78
N ASP H 55 -34.51 -52.44 24.69
CA ASP H 55 -35.43 -51.30 24.95
C ASP H 55 -35.53 -51.05 26.46
N THR H 56 -34.73 -51.71 27.31
CA THR H 56 -34.70 -51.43 28.77
C THR H 56 -33.79 -50.22 29.02
N VAL H 57 -32.90 -49.90 28.08
CA VAL H 57 -31.92 -48.79 28.22
C VAL H 57 -31.94 -47.95 26.93
N LYS H 58 -32.28 -46.66 27.04
CA LYS H 58 -32.48 -45.78 25.86
C LYS H 58 -31.58 -44.56 25.98
N SER H 59 -30.47 -44.69 26.70
CA SER H 59 -29.38 -43.67 26.69
C SER H 59 -28.06 -44.41 26.82
N ALA H 60 -26.99 -43.78 26.37
CA ALA H 60 -25.62 -44.27 26.53
C ALA H 60 -24.78 -43.05 26.85
N ILE H 61 -24.03 -43.09 27.95
CA ILE H 61 -23.25 -41.94 28.43
C ILE H 61 -21.80 -42.34 28.56
N VAL H 62 -20.92 -41.50 28.03
CA VAL H 62 -19.46 -41.60 28.28
C VAL H 62 -19.04 -40.33 29.01
N PHE H 63 -18.62 -40.48 30.28
CA PHE H 63 -18.16 -39.38 31.14
C PHE H 63 -16.65 -39.40 31.22
N LEU H 64 -15.98 -38.33 30.77
CA LEU H 64 -14.53 -38.16 30.92
C LEU H 64 -14.30 -37.06 31.94
N ARG H 65 -13.59 -37.37 33.01
CA ARG H 65 -13.27 -36.40 34.09
C ARG H 65 -11.77 -36.19 34.09
N PHE H 66 -11.32 -34.95 34.23
CA PHE H 66 -9.90 -34.58 34.16
C PHE H 66 -9.53 -33.74 35.36
N ASP H 67 -8.32 -33.97 35.88
CA ASP H 67 -7.77 -33.21 37.01
C ASP H 67 -7.24 -31.88 36.47
N SER H 68 -6.60 -31.08 37.33
CA SER H 68 -6.18 -29.70 36.97
C SER H 68 -5.02 -29.74 35.96
N ASP H 69 -4.41 -30.90 35.74
CA ASP H 69 -3.33 -31.09 34.73
C ASP H 69 -3.92 -31.66 33.43
N GLY H 70 -5.23 -31.85 33.37
CA GLY H 70 -5.92 -32.41 32.19
C GLY H 70 -5.69 -33.91 32.05
N VAL H 71 -5.29 -34.57 33.14
CA VAL H 71 -5.07 -36.04 33.20
C VAL H 71 -6.40 -36.71 33.51
N LEU H 72 -6.72 -37.78 32.76
CA LEU H 72 -8.00 -38.50 32.92
C LEU H 72 -8.05 -39.13 34.31
N MET H 73 -9.16 -38.94 35.02
CA MET H 73 -9.32 -39.42 36.42
C MET H 73 -10.03 -40.79 36.43
N SER H 74 -9.79 -41.59 37.48
CA SER H 74 -10.13 -43.02 37.53
C SER H 74 -11.63 -43.24 37.32
N ASN H 75 -12.49 -42.35 37.82
CA ASN H 75 -13.96 -42.58 37.81
C ASN H 75 -14.52 -42.15 36.44
N SER H 76 -13.81 -42.33 35.34
CA SER H 76 -14.26 -41.99 33.97
C SER H 76 -14.80 -43.26 33.30
N SER H 77 -15.70 -43.14 32.34
CA SER H 77 -16.28 -44.28 31.57
C SER H 77 -15.19 -45.00 30.78
N MET H 78 -14.18 -44.25 30.34
CA MET H 78 -13.13 -44.75 29.42
C MET H 78 -11.87 -45.00 30.25
N VAL H 79 -11.19 -46.09 29.96
CA VAL H 79 -9.88 -46.44 30.57
C VAL H 79 -8.80 -45.52 29.99
N GLY H 80 -7.82 -45.10 30.80
CA GLY H 80 -6.75 -44.16 30.43
C GLY H 80 -5.53 -44.86 29.77
N ASP H 81 -5.47 -46.18 29.84
CA ASP H 81 -4.66 -47.00 28.93
C ASP H 81 -5.10 -46.53 27.53
N TYR H 82 -4.16 -46.20 26.70
CA TYR H 82 -4.33 -45.81 25.26
C TYR H 82 -5.32 -44.63 25.17
N TRP H 83 -5.36 -43.76 26.18
CA TRP H 83 -5.74 -42.33 26.02
C TRP H 83 -4.48 -41.49 26.17
N ASN H 84 -3.92 -41.02 25.07
CA ASN H 84 -2.58 -40.37 25.13
C ASN H 84 -2.30 -39.62 23.84
N PHE H 85 -1.20 -38.87 23.84
CA PHE H 85 -0.68 -38.20 22.65
C PHE H 85 -0.35 -39.24 21.58
N ARG H 86 -0.55 -38.88 20.33
CA ARG H 86 -0.39 -39.78 19.17
C ARG H 86 1.10 -40.14 19.00
N GLU H 87 1.37 -41.39 18.66
CA GLU H 87 2.67 -41.84 18.10
C GLU H 87 2.37 -42.82 16.97
N GLY H 88 2.56 -42.39 15.73
CA GLY H 88 2.15 -43.14 14.52
C GLY H 88 0.67 -43.47 14.58
N GLN H 89 0.32 -44.76 14.48
CA GLN H 89 -1.07 -45.25 14.56
C GLN H 89 -1.49 -45.60 16.00
N THR H 90 -0.66 -45.31 17.00
CA THR H 90 -0.96 -45.72 18.40
C THR H 90 -0.75 -44.53 19.32
N THR H 91 -0.49 -44.76 20.58
CA THR H 91 -0.27 -43.72 21.61
C THR H 91 1.21 -43.79 22.03
N GLN H 92 1.76 -42.67 22.50
CA GLN H 92 3.07 -42.70 23.20
C GLN H 92 2.88 -43.64 24.41
N SER H 93 3.95 -44.30 24.83
N SER H 93 3.93 -44.32 24.84
CA SER H 93 3.84 -45.47 25.74
CA SER H 93 3.76 -45.46 25.77
C SER H 93 3.69 -44.98 27.20
C SER H 93 3.67 -44.98 27.22
N VAL H 94 4.20 -43.80 27.53
CA VAL H 94 4.18 -43.25 28.92
C VAL H 94 3.00 -42.29 29.04
N ALA H 95 2.16 -42.48 30.08
CA ALA H 95 0.99 -41.62 30.37
C ALA H 95 1.44 -40.16 30.40
N TYR H 96 0.70 -39.27 29.70
CA TYR H 96 0.98 -37.84 29.70
C TYR H 96 0.75 -37.29 31.12
N THR H 97 1.48 -36.23 31.48
CA THR H 97 1.37 -35.56 32.78
C THR H 97 0.67 -34.18 32.63
N ASN H 98 0.50 -33.67 31.42
CA ASN H 98 -0.21 -32.37 31.22
C ASN H 98 -0.86 -32.31 29.85
N ALA H 99 -2.18 -32.07 29.81
CA ALA H 99 -2.94 -31.82 28.57
C ALA H 99 -3.89 -30.65 28.76
N VAL H 100 -3.49 -29.63 29.52
CA VAL H 100 -4.40 -28.47 29.80
C VAL H 100 -4.75 -27.78 28.47
N GLY H 101 -3.82 -27.84 27.50
CA GLY H 101 -4.05 -27.32 26.13
C GLY H 101 -5.22 -28.00 25.42
N PHE H 102 -5.71 -29.13 25.90
CA PHE H 102 -6.84 -29.87 25.29
C PHE H 102 -8.10 -29.74 26.15
N MET H 103 -8.02 -29.08 27.30
CA MET H 103 -9.17 -29.04 28.22
C MET H 103 -10.16 -27.97 27.80
N PRO H 104 -11.47 -28.19 27.98
CA PRO H 104 -12.47 -27.18 27.63
C PRO H 104 -12.36 -25.94 28.53
N ASN H 105 -12.30 -24.79 27.90
CA ASN H 105 -12.10 -23.47 28.53
C ASN H 105 -13.13 -23.27 29.65
N LEU H 106 -12.67 -22.98 30.87
CA LEU H 106 -13.58 -22.81 32.04
C LEU H 106 -14.31 -21.46 31.99
N GLY H 107 -13.79 -20.49 31.22
CA GLY H 107 -14.49 -19.22 30.97
C GLY H 107 -15.67 -19.45 30.04
N ALA H 108 -15.45 -20.13 28.91
CA ALA H 108 -16.48 -20.41 27.90
C ALA H 108 -17.52 -21.39 28.48
N TYR H 109 -17.05 -22.40 29.21
CA TYR H 109 -17.87 -23.53 29.67
C TYR H 109 -17.65 -23.69 31.17
N PRO H 110 -18.23 -22.81 31.99
CA PRO H 110 -17.92 -22.83 33.42
C PRO H 110 -18.49 -24.07 34.14
N LYS H 111 -17.81 -24.48 35.21
CA LYS H 111 -17.93 -25.82 35.79
C LYS H 111 -19.17 -25.88 36.63
N THR H 112 -19.82 -24.77 36.98
CA THR H 112 -20.96 -24.69 37.92
C THR H 112 -22.26 -24.55 37.12
N GLN H 113 -22.12 -23.91 35.97
CA GLN H 113 -23.21 -23.76 34.97
C GLN H 113 -23.14 -24.91 33.95
N SER H 114 -23.18 -26.14 34.42
CA SER H 114 -23.24 -27.42 33.65
C SER H 114 -24.52 -27.54 32.80
N LYS H 115 -25.54 -26.74 33.17
CA LYS H 115 -26.92 -26.80 32.58
C LYS H 115 -27.18 -25.61 31.63
N THR H 116 -26.36 -24.56 31.60
CA THR H 116 -26.37 -23.46 30.63
C THR H 116 -26.07 -23.95 29.19
N PRO H 117 -26.93 -23.59 28.21
CA PRO H 117 -26.86 -24.18 26.88
C PRO H 117 -25.48 -24.10 26.21
N LYS H 118 -24.74 -23.02 26.43
CA LYS H 118 -23.42 -22.80 25.75
C LYS H 118 -22.41 -23.90 26.14
N ASN H 119 -22.57 -24.54 27.32
CA ASN H 119 -21.67 -25.63 27.77
C ASN H 119 -21.82 -26.86 26.87
N SER H 120 -22.91 -26.97 26.11
CA SER H 120 -23.19 -28.21 25.34
C SER H 120 -23.28 -27.94 23.84
N ILE H 121 -23.06 -28.98 23.07
CA ILE H 121 -23.42 -29.10 21.63
C ILE H 121 -24.51 -30.15 21.56
N VAL H 122 -25.64 -29.83 20.93
CA VAL H 122 -26.77 -30.79 20.85
C VAL H 122 -27.17 -30.94 19.39
N SER H 123 -27.18 -32.19 18.90
CA SER H 123 -27.46 -32.49 17.48
C SER H 123 -28.35 -33.72 17.35
N GLN H 124 -29.13 -33.77 16.28
CA GLN H 124 -29.80 -35.03 15.85
C GLN H 124 -28.76 -35.91 15.14
N VAL H 125 -28.65 -37.15 15.57
CA VAL H 125 -27.78 -38.16 14.94
C VAL H 125 -28.63 -39.42 14.75
N TYR H 126 -28.06 -40.47 14.17
CA TYR H 126 -28.87 -41.60 13.68
C TYR H 126 -28.24 -42.91 14.14
N LEU H 127 -29.04 -43.71 14.82
CA LEU H 127 -28.60 -45.02 15.34
C LEU H 127 -28.19 -45.87 14.14
N ASN H 128 -26.91 -46.31 14.12
CA ASN H 128 -26.36 -47.16 13.05
C ASN H 128 -26.47 -46.46 11.68
N GLY H 129 -26.51 -45.13 11.66
CA GLY H 129 -26.60 -44.36 10.41
C GLY H 129 -27.94 -44.50 9.70
N GLU H 130 -28.94 -45.05 10.38
CA GLU H 130 -30.31 -45.21 9.83
C GLU H 130 -31.14 -43.97 10.10
N THR H 131 -31.61 -43.29 9.08
CA THR H 131 -32.36 -42.02 9.25
C THR H 131 -33.76 -42.27 9.80
N THR H 132 -34.22 -43.52 9.82
CA THR H 132 -35.51 -43.89 10.45
C THR H 132 -35.32 -44.13 11.96
N MET H 133 -34.10 -44.00 12.49
CA MET H 133 -33.78 -44.26 13.91
C MET H 133 -33.08 -43.05 14.50
N PRO H 134 -33.83 -41.93 14.66
CA PRO H 134 -33.25 -40.70 15.18
C PRO H 134 -32.84 -40.86 16.65
N MET H 135 -31.79 -40.12 17.00
N MET H 135 -31.79 -40.14 17.00
CA MET H 135 -31.10 -40.13 18.29
CA MET H 135 -31.09 -40.15 18.30
C MET H 135 -30.64 -38.69 18.55
C MET H 135 -30.66 -38.70 18.55
N THR H 136 -30.44 -38.31 19.80
CA THR H 136 -29.82 -37.01 20.12
C THR H 136 -28.47 -37.27 20.72
N LEU H 137 -27.46 -36.54 20.28
CA LEU H 137 -26.16 -36.50 20.92
C LEU H 137 -26.02 -35.16 21.63
N THR H 138 -25.73 -35.18 22.92
CA THR H 138 -25.38 -34.00 23.72
C THR H 138 -23.91 -34.17 24.13
N ILE H 139 -23.05 -33.26 23.68
CA ILE H 139 -21.65 -33.16 24.17
C ILE H 139 -21.61 -32.00 25.16
N THR H 140 -21.25 -32.26 26.40
CA THR H 140 -21.25 -31.25 27.46
C THR H 140 -19.83 -31.07 27.96
N PHE H 141 -19.39 -29.81 28.02
CA PHE H 141 -18.07 -29.41 28.56
C PHE H 141 -18.24 -28.96 30.00
N ASN H 142 -17.45 -29.53 30.89
CA ASN H 142 -17.34 -29.05 32.28
C ASN H 142 -18.70 -29.13 32.97
N GLY H 143 -19.49 -30.15 32.68
CA GLY H 143 -20.63 -30.57 33.51
C GLY H 143 -20.13 -31.28 34.78
N THR H 150 -14.34 -38.17 43.90
CA THR H 150 -13.33 -37.47 44.76
C THR H 150 -11.92 -37.89 44.33
N PRO H 151 -10.94 -36.95 44.17
CA PRO H 151 -11.19 -35.51 44.29
C PRO H 151 -11.96 -34.98 43.07
N VAL H 152 -12.62 -33.83 43.19
CA VAL H 152 -13.66 -33.37 42.23
C VAL H 152 -12.96 -32.89 40.95
N SER H 153 -13.46 -33.24 39.78
CA SER H 153 -12.75 -32.99 38.50
C SER H 153 -12.62 -31.48 38.27
N THR H 154 -11.57 -31.03 37.60
CA THR H 154 -11.38 -29.60 37.22
C THR H 154 -12.05 -29.37 35.87
N TYR H 155 -11.93 -30.32 34.94
CA TYR H 155 -12.54 -30.30 33.60
C TYR H 155 -13.32 -31.59 33.39
N SER H 156 -14.25 -31.59 32.44
CA SER H 156 -14.97 -32.81 32.06
C SER H 156 -15.50 -32.69 30.64
N MET H 157 -15.78 -33.85 30.04
N MET H 157 -15.77 -33.84 30.04
CA MET H 157 -16.37 -33.97 28.71
CA MET H 157 -16.38 -33.95 28.71
C MET H 157 -17.33 -35.15 28.75
C MET H 157 -17.33 -35.14 28.75
N THR H 158 -18.60 -34.89 28.52
CA THR H 158 -19.68 -35.90 28.62
C THR H 158 -20.31 -36.07 27.24
N PHE H 159 -20.44 -37.30 26.79
CA PHE H 159 -21.16 -37.64 25.54
C PHE H 159 -22.39 -38.43 25.90
N THR H 160 -23.56 -37.88 25.64
CA THR H 160 -24.85 -38.53 25.99
C THR H 160 -25.63 -38.75 24.71
N TRP H 161 -25.85 -40.02 24.36
CA TRP H 161 -26.79 -40.44 23.30
C TRP H 161 -28.11 -40.84 23.96
N GLN H 162 -29.22 -40.35 23.43
CA GLN H 162 -30.58 -40.70 23.91
C GLN H 162 -31.50 -40.92 22.72
N TRP H 163 -32.44 -41.82 22.84
CA TRP H 163 -33.43 -42.11 21.78
C TRP H 163 -34.73 -42.57 22.42
N THR H 164 -35.83 -42.52 21.68
CA THR H 164 -37.17 -42.87 22.17
C THR H 164 -37.67 -44.14 21.48
N GLY H 165 -37.09 -44.52 20.34
CA GLY H 165 -37.55 -45.67 19.53
C GLY H 165 -37.47 -46.97 20.31
N ASP H 166 -38.32 -47.94 19.94
CA ASP H 166 -38.26 -49.35 20.39
C ASP H 166 -37.67 -50.20 19.27
N TYR H 167 -36.61 -50.95 19.56
CA TYR H 167 -35.86 -51.71 18.54
C TYR H 167 -35.65 -53.19 18.95
N LYS H 168 -36.37 -53.67 19.97
CA LYS H 168 -36.11 -55.02 20.54
C LYS H 168 -36.30 -56.11 19.47
N ASP H 169 -37.25 -55.97 18.56
CA ASP H 169 -37.49 -57.00 17.50
C ASP H 169 -36.36 -57.02 16.46
N LYS H 170 -35.51 -55.98 16.43
CA LYS H 170 -34.71 -55.66 15.22
C LYS H 170 -33.27 -56.14 15.35
N ASN H 171 -32.91 -56.73 16.48
CA ASN H 171 -31.54 -57.22 16.77
C ASN H 171 -30.49 -56.19 16.37
N ILE H 172 -30.63 -54.96 16.88
CA ILE H 172 -29.75 -53.80 16.58
C ILE H 172 -28.72 -53.63 17.69
N THR H 173 -27.45 -53.51 17.34
CA THR H 173 -26.35 -53.17 18.27
C THR H 173 -26.26 -51.65 18.39
N PHE H 174 -26.16 -51.11 19.59
CA PHE H 174 -25.90 -49.66 19.78
C PHE H 174 -24.54 -49.33 19.16
N ALA H 175 -24.52 -48.51 18.12
CA ALA H 175 -23.29 -48.03 17.47
C ALA H 175 -23.61 -46.73 16.73
N THR H 176 -22.68 -45.81 16.72
CA THR H 176 -22.90 -44.45 16.18
C THR H 176 -22.07 -44.24 14.92
N ASN H 177 -22.51 -43.27 14.13
CA ASN H 177 -21.71 -42.63 13.07
C ASN H 177 -20.61 -41.80 13.74
N SER H 178 -19.56 -41.50 13.04
CA SER H 178 -18.57 -40.50 13.46
C SER H 178 -19.28 -39.13 13.54
N PHE H 179 -18.90 -38.34 14.53
CA PHE H 179 -19.44 -36.99 14.75
C PHE H 179 -18.31 -36.01 14.94
N THR H 180 -18.36 -34.89 14.19
CA THR H 180 -17.35 -33.80 14.29
C THR H 180 -17.86 -32.69 15.21
N PHE H 181 -16.97 -32.11 16.01
CA PHE H 181 -17.29 -30.99 16.90
C PHE H 181 -16.03 -30.20 17.21
N SER H 182 -16.16 -29.08 17.90
CA SER H 182 -15.03 -28.27 18.36
C SER H 182 -15.41 -27.55 19.63
N TYR H 183 -14.40 -27.07 20.34
CA TYR H 183 -14.58 -26.24 21.55
C TYR H 183 -13.33 -25.42 21.80
N MET H 184 -13.49 -24.33 22.53
CA MET H 184 -12.36 -23.47 22.95
C MET H 184 -11.54 -24.20 24.02
N ALA H 185 -10.23 -24.16 23.86
CA ALA H 185 -9.25 -24.78 24.77
C ALA H 185 -9.00 -23.84 25.94
N GLN H 186 -8.66 -24.41 27.09
CA GLN H 186 -8.32 -23.65 28.30
C GLN H 186 -7.07 -22.78 28.05
N GLU H 187 -6.06 -23.31 27.36
CA GLU H 187 -4.86 -22.51 27.04
C GLU H 187 -4.31 -22.98 25.69
N LYS I 1 1.08 -27.27 1.01
CA LYS I 1 0.80 -28.73 0.97
C LYS I 1 -0.03 -29.18 2.18
N LEU I 2 -0.66 -28.26 2.91
CA LEU I 2 -1.62 -28.55 3.99
C LEU I 2 -3.04 -28.34 3.49
N THR I 3 -3.25 -27.94 2.24
CA THR I 3 -4.62 -27.87 1.65
C THR I 3 -4.68 -28.62 0.33
N LEU I 4 -5.65 -29.50 0.21
CA LEU I 4 -5.97 -30.27 -1.00
C LEU I 4 -7.40 -29.92 -1.37
N TRP I 5 -7.61 -29.32 -2.54
CA TRP I 5 -8.95 -28.75 -2.86
C TRP I 5 -9.26 -28.76 -4.34
N THR I 6 -10.50 -28.43 -4.64
CA THR I 6 -11.10 -28.27 -5.99
C THR I 6 -10.86 -26.84 -6.52
N THR I 7 -10.13 -26.02 -5.77
CA THR I 7 -10.19 -24.53 -5.80
C THR I 7 -11.50 -24.10 -5.14
N PRO I 8 -11.59 -22.84 -4.68
CA PRO I 8 -12.77 -22.39 -3.93
C PRO I 8 -13.99 -22.18 -4.85
N ASP I 9 -13.75 -21.93 -6.13
CA ASP I 9 -14.81 -21.61 -7.11
C ASP I 9 -14.66 -22.45 -8.37
N PRO I 10 -14.79 -23.79 -8.29
CA PRO I 10 -14.53 -24.64 -9.47
C PRO I 10 -15.54 -24.44 -10.60
N SER I 11 -15.07 -24.60 -11.83
CA SER I 11 -15.88 -24.86 -13.05
C SER I 11 -16.59 -26.21 -12.90
N PRO I 12 -17.60 -26.50 -13.72
CA PRO I 12 -18.28 -27.80 -13.67
C PRO I 12 -17.23 -28.90 -13.78
N ASN I 13 -17.18 -29.76 -12.77
CA ASN I 13 -16.04 -30.66 -12.54
C ASN I 13 -16.55 -32.02 -12.04
N CYS I 14 -17.84 -32.28 -12.15
CA CYS I 14 -18.46 -33.40 -11.41
C CYS I 14 -19.66 -33.96 -12.16
N GLN I 15 -19.80 -35.30 -12.13
CA GLN I 15 -20.99 -36.01 -12.64
C GLN I 15 -21.87 -36.42 -11.47
N LEU I 16 -23.10 -35.90 -11.39
CA LEU I 16 -24.18 -36.49 -10.54
C LEU I 16 -24.97 -37.50 -11.38
N LEU I 17 -25.42 -37.08 -12.56
CA LEU I 17 -26.16 -37.97 -13.49
C LEU I 17 -25.44 -38.08 -14.83
N SER I 18 -24.84 -36.98 -15.31
CA SER I 18 -24.12 -36.97 -16.61
C SER I 18 -22.86 -36.10 -16.51
N ASP I 19 -22.01 -36.17 -17.52
CA ASP I 19 -20.67 -35.57 -17.51
C ASP I 19 -20.76 -34.07 -17.15
N ARG I 20 -19.99 -33.63 -16.15
CA ARG I 20 -19.80 -32.21 -15.77
C ARG I 20 -21.15 -31.53 -15.65
N ASP I 21 -22.11 -32.16 -14.97
CA ASP I 21 -23.47 -31.62 -14.74
C ASP I 21 -23.50 -30.88 -13.41
N ALA I 22 -22.37 -30.79 -12.71
CA ALA I 22 -22.33 -30.19 -11.37
C ALA I 22 -20.99 -29.55 -11.10
N LYS I 23 -21.03 -28.55 -10.21
CA LYS I 23 -19.84 -27.98 -9.54
C LYS I 23 -19.75 -28.56 -8.15
N PHE I 24 -18.70 -29.34 -7.91
CA PHE I 24 -18.41 -29.96 -6.62
C PHE I 24 -17.25 -29.21 -6.00
N THR I 25 -17.48 -28.55 -4.87
CA THR I 25 -16.45 -27.84 -4.12
C THR I 25 -16.06 -28.69 -2.89
N LEU I 26 -14.78 -28.95 -2.73
CA LEU I 26 -14.28 -29.69 -1.56
C LEU I 26 -12.94 -29.13 -1.18
N CYS I 27 -12.82 -28.69 0.06
CA CYS I 27 -11.55 -28.19 0.64
C CYS I 27 -11.19 -29.09 1.81
N LEU I 28 -10.06 -29.78 1.71
CA LEU I 28 -9.51 -30.60 2.80
C LEU I 28 -8.30 -29.87 3.37
N THR I 29 -8.37 -29.49 4.64
CA THR I 29 -7.28 -28.77 5.31
C THR I 29 -6.68 -29.69 6.36
N LYS I 30 -5.39 -30.01 6.24
CA LYS I 30 -4.73 -30.95 7.16
C LYS I 30 -4.39 -30.22 8.47
N CYS I 31 -5.04 -30.63 9.54
CA CYS I 31 -4.75 -30.18 10.92
C CYS I 31 -4.07 -31.36 11.65
N GLY I 32 -2.84 -31.70 11.27
CA GLY I 32 -2.12 -32.88 11.78
C GLY I 32 -2.93 -34.16 11.60
N SER I 33 -3.35 -34.77 12.69
CA SER I 33 -4.04 -36.09 12.75
C SER I 33 -5.43 -36.04 12.12
N GLN I 34 -6.03 -34.84 11.97
CA GLN I 34 -7.40 -34.73 11.47
C GLN I 34 -7.43 -33.79 10.27
N ILE I 35 -8.27 -34.14 9.34
CA ILE I 35 -8.59 -33.32 8.17
C ILE I 35 -9.87 -32.56 8.50
N LEU I 36 -9.87 -31.25 8.24
CA LEU I 36 -11.07 -30.40 8.34
C LEU I 36 -11.57 -30.19 6.92
N GLY I 37 -12.82 -30.57 6.66
CA GLY I 37 -13.42 -30.52 5.33
C GLY I 37 -14.59 -29.55 5.27
N THR I 38 -14.75 -28.89 4.14
CA THR I 38 -16.00 -28.21 3.77
C THR I 38 -16.35 -28.62 2.35
N VAL I 39 -17.60 -28.98 2.16
CA VAL I 39 -18.11 -29.51 0.86
C VAL I 39 -19.39 -28.77 0.49
N ALA I 40 -19.57 -28.56 -0.80
CA ALA I 40 -20.84 -28.09 -1.41
C ALA I 40 -20.94 -28.64 -2.82
N VAL I 41 -22.15 -28.79 -3.31
CA VAL I 41 -22.37 -29.22 -4.70
C VAL I 41 -23.58 -28.48 -5.27
N ALA I 42 -23.54 -28.21 -6.56
CA ALA I 42 -24.68 -27.56 -7.29
C ALA I 42 -24.80 -28.12 -8.68
N ALA I 43 -25.96 -28.64 -9.06
CA ALA I 43 -26.22 -29.06 -10.45
C ALA I 43 -26.29 -27.77 -11.28
N VAL I 44 -25.58 -27.70 -12.42
CA VAL I 44 -25.51 -26.46 -13.25
C VAL I 44 -25.63 -26.87 -14.71
N THR I 45 -26.17 -26.05 -15.62
CA THR I 45 -25.92 -26.07 -17.08
C THR I 45 -26.65 -27.25 -17.70
N VAL I 46 -26.35 -28.48 -17.26
CA VAL I 46 -26.82 -29.69 -18.02
C VAL I 46 -28.21 -30.01 -17.52
N GLY I 47 -29.14 -30.23 -18.45
CA GLY I 47 -30.53 -30.59 -18.11
C GLY I 47 -30.52 -32.02 -17.58
N SER I 48 -31.29 -32.32 -16.56
CA SER I 48 -31.32 -33.66 -15.92
C SER I 48 -32.50 -33.75 -14.96
N ALA I 49 -32.73 -34.93 -14.39
CA ALA I 49 -33.76 -35.15 -13.35
C ALA I 49 -33.43 -34.37 -12.08
N LEU I 50 -32.26 -33.74 -11.97
CA LEU I 50 -31.89 -32.91 -10.79
C LEU I 50 -31.78 -31.41 -11.19
N ASN I 51 -32.10 -31.09 -12.43
CA ASN I 51 -31.96 -29.70 -12.96
C ASN I 51 -32.92 -29.49 -14.13
N PRO I 52 -34.20 -29.18 -13.87
CA PRO I 52 -34.77 -29.10 -12.51
C PRO I 52 -35.16 -30.47 -11.93
N ILE I 53 -35.24 -30.58 -10.60
CA ILE I 53 -35.72 -31.79 -9.90
C ILE I 53 -37.12 -32.13 -10.42
N ASN I 54 -37.29 -33.35 -10.95
CA ASN I 54 -38.61 -33.79 -11.51
C ASN I 54 -39.18 -34.95 -10.66
N ASP I 55 -38.51 -35.28 -9.56
CA ASP I 55 -38.96 -36.25 -8.52
C ASP I 55 -38.72 -37.70 -8.97
N THR I 56 -38.08 -37.94 -10.11
CA THR I 56 -37.75 -39.34 -10.55
C THR I 56 -36.47 -39.80 -9.85
N VAL I 57 -35.67 -38.86 -9.35
CA VAL I 57 -34.36 -39.11 -8.72
C VAL I 57 -34.29 -38.32 -7.41
N LYS I 58 -34.13 -39.04 -6.29
CA LYS I 58 -34.22 -38.43 -4.93
C LYS I 58 -32.93 -38.71 -4.18
N SER I 59 -31.83 -38.90 -4.90
CA SER I 59 -30.48 -38.96 -4.30
C SER I 59 -29.49 -38.34 -5.27
N ALA I 60 -28.38 -37.88 -4.74
CA ALA I 60 -27.24 -37.40 -5.53
C ALA I 60 -25.98 -37.89 -4.86
N ILE I 61 -25.10 -38.54 -5.63
CA ILE I 61 -23.90 -39.19 -5.07
C ILE I 61 -22.65 -38.65 -5.75
N VAL I 62 -21.66 -38.30 -4.96
CA VAL I 62 -20.29 -38.01 -5.44
C VAL I 62 -19.36 -39.04 -4.82
N PHE I 63 -18.75 -39.89 -5.66
CA PHE I 63 -17.75 -40.91 -5.25
C PHE I 63 -16.35 -40.39 -5.59
N LEU I 64 -15.50 -40.28 -4.58
CA LEU I 64 -14.06 -40.02 -4.77
C LEU I 64 -13.30 -41.28 -4.40
N ARG I 65 -12.55 -41.82 -5.35
CA ARG I 65 -11.76 -43.05 -5.18
C ARG I 65 -10.30 -42.67 -5.29
N PHE I 66 -9.46 -43.19 -4.40
CA PHE I 66 -8.04 -42.84 -4.34
C PHE I 66 -7.21 -44.12 -4.29
N ASP I 67 -6.06 -44.09 -4.96
CA ASP I 67 -5.10 -45.20 -4.94
C ASP I 67 -4.31 -45.12 -3.62
N SER I 68 -3.31 -45.97 -3.46
CA SER I 68 -2.58 -46.09 -2.18
C SER I 68 -1.68 -44.86 -1.96
N ASP I 69 -1.50 -44.02 -2.98
CA ASP I 69 -0.73 -42.75 -2.85
C ASP I 69 -1.67 -41.57 -2.62
N GLY I 70 -2.98 -41.84 -2.51
CA GLY I 70 -3.99 -40.80 -2.31
C GLY I 70 -4.25 -40.02 -3.56
N VAL I 71 -3.88 -40.57 -4.72
CA VAL I 71 -4.13 -39.95 -6.06
C VAL I 71 -5.54 -40.33 -6.52
N LEU I 72 -6.29 -39.34 -7.01
CA LEU I 72 -7.69 -39.53 -7.46
C LEU I 72 -7.69 -40.50 -8.64
N MET I 73 -8.56 -41.51 -8.58
CA MET I 73 -8.67 -42.54 -9.64
C MET I 73 -9.75 -42.16 -10.67
N SER I 74 -9.59 -42.66 -11.89
CA SER I 74 -10.42 -42.32 -13.08
C SER I 74 -11.90 -42.55 -12.82
N ASN I 75 -12.26 -43.60 -12.08
CA ASN I 75 -13.67 -43.98 -11.85
C ASN I 75 -14.28 -43.14 -10.71
N SER I 76 -13.91 -41.88 -10.58
CA SER I 76 -14.46 -40.94 -9.57
C SER I 76 -15.50 -40.05 -10.25
N SER I 77 -16.46 -39.55 -9.50
CA SER I 77 -17.50 -38.59 -9.99
C SER I 77 -16.84 -37.30 -10.47
N MET I 78 -15.75 -36.92 -9.84
CA MET I 78 -15.07 -35.61 -9.99
C MET I 78 -13.86 -35.80 -10.92
N VAL I 79 -13.67 -34.85 -11.84
CA VAL I 79 -12.47 -34.73 -12.72
C VAL I 79 -11.29 -34.26 -11.87
N GLY I 80 -10.08 -34.73 -12.16
CA GLY I 80 -8.87 -34.45 -11.36
C GLY I 80 -8.10 -33.19 -11.79
N ASP I 81 -8.54 -32.50 -12.85
CA ASP I 81 -7.80 -31.40 -13.51
C ASP I 81 -7.43 -30.32 -12.48
N TYR I 82 -8.36 -29.92 -11.62
CA TYR I 82 -8.17 -28.90 -10.56
C TYR I 82 -8.47 -29.51 -9.20
N TRP I 83 -8.03 -30.75 -8.99
CA TRP I 83 -7.95 -31.39 -7.66
C TRP I 83 -6.47 -31.50 -7.29
N ASN I 84 -5.98 -30.64 -6.42
CA ASN I 84 -4.54 -30.54 -6.17
C ASN I 84 -4.30 -29.71 -4.91
N PHE I 85 -3.05 -29.68 -4.46
CA PHE I 85 -2.60 -28.80 -3.37
C PHE I 85 -2.79 -27.35 -3.80
N ARG I 86 -3.09 -26.51 -2.82
CA ARG I 86 -3.39 -25.08 -3.03
C ARG I 86 -2.15 -24.34 -3.50
N GLU I 87 -2.33 -23.38 -4.40
CA GLU I 87 -1.38 -22.28 -4.69
C GLU I 87 -2.23 -21.01 -4.89
N GLY I 88 -2.17 -20.09 -3.93
CA GLY I 88 -3.04 -18.90 -3.90
C GLY I 88 -4.50 -19.32 -3.91
N GLN I 89 -5.28 -18.81 -4.87
CA GLN I 89 -6.71 -19.16 -5.07
C GLN I 89 -6.87 -20.32 -6.04
N THR I 90 -5.79 -20.99 -6.47
CA THR I 90 -5.90 -22.05 -7.50
C THR I 90 -5.13 -23.28 -7.02
N THR I 91 -4.69 -24.12 -7.95
CA THR I 91 -3.95 -25.37 -7.63
C THR I 91 -2.51 -25.20 -8.10
N GLN I 92 -1.57 -25.89 -7.46
CA GLN I 92 -0.18 -25.97 -7.97
C GLN I 92 -0.26 -26.55 -9.39
N SER I 93 0.71 -26.22 -10.21
CA SER I 93 0.71 -26.52 -11.66
C SER I 93 1.04 -27.99 -11.92
N VAL I 94 1.80 -28.66 -11.03
CA VAL I 94 2.18 -30.10 -11.21
C VAL I 94 1.20 -30.97 -10.40
N ALA I 95 0.59 -31.98 -11.03
CA ALA I 95 -0.28 -32.99 -10.36
C ALA I 95 0.47 -33.60 -9.17
N TYR I 96 -0.15 -33.66 -8.00
CA TYR I 96 0.51 -34.24 -6.80
C TYR I 96 0.73 -35.76 -7.02
N THR I 97 1.75 -36.31 -6.41
CA THR I 97 2.08 -37.77 -6.51
C THR I 97 1.75 -38.47 -5.17
N ASN I 98 1.56 -37.74 -4.09
CA ASN I 98 1.25 -38.33 -2.77
C ASN I 98 0.43 -37.37 -1.91
N ALA I 99 -0.74 -37.80 -1.46
CA ALA I 99 -1.60 -37.09 -0.51
C ALA I 99 -2.11 -38.05 0.58
N VAL I 100 -1.28 -39.01 1.00
CA VAL I 100 -1.73 -40.02 1.98
C VAL I 100 -2.09 -39.30 3.30
N GLY I 101 -1.43 -38.18 3.59
CA GLY I 101 -1.74 -37.28 4.72
C GLY I 101 -3.18 -36.78 4.73
N PHE I 102 -3.90 -36.88 3.62
CA PHE I 102 -5.30 -36.42 3.50
C PHE I 102 -6.26 -37.60 3.40
N MET I 103 -5.74 -38.83 3.37
CA MET I 103 -6.61 -40.01 3.14
C MET I 103 -7.27 -40.42 4.46
N PRO I 104 -8.49 -40.93 4.44
CA PRO I 104 -9.17 -41.37 5.66
C PRO I 104 -8.48 -42.63 6.24
N ASN I 105 -8.18 -42.53 7.53
CA ASN I 105 -7.43 -43.57 8.31
C ASN I 105 -8.13 -44.94 8.12
N LEU I 106 -7.38 -45.95 7.69
CA LEU I 106 -7.95 -47.31 7.42
C LEU I 106 -8.18 -48.07 8.75
N GLY I 107 -7.57 -47.64 9.84
CA GLY I 107 -7.85 -48.16 11.19
C GLY I 107 -9.19 -47.64 11.68
N ALA I 108 -9.40 -46.34 11.62
CA ALA I 108 -10.65 -45.67 12.06
C ALA I 108 -11.80 -46.07 11.15
N TYR I 109 -11.56 -46.16 9.84
CA TYR I 109 -12.59 -46.36 8.80
C TYR I 109 -12.16 -47.52 7.91
N PRO I 110 -12.25 -48.76 8.42
CA PRO I 110 -11.71 -49.90 7.70
C PRO I 110 -12.54 -50.25 6.46
N LYS I 111 -11.91 -50.88 5.50
CA LYS I 111 -12.60 -51.61 4.40
C LYS I 111 -13.15 -52.88 5.02
N THR I 112 -14.46 -53.02 5.10
CA THR I 112 -15.15 -54.26 5.60
C THR I 112 -16.37 -54.51 4.76
N GLN I 113 -16.84 -55.75 4.73
CA GLN I 113 -18.11 -56.13 4.07
C GLN I 113 -19.27 -55.98 5.06
N SER I 114 -18.96 -55.82 6.37
CA SER I 114 -19.95 -55.54 7.45
C SER I 114 -20.30 -54.05 7.43
N LYS I 115 -21.57 -53.71 7.64
CA LYS I 115 -22.04 -52.32 7.74
C LYS I 115 -21.47 -51.72 9.03
N THR I 116 -20.65 -50.66 8.92
CA THR I 116 -19.91 -50.06 10.06
C THR I 116 -20.27 -48.59 10.21
N PRO I 117 -21.16 -48.23 11.16
CA PRO I 117 -21.61 -46.83 11.26
C PRO I 117 -20.46 -45.82 11.41
N LYS I 118 -19.39 -46.20 12.11
CA LYS I 118 -18.24 -45.30 12.40
C LYS I 118 -17.60 -44.76 11.10
N ASN I 119 -17.72 -45.51 9.98
CA ASN I 119 -17.14 -45.14 8.67
C ASN I 119 -17.86 -43.89 8.12
N SER I 120 -19.05 -43.58 8.62
CA SER I 120 -19.88 -42.50 8.03
C SER I 120 -20.15 -41.38 9.04
N ILE I 121 -20.40 -40.21 8.48
CA ILE I 121 -21.04 -39.05 9.16
C ILE I 121 -22.42 -38.89 8.52
N VAL I 122 -23.48 -38.87 9.32
CA VAL I 122 -24.85 -38.74 8.77
C VAL I 122 -25.54 -37.60 9.48
N SER I 123 -26.01 -36.61 8.69
N SER I 123 -26.03 -36.63 8.70
CA SER I 123 -26.55 -35.34 9.22
CA SER I 123 -26.54 -35.33 9.20
C SER I 123 -27.79 -34.91 8.44
C SER I 123 -27.80 -34.90 8.43
N GLN I 124 -28.71 -34.22 9.11
CA GLN I 124 -29.83 -33.53 8.44
C GLN I 124 -29.30 -32.22 7.83
N VAL I 125 -29.58 -32.01 6.57
CA VAL I 125 -29.30 -30.74 5.85
C VAL I 125 -30.56 -30.34 5.08
N TYR I 126 -30.49 -29.27 4.29
CA TYR I 126 -31.68 -28.63 3.68
C TYR I 126 -31.43 -28.35 2.21
N LEU I 127 -32.31 -28.86 1.36
CA LEU I 127 -32.25 -28.67 -0.11
C LEU I 127 -32.32 -27.18 -0.40
N ASN I 128 -31.28 -26.63 -1.03
CA ASN I 128 -31.21 -25.19 -1.40
C ASN I 128 -31.28 -24.31 -0.16
N GLY I 129 -30.94 -24.82 1.01
CA GLY I 129 -31.00 -24.03 2.26
C GLY I 129 -32.41 -23.73 2.71
N GLU I 130 -33.40 -24.42 2.13
CA GLU I 130 -34.82 -24.24 2.48
C GLU I 130 -35.19 -25.16 3.64
N THR I 131 -35.59 -24.60 4.77
CA THR I 131 -35.76 -25.38 6.02
C THR I 131 -37.05 -26.19 5.94
N THR I 132 -37.91 -25.99 4.95
CA THR I 132 -39.10 -26.84 4.72
C THR I 132 -38.73 -28.04 3.85
N MET I 133 -37.47 -28.18 3.43
CA MET I 133 -37.04 -29.22 2.45
C MET I 133 -35.88 -30.03 3.02
N PRO I 134 -36.18 -30.85 4.05
CA PRO I 134 -35.15 -31.63 4.73
C PRO I 134 -34.57 -32.72 3.83
N MET I 135 -33.29 -32.98 4.04
N MET I 135 -33.29 -32.97 4.04
CA MET I 135 -32.42 -33.85 3.23
CA MET I 135 -32.42 -33.86 3.25
C MET I 135 -31.45 -34.51 4.22
C MET I 135 -31.46 -34.52 4.25
N THR I 136 -30.90 -35.67 3.88
CA THR I 136 -29.82 -36.30 4.69
C THR I 136 -28.57 -36.26 3.84
N LEU I 137 -27.45 -35.94 4.45
CA LEU I 137 -26.10 -36.12 3.87
C LEU I 137 -25.43 -37.26 4.62
N THR I 138 -24.98 -38.27 3.88
CA THR I 138 -24.11 -39.37 4.40
C THR I 138 -22.74 -39.19 3.76
N ILE I 139 -21.71 -38.94 4.58
CA ILE I 139 -20.29 -38.96 4.14
C ILE I 139 -19.71 -40.28 4.60
N THR I 140 -19.26 -41.12 3.68
CA THR I 140 -18.71 -42.43 4.02
C THR I 140 -17.23 -42.47 3.63
N PHE I 141 -16.39 -42.87 4.59
CA PHE I 141 -14.95 -43.06 4.39
C PHE I 141 -14.69 -44.53 4.12
N ASN I 142 -13.97 -44.81 3.04
CA ASN I 142 -13.42 -46.15 2.74
C ASN I 142 -14.56 -47.18 2.67
N GLY I 143 -15.69 -46.81 2.08
CA GLY I 143 -16.89 -47.66 2.05
C GLY I 143 -16.75 -48.81 1.08
N THR I 144 -17.53 -49.88 1.32
CA THR I 144 -17.52 -51.14 0.55
C THR I 144 -18.80 -51.20 -0.30
N ASP I 145 -18.66 -51.58 -1.58
CA ASP I 145 -19.80 -51.88 -2.49
C ASP I 145 -19.70 -53.38 -2.80
N GLU I 146 -20.84 -54.10 -2.83
CA GLU I 146 -20.82 -55.55 -3.11
C GLU I 146 -20.31 -55.79 -4.53
N LYS I 147 -20.57 -54.90 -5.50
CA LYS I 147 -20.06 -54.98 -6.89
C LYS I 147 -18.52 -55.14 -6.91
N ASP I 148 -17.78 -54.60 -5.93
CA ASP I 148 -16.30 -54.41 -6.01
C ASP I 148 -15.45 -55.69 -5.98
N THR I 149 -14.51 -55.82 -6.93
CA THR I 149 -13.57 -56.96 -7.06
C THR I 149 -12.14 -56.40 -7.20
N THR I 150 -11.13 -57.10 -6.66
CA THR I 150 -9.69 -56.77 -6.65
C THR I 150 -9.17 -56.65 -8.09
N PRO I 151 -8.34 -55.62 -8.43
CA PRO I 151 -8.01 -54.53 -7.48
C PRO I 151 -9.20 -53.57 -7.34
N VAL I 152 -9.20 -52.78 -6.27
CA VAL I 152 -10.14 -51.65 -6.03
C VAL I 152 -9.33 -50.47 -5.49
N SER I 153 -9.95 -49.32 -5.35
CA SER I 153 -9.42 -48.14 -4.64
C SER I 153 -8.92 -48.51 -3.24
N THR I 154 -7.89 -47.84 -2.74
CA THR I 154 -7.33 -48.07 -1.38
C THR I 154 -8.12 -47.23 -0.36
N TYR I 155 -8.43 -45.98 -0.75
CA TYR I 155 -9.22 -45.05 0.07
C TYR I 155 -10.40 -44.56 -0.77
N SER I 156 -11.46 -44.15 -0.09
CA SER I 156 -12.63 -43.55 -0.77
C SER I 156 -13.33 -42.57 0.16
N MET I 157 -14.00 -41.62 -0.45
CA MET I 157 -14.86 -40.65 0.26
C MET I 157 -16.11 -40.46 -0.61
N THR I 158 -17.26 -40.85 -0.08
CA THR I 158 -18.55 -40.85 -0.81
C THR I 158 -19.48 -39.86 -0.11
N PHE I 159 -20.08 -38.97 -0.90
CA PHE I 159 -21.08 -38.00 -0.41
C PHE I 159 -22.42 -38.38 -1.02
N THR I 160 -23.36 -38.78 -0.19
CA THR I 160 -24.71 -39.20 -0.64
C THR I 160 -25.76 -38.26 -0.03
N TRP I 161 -26.42 -37.48 -0.85
CA TRP I 161 -27.60 -36.68 -0.46
C TRP I 161 -28.86 -37.46 -0.83
N GLN I 162 -29.81 -37.54 0.09
CA GLN I 162 -31.09 -38.25 -0.13
C GLN I 162 -32.21 -37.44 0.48
N TRP I 163 -33.39 -37.49 -0.14
CA TRP I 163 -34.59 -36.78 0.37
C TRP I 163 -35.82 -37.56 -0.06
N THR I 164 -36.96 -37.32 0.59
CA THR I 164 -38.24 -38.03 0.28
C THR I 164 -39.26 -37.05 -0.31
N GLY I 165 -39.05 -35.74 -0.16
CA GLY I 165 -39.99 -34.71 -0.65
C GLY I 165 -40.24 -34.78 -2.16
N ASP I 166 -41.41 -34.31 -2.61
CA ASP I 166 -41.72 -34.08 -4.04
C ASP I 166 -41.66 -32.58 -4.32
N TYR I 167 -40.85 -32.16 -5.31
CA TYR I 167 -40.58 -30.73 -5.57
C TYR I 167 -40.78 -30.38 -7.05
N LYS I 168 -41.41 -31.26 -7.85
CA LYS I 168 -41.41 -31.07 -9.32
C LYS I 168 -42.13 -29.77 -9.70
N ASP I 169 -43.18 -29.37 -8.95
CA ASP I 169 -43.94 -28.13 -9.29
C ASP I 169 -43.12 -26.88 -8.94
N LYS I 170 -42.00 -27.00 -8.23
CA LYS I 170 -41.29 -25.83 -7.65
C LYS I 170 -40.13 -25.37 -8.53
N ASN I 171 -39.86 -26.06 -9.63
CA ASN I 171 -38.72 -25.77 -10.55
C ASN I 171 -37.44 -25.49 -9.76
N ILE I 172 -37.04 -26.43 -8.93
CA ILE I 172 -35.85 -26.35 -8.04
C ILE I 172 -34.66 -27.09 -8.68
N THR I 173 -33.51 -26.46 -8.78
CA THR I 173 -32.24 -27.15 -9.16
C THR I 173 -31.56 -27.69 -7.90
N PHE I 174 -31.12 -28.95 -7.94
CA PHE I 174 -30.37 -29.56 -6.83
C PHE I 174 -29.13 -28.72 -6.50
N ALA I 175 -29.06 -28.18 -5.29
CA ALA I 175 -27.84 -27.52 -4.77
C ALA I 175 -27.84 -27.59 -3.25
N THR I 176 -26.67 -27.62 -2.64
CA THR I 176 -26.52 -27.77 -1.19
C THR I 176 -25.89 -26.52 -0.58
N ASN I 177 -26.13 -26.38 0.72
CA ASN I 177 -25.38 -25.46 1.59
C ASN I 177 -23.97 -26.01 1.78
N SER I 178 -23.02 -25.17 2.13
CA SER I 178 -21.71 -25.63 2.59
C SER I 178 -21.88 -26.48 3.86
N PHE I 179 -21.09 -27.54 3.97
CA PHE I 179 -21.19 -28.51 5.10
C PHE I 179 -19.80 -28.78 5.62
N THR I 180 -19.62 -28.67 6.94
CA THR I 180 -18.34 -28.87 7.64
C THR I 180 -18.29 -30.30 8.22
N PHE I 181 -17.13 -30.92 8.14
CA PHE I 181 -16.89 -32.26 8.71
C PHE I 181 -15.41 -32.44 9.00
N SER I 182 -15.05 -33.53 9.67
CA SER I 182 -13.65 -33.88 9.94
C SER I 182 -13.51 -35.40 9.98
N TYR I 183 -12.28 -35.86 9.83
CA TYR I 183 -11.94 -37.30 9.92
C TYR I 183 -10.47 -37.44 10.24
N MET I 184 -10.11 -38.58 10.82
CA MET I 184 -8.71 -38.92 11.11
C MET I 184 -8.00 -39.25 9.81
N ALA I 185 -6.79 -38.69 9.66
CA ALA I 185 -5.93 -38.90 8.50
C ALA I 185 -5.17 -40.23 8.63
N GLN I 186 -4.84 -40.84 7.52
CA GLN I 186 -4.04 -42.08 7.48
C GLN I 186 -2.65 -41.83 8.06
N GLU I 187 -2.04 -40.71 7.75
CA GLU I 187 -0.68 -40.37 8.21
C GLU I 187 -0.61 -38.87 8.51
N LYS J 1 42.09 10.36 32.77
CA LYS J 1 41.38 11.04 31.65
C LYS J 1 40.77 10.02 30.67
N LEU J 2 40.60 8.77 31.10
CA LEU J 2 39.82 7.75 30.39
C LEU J 2 38.45 7.57 31.06
N THR J 3 38.13 8.34 32.09
CA THR J 3 36.78 8.39 32.68
C THR J 3 36.24 9.82 32.70
N LEU J 4 35.05 9.99 32.15
CA LEU J 4 34.28 11.24 32.17
C LEU J 4 32.98 10.95 32.93
N TRP J 5 32.75 11.61 34.05
CA TRP J 5 31.62 11.21 34.92
C TRP J 5 31.04 12.39 35.70
N THR J 6 29.92 12.09 36.36
CA THR J 6 29.15 13.00 37.25
C THR J 6 29.69 12.92 38.68
N THR J 7 30.79 12.18 38.89
CA THR J 7 31.17 11.56 40.19
C THR J 7 30.20 10.43 40.50
N PRO J 8 30.59 9.46 41.34
CA PRO J 8 29.76 8.28 41.56
C PRO J 8 28.55 8.56 42.46
N ASP J 9 28.63 9.62 43.27
CA ASP J 9 27.58 10.01 44.24
C ASP J 9 27.25 11.51 44.06
N PRO J 10 26.67 11.90 42.91
CA PRO J 10 26.44 13.33 42.65
C PRO J 10 25.41 13.98 43.58
N SER J 11 25.61 15.26 43.87
CA SER J 11 24.56 16.17 44.41
C SER J 11 23.48 16.32 43.36
N PRO J 12 22.27 16.82 43.71
CA PRO J 12 21.24 17.13 42.70
C PRO J 12 21.89 18.00 41.60
N ASN J 13 21.84 17.52 40.37
CA ASN J 13 22.70 18.04 39.28
C ASN J 13 21.92 18.04 37.97
N CYS J 14 20.62 17.85 38.02
CA CYS J 14 19.83 17.52 36.81
C CYS J 14 18.41 18.08 36.94
N GLN J 15 17.90 18.64 35.83
CA GLN J 15 16.50 19.04 35.69
C GLN J 15 15.75 17.98 34.89
N LEU J 16 14.75 17.34 35.49
CA LEU J 16 13.73 16.55 34.74
C LEU J 16 12.56 17.50 34.42
N LEU J 17 12.06 18.20 35.44
CA LEU J 17 10.95 19.17 35.26
C LEU J 17 11.36 20.55 35.74
N SER J 18 12.15 20.64 36.82
CA SER J 18 12.60 21.94 37.38
C SER J 18 14.04 21.83 37.88
N ASP J 19 14.65 22.96 38.18
CA ASP J 19 16.12 23.06 38.45
C ASP J 19 16.52 22.04 39.54
N ARG J 20 17.52 21.21 39.26
N ARG J 20 17.53 21.21 39.26
CA ARG J 20 18.18 20.31 40.25
CA ARG J 20 18.18 20.32 40.26
C ARG J 20 17.11 19.53 41.02
C ARG J 20 17.12 19.51 41.01
N ASP J 21 16.14 18.95 40.29
CA ASP J 21 15.05 18.13 40.89
C ASP J 21 15.47 16.65 40.83
N ALA J 22 16.67 16.34 40.33
CA ALA J 22 17.14 14.95 40.19
C ALA J 22 18.66 14.85 40.39
N LYS J 23 19.09 13.68 40.78
CA LYS J 23 20.48 13.19 40.74
C LYS J 23 20.61 12.28 39.51
N PHE J 24 21.40 12.72 38.55
CA PHE J 24 21.76 11.97 37.34
C PHE J 24 23.20 11.47 37.51
N THR J 25 23.38 10.15 37.53
CA THR J 25 24.69 9.51 37.62
C THR J 25 25.04 8.95 36.25
N LEU J 26 26.19 9.32 35.71
CA LEU J 26 26.65 8.81 34.41
C LEU J 26 28.16 8.68 34.48
N CYS J 27 28.65 7.47 34.21
CA CYS J 27 30.08 7.17 34.13
C CYS J 27 30.36 6.67 32.72
N LEU J 28 31.18 7.41 31.98
CA LEU J 28 31.64 7.02 30.63
C LEU J 28 33.11 6.64 30.73
N THR J 29 33.41 5.37 30.43
CA THR J 29 34.79 4.85 30.50
C THR J 29 35.25 4.55 29.09
N LYS J 30 36.31 5.20 28.65
CA LYS J 30 36.81 5.06 27.26
C LYS J 30 37.61 3.75 27.16
N CYS J 31 37.07 2.82 26.39
CA CYS J 31 37.75 1.55 26.03
C CYS J 31 38.16 1.63 24.57
N GLY J 32 39.12 2.50 24.23
CA GLY J 32 39.50 2.76 22.82
C GLY J 32 38.31 3.19 21.99
N SER J 33 37.91 2.38 21.01
CA SER J 33 36.89 2.67 19.99
C SER J 33 35.48 2.74 20.61
N GLN J 34 35.28 2.17 21.81
CA GLN J 34 33.95 2.11 22.42
C GLN J 34 34.00 2.76 23.78
N ILE J 35 32.91 3.42 24.12
CA ILE J 35 32.67 3.96 25.48
C ILE J 35 31.78 2.95 26.19
N LEU J 36 32.16 2.60 27.41
CA LEU J 36 31.33 1.79 28.31
C LEU J 36 30.66 2.75 29.29
N GLY J 37 29.34 2.68 29.36
CA GLY J 37 28.55 3.59 30.20
C GLY J 37 27.74 2.87 31.25
N THR J 38 27.59 3.47 32.41
CA THR J 38 26.58 3.09 33.39
C THR J 38 25.84 4.35 33.82
N VAL J 39 24.52 4.27 33.82
CA VAL J 39 23.64 5.43 34.09
C VAL J 39 22.59 5.04 35.13
N ALA J 40 22.26 5.98 35.99
CA ALA J 40 21.14 5.89 36.94
C ALA J 40 20.59 7.29 37.16
N VAL J 41 19.33 7.38 37.50
CA VAL J 41 18.71 8.70 37.81
C VAL J 41 17.70 8.51 38.94
N ALA J 42 17.59 9.51 39.80
CA ALA J 42 16.61 9.54 40.90
C ALA J 42 16.08 10.99 41.04
N ALA J 43 14.77 11.14 41.04
CA ALA J 43 14.09 12.40 41.44
C ALA J 43 14.34 12.57 42.94
N VAL J 44 14.68 13.78 43.38
CA VAL J 44 15.11 13.99 44.79
C VAL J 44 14.30 15.05 45.54
N THR J 45 13.73 16.03 44.85
CA THR J 45 12.94 17.10 45.52
C THR J 45 11.54 16.54 45.82
N VAL J 46 11.11 16.58 47.08
CA VAL J 46 9.81 15.98 47.48
C VAL J 46 8.70 17.00 47.16
N GLY J 47 7.64 16.51 46.52
CA GLY J 47 6.51 17.32 46.05
C GLY J 47 6.56 17.62 44.56
N SER J 48 7.58 17.14 43.83
CA SER J 48 7.57 17.28 42.34
C SER J 48 6.58 16.26 41.76
N ALA J 49 6.18 16.43 40.51
CA ALA J 49 5.30 15.49 39.79
C ALA J 49 5.99 14.12 39.64
N LEU J 50 7.29 14.00 39.92
CA LEU J 50 8.01 12.72 39.81
C LEU J 50 8.46 12.23 41.20
N ASN J 51 8.07 12.92 42.28
CA ASN J 51 8.52 12.56 43.64
C ASN J 51 7.56 13.08 44.69
N PRO J 52 6.41 12.42 44.94
CA PRO J 52 6.03 11.21 44.25
C PRO J 52 5.38 11.40 42.87
N ILE J 53 5.47 10.37 42.04
CA ILE J 53 4.81 10.33 40.69
C ILE J 53 3.31 10.58 40.88
N ASN J 54 2.76 11.62 40.22
CA ASN J 54 1.34 12.00 40.34
C ASN J 54 0.59 11.76 39.02
N ASP J 55 1.28 11.16 38.03
CA ASP J 55 0.69 10.64 36.76
C ASP J 55 0.42 11.79 35.77
N THR J 56 0.88 13.00 36.05
CA THR J 56 0.81 14.13 35.06
C THR J 56 1.94 13.99 34.04
N VAL J 57 3.00 13.25 34.40
CA VAL J 57 4.23 13.09 33.61
C VAL J 57 4.61 11.60 33.68
N LYS J 58 4.68 10.94 32.53
CA LYS J 58 4.99 9.49 32.45
C LYS J 58 6.22 9.27 31.55
N SER J 59 7.07 10.27 31.47
CA SER J 59 8.42 10.22 30.89
C SER J 59 9.34 11.09 31.72
N ALA J 60 10.61 10.76 31.65
CA ALA J 60 11.68 11.56 32.27
C ALA J 60 12.81 11.56 31.25
N ILE J 61 13.26 12.76 30.88
CA ILE J 61 14.24 12.92 29.78
C ILE J 61 15.42 13.69 30.33
N VAL J 62 16.60 13.18 30.04
CA VAL J 62 17.88 13.88 30.31
C VAL J 62 18.56 14.06 28.96
N PHE J 63 18.68 15.32 28.53
CA PHE J 63 19.28 15.74 27.24
C PHE J 63 20.66 16.30 27.52
N LEU J 64 21.68 15.71 26.94
CA LEU J 64 23.07 16.21 27.02
C LEU J 64 23.45 16.68 25.63
N ARG J 65 23.83 17.96 25.52
CA ARG J 65 24.26 18.56 24.24
C ARG J 65 25.73 18.93 24.37
N PHE J 66 26.52 18.64 23.35
CA PHE J 66 27.98 18.86 23.36
C PHE J 66 28.38 19.63 22.10
N ASP J 67 29.34 20.52 22.27
CA ASP J 67 29.90 21.33 21.16
C ASP J 67 30.90 20.47 20.41
N SER J 68 31.60 21.04 19.43
CA SER J 68 32.51 20.27 18.55
C SER J 68 33.76 19.81 19.32
N ASP J 69 33.98 20.32 20.53
CA ASP J 69 35.09 19.88 21.42
C ASP J 69 34.59 18.85 22.44
N GLY J 70 33.32 18.47 22.37
CA GLY J 70 32.70 17.52 23.33
C GLY J 70 32.45 18.15 24.68
N VAL J 71 32.42 19.48 24.75
CA VAL J 71 32.12 20.26 26.00
C VAL J 71 30.61 20.41 26.15
N LEU J 72 30.10 20.16 27.35
CA LEU J 72 28.65 20.22 27.66
C LEU J 72 28.13 21.65 27.42
N MET J 73 27.04 21.77 26.69
CA MET J 73 26.44 23.08 26.30
C MET J 73 25.31 23.45 27.26
N SER J 74 25.01 24.76 27.36
CA SER J 74 24.17 25.35 28.43
C SER J 74 22.77 24.72 28.42
N ASN J 75 22.20 24.42 27.24
CA ASN J 75 20.79 23.97 27.16
C ASN J 75 20.72 22.44 27.40
N SER J 76 21.50 21.94 28.35
CA SER J 76 21.51 20.49 28.75
C SER J 76 20.73 20.34 30.06
N SER J 77 20.14 19.16 30.28
CA SER J 77 19.39 18.81 31.52
C SER J 77 20.31 18.85 32.73
N MET J 78 21.59 18.52 32.51
CA MET J 78 22.57 18.29 33.59
C MET J 78 23.47 19.51 33.69
N VAL J 79 23.76 19.93 34.92
CA VAL J 79 24.72 21.02 35.24
C VAL J 79 26.14 20.50 34.98
N GLY J 80 27.04 21.37 34.51
CA GLY J 80 28.42 20.96 34.15
C GLY J 80 29.42 21.07 35.29
N ASP J 81 29.01 21.54 36.47
CA ASP J 81 29.94 21.82 37.60
C ASP J 81 30.80 20.59 37.93
N TYR J 82 30.17 19.42 38.04
CA TYR J 82 30.84 18.13 38.37
C TYR J 82 30.58 17.13 37.25
N TRP J 83 30.63 17.61 36.00
CA TRP J 83 30.78 16.77 34.79
C TRP J 83 32.19 16.95 34.26
N ASN J 84 33.08 15.99 34.51
CA ASN J 84 34.51 16.21 34.22
C ASN J 84 35.25 14.86 34.30
N PHE J 85 36.50 14.88 33.90
CA PHE J 85 37.41 13.72 34.03
C PHE J 85 37.58 13.40 35.51
N ARG J 86 37.75 12.13 35.79
CA ARG J 86 37.85 11.58 37.17
C ARG J 86 39.15 12.09 37.83
N GLU J 87 39.07 12.40 39.11
CA GLU J 87 40.24 12.49 40.04
C GLU J 87 39.79 11.90 41.36
N GLY J 88 40.32 10.72 41.71
CA GLY J 88 39.89 9.94 42.88
C GLY J 88 38.40 9.65 42.80
N GLN J 89 37.64 10.03 43.83
CA GLN J 89 36.16 9.85 43.87
C GLN J 89 35.45 11.12 43.35
N THR J 90 36.15 12.09 42.80
CA THR J 90 35.53 13.38 42.39
C THR J 90 35.98 13.72 40.96
N THR J 91 35.96 15.00 40.60
CA THR J 91 36.36 15.48 39.26
C THR J 91 37.65 16.26 39.38
N GLN J 92 38.45 16.30 38.32
CA GLN J 92 39.61 17.22 38.24
C GLN J 92 39.07 18.65 38.44
N SER J 93 39.90 19.52 38.97
CA SER J 93 39.50 20.87 39.43
C SER J 93 39.30 21.82 38.25
N VAL J 94 39.97 21.60 37.12
CA VAL J 94 39.86 22.47 35.90
C VAL J 94 38.85 21.83 34.93
N ALA J 95 37.87 22.61 34.46
CA ALA J 95 36.87 22.20 33.43
C ALA J 95 37.61 21.66 32.21
N TYR J 96 37.21 20.50 31.68
CA TYR J 96 37.88 19.92 30.48
C TYR J 96 37.60 20.80 29.27
N THR J 97 38.54 20.83 28.32
CA THR J 97 38.45 21.62 27.07
C THR J 97 38.19 20.71 25.87
N ASN J 98 38.40 19.39 26.00
CA ASN J 98 38.18 18.45 24.87
C ASN J 98 37.83 17.06 25.40
N ALA J 99 36.70 16.51 24.96
CA ALA J 99 36.27 15.13 25.23
C ALA J 99 35.75 14.48 23.96
N VAL J 100 36.33 14.78 22.81
CA VAL J 100 35.80 14.23 21.52
C VAL J 100 35.96 12.69 21.56
N GLY J 101 36.96 12.19 22.26
CA GLY J 101 37.15 10.74 22.49
C GLY J 101 35.98 10.06 23.18
N PHE J 102 35.08 10.81 23.80
CA PHE J 102 33.90 10.29 24.52
C PHE J 102 32.62 10.55 23.73
N MET J 103 32.69 11.26 22.60
CA MET J 103 31.46 11.67 21.89
C MET J 103 30.99 10.52 21.01
N PRO J 104 29.66 10.35 20.83
CA PRO J 104 29.13 9.31 19.96
C PRO J 104 29.48 9.56 18.49
N ASN J 105 30.03 8.52 17.87
CA ASN J 105 30.54 8.55 16.47
C ASN J 105 29.44 9.09 15.53
N LEU J 106 29.76 10.12 14.75
CA LEU J 106 28.77 10.74 13.83
C LEU J 106 28.56 9.88 12.57
N GLY J 107 29.46 8.97 12.27
CA GLY J 107 29.28 7.96 11.20
C GLY J 107 28.29 6.91 11.64
N ALA J 108 28.47 6.34 12.81
CA ALA J 108 27.59 5.28 13.38
C ALA J 108 26.21 5.87 13.70
N TYR J 109 26.18 7.09 14.24
CA TYR J 109 24.96 7.71 14.79
C TYR J 109 24.85 9.13 14.18
N PRO J 110 24.46 9.23 12.91
CA PRO J 110 24.49 10.55 12.24
C PRO J 110 23.41 11.49 12.77
N LYS J 111 23.68 12.80 12.71
CA LYS J 111 22.65 13.84 12.93
C LYS J 111 21.78 13.86 11.68
N THR J 112 20.52 13.48 11.80
CA THR J 112 19.55 13.47 10.68
C THR J 112 18.20 13.90 11.24
N GLN J 113 17.31 14.38 10.36
CA GLN J 113 15.92 14.71 10.76
C GLN J 113 15.05 13.45 10.69
N SER J 114 15.51 12.38 10.03
CA SER J 114 14.77 11.10 9.94
C SER J 114 15.11 10.24 11.17
N LYS J 115 14.12 9.56 11.71
CA LYS J 115 14.24 8.61 12.84
C LYS J 115 15.04 7.40 12.36
N THR J 116 16.17 7.13 13.01
CA THR J 116 17.13 6.06 12.64
C THR J 116 17.32 5.11 13.82
N PRO J 117 16.74 3.90 13.81
CA PRO J 117 16.84 2.97 14.95
C PRO J 117 18.27 2.77 15.48
N LYS J 118 19.27 2.72 14.62
CA LYS J 118 20.67 2.44 15.00
C LYS J 118 21.21 3.52 15.96
N ASN J 119 20.69 4.75 15.89
CA ASN J 119 21.11 5.89 16.76
C ASN J 119 20.72 5.60 18.20
N SER J 120 19.79 4.68 18.46
CA SER J 120 19.29 4.45 19.84
C SER J 120 19.58 3.04 20.34
N ILE J 121 19.60 2.92 21.66
CA ILE J 121 19.49 1.63 22.40
C ILE J 121 18.14 1.68 23.13
N VAL J 122 17.31 0.67 22.96
CA VAL J 122 15.98 0.63 23.62
C VAL J 122 15.87 -0.68 24.40
N SER J 123 15.59 -0.58 25.70
N SER J 123 15.55 -0.58 25.68
CA SER J 123 15.54 -1.74 26.62
CA SER J 123 15.57 -1.71 26.65
C SER J 123 14.35 -1.62 27.58
C SER J 123 14.36 -1.62 27.58
N GLN J 124 13.80 -2.76 27.97
CA GLN J 124 12.82 -2.84 29.07
C GLN J 124 13.58 -2.76 30.40
N VAL J 125 13.18 -1.86 31.26
CA VAL J 125 13.73 -1.70 32.62
C VAL J 125 12.56 -1.58 33.57
N TYR J 126 12.84 -1.41 34.85
CA TYR J 126 11.80 -1.53 35.91
C TYR J 126 11.94 -0.37 36.88
N LEU J 127 10.84 0.34 37.06
CA LEU J 127 10.79 1.50 37.98
C LEU J 127 11.08 0.99 39.40
N ASN J 128 12.13 1.56 40.00
CA ASN J 128 12.57 1.20 41.38
C ASN J 128 12.93 -0.29 41.46
N GLY J 129 13.26 -0.94 40.36
CA GLY J 129 13.64 -2.36 40.34
C GLY J 129 12.46 -3.27 40.56
N GLU J 130 11.24 -2.76 40.49
CA GLU J 130 10.00 -3.53 40.71
C GLU J 130 9.52 -4.08 39.39
N THR J 131 9.43 -5.40 39.25
CA THR J 131 9.03 -6.04 37.98
C THR J 131 7.55 -5.83 37.68
N THR J 132 6.77 -5.36 38.63
CA THR J 132 5.35 -5.01 38.41
C THR J 132 5.24 -3.57 37.84
N MET J 133 6.34 -2.86 37.66
CA MET J 133 6.34 -1.44 37.16
C MET J 133 7.26 -1.32 35.95
N PRO J 134 6.91 -1.98 34.83
CA PRO J 134 7.76 -2.00 33.64
C PRO J 134 7.85 -0.60 33.00
N MET J 135 9.00 -0.33 32.41
CA MET J 135 9.43 0.99 31.90
C MET J 135 10.28 0.70 30.65
N THR J 136 10.40 1.67 29.75
CA THR J 136 11.38 1.59 28.65
C THR J 136 12.43 2.66 28.89
N LEU J 137 13.68 2.34 28.62
CA LEU J 137 14.77 3.32 28.50
C LEU J 137 15.18 3.37 27.04
N THR J 138 15.14 4.56 26.45
CA THR J 138 15.71 4.85 25.12
C THR J 138 16.93 5.74 25.31
N ILE J 139 18.10 5.27 24.93
CA ILE J 139 19.35 6.09 24.86
C ILE J 139 19.54 6.44 23.38
N THR J 140 19.51 7.72 23.04
CA THR J 140 19.67 8.19 21.65
C THR J 140 20.95 8.98 21.54
N PHE J 141 21.77 8.61 20.57
CA PHE J 141 23.03 9.33 20.21
C PHE J 141 22.74 10.29 19.06
N ASN J 142 23.13 11.54 19.22
CA ASN J 142 23.12 12.54 18.13
C ASN J 142 21.71 12.68 17.56
N GLY J 143 20.70 12.71 18.43
CA GLY J 143 19.35 13.19 18.11
C GLY J 143 19.33 14.72 17.91
N THR J 144 18.25 15.21 17.33
CA THR J 144 18.03 16.64 16.99
C THR J 144 17.87 17.47 18.28
N ASP J 145 18.39 18.70 18.31
CA ASP J 145 18.11 19.74 19.32
C ASP J 145 16.72 20.40 19.06
N GLU J 146 16.28 21.27 19.96
CA GLU J 146 15.21 22.25 19.68
C GLU J 146 15.64 23.11 18.46
N LYS J 147 14.73 23.27 17.51
CA LYS J 147 14.98 24.01 16.24
C LYS J 147 15.38 25.46 16.53
N ASP J 148 14.94 26.05 17.65
CA ASP J 148 15.19 27.50 17.96
C ASP J 148 16.42 27.65 18.87
N THR J 149 17.23 26.61 19.03
CA THR J 149 18.46 26.66 19.85
C THR J 149 19.61 27.23 18.99
N THR J 150 20.43 28.10 19.57
CA THR J 150 21.76 28.56 19.05
C THR J 150 22.68 28.80 20.24
N PRO J 151 23.96 28.33 20.24
CA PRO J 151 24.51 27.54 19.12
C PRO J 151 23.95 26.11 19.14
N VAL J 152 23.98 25.46 17.98
CA VAL J 152 23.52 24.08 17.75
C VAL J 152 24.59 23.13 18.31
N SER J 153 24.18 21.99 18.83
CA SER J 153 25.10 20.92 19.31
C SER J 153 25.74 20.16 18.13
N THR J 154 26.98 19.72 18.29
CA THR J 154 27.67 18.81 17.33
C THR J 154 27.35 17.36 17.68
N TYR J 155 27.32 17.05 18.98
CA TYR J 155 27.00 15.72 19.52
C TYR J 155 25.89 15.85 20.55
N SER J 156 25.14 14.79 20.77
CA SER J 156 24.11 14.77 21.83
C SER J 156 23.94 13.34 22.35
N MET J 157 23.41 13.25 23.56
CA MET J 157 23.08 11.97 24.21
C MET J 157 21.79 12.21 25.01
N THR J 158 20.74 11.50 24.68
CA THR J 158 19.41 11.66 25.29
C THR J 158 19.05 10.36 26.01
N PHE J 159 18.62 10.46 27.24
CA PHE J 159 18.10 9.32 28.05
C PHE J 159 16.63 9.57 28.30
N THR J 160 15.77 8.74 27.73
CA THR J 160 14.31 8.88 27.85
C THR J 160 13.75 7.64 28.56
N TRP J 161 13.23 7.80 29.76
CA TRP J 161 12.44 6.79 30.47
C TRP J 161 10.97 7.06 30.25
N GLN J 162 10.20 6.03 29.90
CA GLN J 162 8.75 6.15 29.66
C GLN J 162 8.06 4.95 30.30
N TRP J 163 6.86 5.17 30.82
CA TRP J 163 6.04 4.10 31.43
C TRP J 163 4.57 4.43 31.21
N THR J 164 3.71 3.44 31.36
CA THR J 164 2.25 3.58 31.11
C THR J 164 1.46 3.46 32.41
N GLY J 165 2.06 2.92 33.46
CA GLY J 165 1.41 2.73 34.78
C GLY J 165 0.91 4.03 35.38
N ASP J 166 -0.15 3.93 36.19
CA ASP J 166 -0.64 5.02 37.08
C ASP J 166 -0.18 4.71 38.50
N TYR J 167 0.49 5.65 39.16
CA TYR J 167 1.11 5.44 40.48
C TYR J 167 0.67 6.54 41.47
N LYS J 168 -0.31 7.38 41.13
CA LYS J 168 -0.66 8.55 41.99
C LYS J 168 -1.18 8.04 43.35
N ASP J 169 -1.90 6.91 43.40
CA ASP J 169 -2.44 6.39 44.68
C ASP J 169 -1.33 5.80 45.55
N LYS J 170 -0.13 5.61 45.01
CA LYS J 170 1.05 5.15 45.76
C LYS J 170 1.91 6.38 46.09
N ASN J 171 3.09 6.12 46.59
CA ASN J 171 4.06 7.16 46.94
C ASN J 171 5.36 6.70 46.33
N ILE J 172 5.45 6.70 45.01
CA ILE J 172 6.62 6.17 44.26
C ILE J 172 7.50 7.32 43.85
N THR J 173 8.80 7.26 44.20
CA THR J 173 9.82 8.21 43.73
C THR J 173 10.30 7.72 42.37
N PHE J 174 10.36 8.57 41.35
CA PHE J 174 10.99 8.15 40.07
C PHE J 174 12.48 7.88 40.35
N ALA J 175 12.93 6.66 40.21
CA ALA J 175 14.33 6.26 40.42
C ALA J 175 14.56 4.98 39.65
N THR J 176 15.71 4.87 39.05
CA THR J 176 16.04 3.76 38.12
C THR J 176 17.11 2.87 38.75
N ASN J 177 17.15 1.64 38.26
CA ASN J 177 18.29 0.73 38.47
C ASN J 177 19.46 1.26 37.64
N SER J 178 20.69 0.92 38.03
CA SER J 178 21.87 1.16 37.19
C SER J 178 21.69 0.39 35.88
N PHE J 179 22.12 0.99 34.77
CA PHE J 179 21.92 0.43 33.43
C PHE J 179 23.24 0.53 32.68
N THR J 180 23.69 -0.57 32.11
CA THR J 180 24.95 -0.65 31.33
C THR J 180 24.65 -0.51 29.84
N PHE J 181 25.51 0.19 29.12
CA PHE J 181 25.40 0.34 27.66
C PHE J 181 26.78 0.65 27.09
N SER J 182 26.89 0.69 25.77
CA SER J 182 28.13 1.12 25.09
C SER J 182 27.78 1.78 23.77
N TYR J 183 28.74 2.50 23.22
CA TYR J 183 28.60 3.11 21.86
C TYR J 183 29.99 3.34 21.28
N MET J 184 30.06 3.43 19.97
CA MET J 184 31.30 3.77 19.25
C MET J 184 31.64 5.23 19.47
N ALA J 185 32.91 5.50 19.81
CA ALA J 185 33.42 6.84 20.05
C ALA J 185 33.76 7.52 18.71
N GLN J 186 33.68 8.84 18.69
CA GLN J 186 34.03 9.64 17.49
C GLN J 186 35.51 9.45 17.14
N GLU J 187 36.39 9.44 18.12
CA GLU J 187 37.84 9.19 17.86
C GLU J 187 38.43 8.39 19.04
N LYS K 1 45.93 -9.23 38.23
N LYS K 1 46.73 -8.10 38.11
CA LYS K 1 45.96 -8.55 36.95
CA LYS K 1 46.15 -8.25 36.75
C LYS K 1 44.63 -7.80 36.75
C LYS K 1 44.68 -7.75 36.71
N LEU K 2 44.14 -7.77 35.51
CA LEU K 2 42.95 -6.96 35.12
C LEU K 2 41.74 -7.87 34.95
N THR K 3 41.88 -9.19 35.21
CA THR K 3 40.76 -10.15 35.19
C THR K 3 40.71 -10.93 36.48
N LEU K 4 39.54 -10.90 37.12
CA LEU K 4 39.20 -11.68 38.32
C LEU K 4 38.04 -12.60 37.93
N TRP K 5 38.24 -13.92 37.95
CA TRP K 5 37.24 -14.85 37.36
C TRP K 5 37.21 -16.20 38.08
N THR K 6 36.20 -16.97 37.70
CA THR K 6 35.93 -18.37 38.12
C THR K 6 36.68 -19.37 37.23
N THR K 7 37.51 -18.88 36.31
CA THR K 7 37.90 -19.56 35.04
C THR K 7 36.69 -19.59 34.10
N PRO K 8 36.91 -19.76 32.79
CA PRO K 8 35.82 -19.73 31.83
C PRO K 8 34.93 -20.98 31.88
N ASP K 9 35.45 -22.09 32.38
N ASP K 9 35.45 -22.07 32.46
CA ASP K 9 34.76 -23.40 32.41
CA ASP K 9 34.89 -23.43 32.41
C ASP K 9 34.89 -24.04 33.78
C ASP K 9 34.94 -24.04 33.80
N PRO K 10 34.34 -23.43 34.85
CA PRO K 10 34.55 -23.94 36.21
C PRO K 10 33.93 -25.32 36.46
N SER K 11 34.60 -26.09 37.33
CA SER K 11 34.01 -27.23 38.05
C SER K 11 32.90 -26.73 38.95
N PRO K 12 32.02 -27.64 39.46
CA PRO K 12 30.98 -27.23 40.42
C PRO K 12 31.65 -26.47 41.57
N ASN K 13 31.24 -25.22 41.78
CA ASN K 13 31.98 -24.27 42.61
C ASN K 13 31.03 -23.41 43.44
N CYS K 14 29.76 -23.79 43.49
CA CYS K 14 28.71 -22.90 44.02
C CYS K 14 27.59 -23.70 44.68
N GLN K 15 27.05 -23.18 45.78
CA GLN K 15 25.84 -23.73 46.45
C GLN K 15 24.64 -22.85 46.09
N LEU K 16 23.65 -23.42 45.40
CA LEU K 16 22.29 -22.81 45.30
C LEU K 16 21.43 -23.36 46.42
N LEU K 17 21.40 -24.68 46.59
CA LEU K 17 20.57 -25.36 47.62
C LEU K 17 21.50 -26.20 48.51
N SER K 18 22.53 -26.85 47.96
CA SER K 18 23.45 -27.72 48.73
C SER K 18 24.87 -27.60 48.14
N ASP K 19 25.85 -28.16 48.85
CA ASP K 19 27.29 -27.94 48.56
C ASP K 19 27.59 -28.24 47.10
N ARG K 20 28.21 -27.29 46.39
CA ARG K 20 28.76 -27.50 45.00
C ARG K 20 27.70 -28.17 44.12
N ASP K 21 26.47 -27.65 44.15
CA ASP K 21 25.34 -28.18 43.34
C ASP K 21 25.22 -27.38 42.04
N ALA K 22 26.14 -26.45 41.80
CA ALA K 22 26.04 -25.54 40.63
C ALA K 22 27.41 -25.11 40.15
N LYS K 23 27.48 -24.81 38.86
CA LYS K 23 28.62 -24.15 38.20
C LYS K 23 28.24 -22.68 38.00
N PHE K 24 28.94 -21.81 38.71
CA PHE K 24 28.79 -20.35 38.62
C PHE K 24 29.98 -19.80 37.84
N THR K 25 29.73 -19.20 36.69
CA THR K 25 30.77 -18.56 35.86
C THR K 25 30.66 -17.05 36.01
N LEU K 26 31.73 -16.39 36.39
CA LEU K 26 31.76 -14.93 36.55
C LEU K 26 33.14 -14.45 36.13
N CYS K 27 33.17 -13.55 35.15
CA CYS K 27 34.39 -12.88 34.67
C CYS K 27 34.24 -11.38 34.92
N LEU K 28 35.10 -10.82 35.76
CA LEU K 28 35.17 -9.37 36.01
C LEU K 28 36.44 -8.84 35.34
N THR K 29 36.27 -7.93 34.40
CA THR K 29 37.39 -7.34 33.66
C THR K 29 37.50 -5.87 34.04
N LYS K 30 38.62 -5.45 34.60
CA LYS K 30 38.79 -4.06 35.06
C LYS K 30 39.09 -3.16 33.86
N CYS K 31 38.18 -2.26 33.57
CA CYS K 31 38.34 -1.20 32.53
C CYS K 31 38.50 0.14 33.28
N GLY K 32 39.59 0.34 34.01
CA GLY K 32 39.79 1.52 34.85
C GLY K 32 38.67 1.69 35.86
N SER K 33 37.89 2.76 35.73
CA SER K 33 36.84 3.18 36.69
C SER K 33 35.65 2.21 36.69
N GLN K 34 35.49 1.39 35.64
CA GLN K 34 34.34 0.47 35.54
C GLN K 34 34.83 -0.96 35.40
N ILE K 35 34.08 -1.87 36.02
CA ILE K 35 34.27 -3.32 35.82
C ILE K 35 33.24 -3.76 34.78
N LEU K 36 33.70 -4.52 33.79
CA LEU K 36 32.83 -5.20 32.82
C LEU K 36 32.68 -6.67 33.28
N GLY K 37 31.45 -7.12 33.45
CA GLY K 37 31.16 -8.47 33.90
C GLY K 37 30.36 -9.29 32.92
N THR K 38 30.60 -10.61 32.93
CA THR K 38 29.71 -11.60 32.28
C THR K 38 29.51 -12.73 33.25
N VAL K 39 28.25 -13.15 33.41
CA VAL K 39 27.83 -14.10 34.43
C VAL K 39 26.91 -15.14 33.79
N ALA K 40 27.03 -16.39 34.25
CA ALA K 40 26.15 -17.50 33.88
C ALA K 40 26.15 -18.52 35.02
N VAL K 41 25.07 -19.27 35.16
CA VAL K 41 24.99 -20.31 36.22
C VAL K 41 24.21 -21.50 35.70
N ALA K 42 24.54 -22.69 36.18
CA ALA K 42 23.80 -23.93 35.87
C ALA K 42 23.81 -24.85 37.10
N ALA K 43 22.62 -25.33 37.49
CA ALA K 43 22.50 -26.43 38.46
C ALA K 43 23.06 -27.70 37.81
N VAL K 44 23.86 -28.47 38.53
CA VAL K 44 24.52 -29.70 37.97
C VAL K 44 24.23 -30.95 38.82
N THR K 45 23.99 -30.87 40.12
CA THR K 45 23.61 -32.03 41.00
C THR K 45 22.19 -32.53 40.67
N VAL K 46 22.04 -33.79 40.31
CA VAL K 46 20.73 -34.35 39.86
C VAL K 46 19.90 -34.71 41.09
N GLY K 47 18.64 -34.28 41.12
CA GLY K 47 17.67 -34.65 42.16
C GLY K 47 17.34 -33.48 43.06
N SER K 48 18.00 -32.33 42.87
CA SER K 48 17.65 -31.08 43.58
C SER K 48 16.35 -30.53 43.00
N ALA K 49 15.72 -29.61 43.74
CA ALA K 49 14.50 -28.92 43.32
C ALA K 49 14.77 -28.05 42.08
N LEU K 50 16.04 -27.85 41.68
CA LEU K 50 16.38 -27.06 40.49
C LEU K 50 16.97 -27.94 39.38
N ASN K 51 17.00 -29.27 39.58
CA ASN K 51 17.62 -30.19 38.59
C ASN K 51 17.04 -31.59 38.77
N PRO K 52 15.85 -31.89 38.21
CA PRO K 52 15.06 -30.91 37.44
C PRO K 52 14.20 -29.98 38.32
N ILE K 53 13.83 -28.81 37.79
CA ILE K 53 12.90 -27.85 38.46
C ILE K 53 11.59 -28.59 38.77
N ASN K 54 11.21 -28.63 40.05
CA ASN K 54 9.97 -29.32 40.50
C ASN K 54 8.96 -28.30 41.04
N ASP K 55 9.27 -27.01 40.94
CA ASP K 55 8.36 -25.86 41.22
C ASP K 55 8.27 -25.59 42.72
N THR K 56 9.06 -26.27 43.57
CA THR K 56 9.07 -26.00 45.03
C THR K 56 9.94 -24.78 45.31
N VAL K 57 10.85 -24.44 44.40
CA VAL K 57 11.80 -23.31 44.56
C VAL K 57 11.85 -22.53 43.25
N LYS K 58 11.53 -21.24 43.31
CA LYS K 58 11.38 -20.39 42.10
C LYS K 58 12.30 -19.18 42.21
N SER K 59 13.41 -19.32 42.92
CA SER K 59 14.52 -18.34 42.91
C SER K 59 15.83 -19.11 43.04
N ALA K 60 16.91 -18.51 42.60
CA ALA K 60 18.27 -19.03 42.77
C ALA K 60 19.14 -17.83 43.09
N ILE K 61 19.90 -17.88 44.16
CA ILE K 61 20.70 -16.72 44.64
C ILE K 61 22.14 -17.14 44.77
N VAL K 62 23.04 -16.33 44.25
CA VAL K 62 24.49 -16.44 44.52
C VAL K 62 24.91 -15.16 45.24
N PHE K 63 25.30 -15.29 46.50
N PHE K 63 25.33 -15.28 46.49
CA PHE K 63 25.77 -14.16 47.37
CA PHE K 63 25.76 -14.13 47.34
C PHE K 63 27.28 -14.20 47.46
C PHE K 63 27.28 -14.18 47.49
N LEU K 64 27.94 -13.13 47.03
CA LEU K 64 29.41 -12.96 47.20
C LEU K 64 29.60 -11.84 48.23
N ARG K 65 30.27 -12.13 49.32
CA ARG K 65 30.64 -11.16 50.37
C ARG K 65 32.15 -10.98 50.37
N PHE K 66 32.61 -9.76 50.50
CA PHE K 66 34.05 -9.42 50.41
C PHE K 66 34.44 -8.57 51.60
N ASP K 67 35.63 -8.81 52.12
CA ASP K 67 36.22 -8.02 53.21
C ASP K 67 36.79 -6.73 52.63
N SER K 68 37.46 -5.93 53.45
CA SER K 68 37.92 -4.57 53.06
C SER K 68 39.07 -4.67 52.04
N ASP K 69 39.65 -5.86 51.85
CA ASP K 69 40.69 -6.11 50.83
C ASP K 69 40.09 -6.69 49.56
N GLY K 70 38.78 -6.86 49.52
CA GLY K 70 38.07 -7.43 48.37
C GLY K 70 38.25 -8.93 48.28
N VAL K 71 38.62 -9.55 49.38
CA VAL K 71 38.81 -11.05 49.48
C VAL K 71 37.47 -11.68 49.81
N LEU K 72 37.12 -12.75 49.10
CA LEU K 72 35.85 -13.46 49.27
C LEU K 72 35.77 -14.03 50.68
N MET K 73 34.66 -13.80 51.37
CA MET K 73 34.46 -14.23 52.79
C MET K 73 33.71 -15.57 52.82
N SER K 74 33.87 -16.32 53.92
CA SER K 74 33.35 -17.69 54.10
C SER K 74 31.83 -17.77 53.86
N ASN K 75 31.09 -16.75 54.25
CA ASN K 75 29.62 -16.69 54.19
C ASN K 75 29.10 -16.45 52.74
N SER K 76 29.81 -16.94 51.72
CA SER K 76 29.51 -16.71 50.28
C SER K 76 29.05 -18.02 49.64
N SER K 77 28.21 -17.93 48.63
CA SER K 77 27.61 -19.09 47.90
C SER K 77 28.70 -19.86 47.15
N MET K 78 29.72 -19.15 46.70
CA MET K 78 30.73 -19.65 45.75
C MET K 78 31.98 -19.89 46.56
N VAL K 79 32.66 -21.01 46.29
CA VAL K 79 33.95 -21.36 46.91
C VAL K 79 35.04 -20.46 46.30
N GLY K 80 36.03 -20.05 47.10
CA GLY K 80 37.12 -19.13 46.68
C GLY K 80 38.31 -19.84 46.03
N ASP K 81 38.35 -21.16 46.04
CA ASP K 81 39.46 -21.99 45.52
C ASP K 81 39.80 -21.60 44.09
N TYR K 82 38.82 -21.42 43.20
CA TYR K 82 39.06 -21.05 41.77
C TYR K 82 38.38 -19.71 41.45
N TRP K 83 38.34 -18.82 42.45
CA TRP K 83 38.03 -17.38 42.28
C TRP K 83 39.30 -16.57 42.44
N ASN K 84 39.89 -16.13 41.35
CA ASN K 84 41.25 -15.55 41.43
C ASN K 84 41.57 -14.78 40.15
N PHE K 85 42.67 -14.07 40.15
CA PHE K 85 43.23 -13.41 38.96
C PHE K 85 43.55 -14.46 37.92
N ARG K 86 43.41 -14.07 36.66
CA ARG K 86 43.60 -14.98 35.51
C ARG K 86 45.08 -15.40 35.40
N GLU K 87 45.31 -16.64 35.04
CA GLU K 87 46.62 -17.14 34.51
C GLU K 87 46.30 -18.08 33.35
N GLY K 88 46.53 -17.62 32.12
CA GLY K 88 46.07 -18.31 30.90
C GLY K 88 44.58 -18.56 30.94
N GLN K 89 44.16 -19.82 30.80
CA GLN K 89 42.74 -20.26 30.84
C GLN K 89 42.35 -20.69 32.28
N THR K 90 43.20 -20.45 33.29
CA THR K 90 42.87 -20.88 34.67
C THR K 90 43.09 -19.70 35.62
N THR K 91 43.31 -19.97 36.89
CA THR K 91 43.53 -18.95 37.94
C THR K 91 44.97 -19.05 38.40
N GLN K 92 45.55 -17.96 38.89
N GLN K 92 45.49 -17.94 38.93
CA GLN K 92 46.84 -18.04 39.60
CA GLN K 92 46.68 -17.84 39.83
C GLN K 92 46.66 -19.02 40.78
C GLN K 92 46.61 -19.00 40.84
N SER K 93 47.72 -19.68 41.18
CA SER K 93 47.68 -20.84 42.09
C SER K 93 47.56 -20.34 43.54
N VAL K 94 48.04 -19.14 43.85
CA VAL K 94 48.02 -18.56 45.23
C VAL K 94 46.82 -17.62 45.34
N ALA K 95 45.98 -17.82 46.37
CA ALA K 95 44.79 -16.97 46.65
C ALA K 95 45.22 -15.49 46.71
N TYR K 96 44.46 -14.62 46.03
CA TYR K 96 44.78 -13.16 46.02
C TYR K 96 44.52 -12.61 47.43
N THR K 97 45.27 -11.57 47.79
CA THR K 97 45.14 -10.86 49.08
C THR K 97 44.53 -9.47 48.87
N ASN K 98 44.42 -8.96 47.64
CA ASN K 98 43.77 -7.64 47.40
C ASN K 98 43.13 -7.56 46.01
N ALA K 99 41.85 -7.23 45.96
CA ALA K 99 41.09 -6.98 44.72
C ALA K 99 40.21 -5.73 44.88
N VAL K 100 40.66 -4.72 45.62
CA VAL K 100 39.78 -3.55 45.90
C VAL K 100 39.42 -2.86 44.56
N GLY K 101 40.32 -2.92 43.58
CA GLY K 101 40.09 -2.41 42.22
C GLY K 101 38.89 -3.04 41.53
N PHE K 102 38.39 -4.18 42.02
CA PHE K 102 37.23 -4.89 41.42
C PHE K 102 36.00 -4.75 42.30
N MET K 103 36.10 -4.07 43.43
CA MET K 103 34.95 -3.98 44.37
C MET K 103 33.99 -2.88 43.89
N PRO K 104 32.67 -3.05 44.10
CA PRO K 104 31.69 -2.03 43.74
C PRO K 104 31.84 -0.79 44.62
N ASN K 105 31.90 0.36 43.95
CA ASN K 105 32.13 1.69 44.57
C ASN K 105 31.12 1.92 45.69
N LEU K 106 31.58 2.24 46.90
CA LEU K 106 30.67 2.43 48.06
C LEU K 106 29.97 3.80 48.00
N GLY K 107 30.49 4.74 47.22
CA GLY K 107 29.80 6.01 46.94
C GLY K 107 28.62 5.80 46.02
N ALA K 108 28.83 5.08 44.90
CA ALA K 108 27.78 4.79 43.92
C ALA K 108 26.74 3.85 44.52
N TYR K 109 27.19 2.85 45.27
CA TYR K 109 26.35 1.72 45.75
C TYR K 109 26.58 1.59 47.25
N PRO K 110 26.02 2.49 48.07
CA PRO K 110 26.34 2.51 49.49
C PRO K 110 25.79 1.28 50.24
N LYS K 111 26.49 0.91 51.31
CA LYS K 111 26.46 -0.41 51.94
C LYS K 111 25.18 -0.49 52.74
N THR K 112 24.42 -1.54 52.45
CA THR K 112 23.25 -2.08 53.21
C THR K 112 22.00 -1.76 52.40
N GLN K 113 22.17 -0.95 51.34
CA GLN K 113 21.06 -0.24 50.67
C GLN K 113 20.62 -1.09 49.48
N SER K 114 20.24 -2.34 49.71
CA SER K 114 19.71 -3.31 48.69
C SER K 114 18.41 -2.83 48.02
N LYS K 115 17.72 -1.89 48.69
CA LYS K 115 16.39 -1.35 48.27
C LYS K 115 16.52 0.02 47.55
N THR K 116 17.64 0.74 47.65
CA THR K 116 18.07 1.85 46.78
C THR K 116 18.22 1.33 45.34
N PRO K 117 17.33 1.73 44.40
CA PRO K 117 17.37 1.15 43.05
C PRO K 117 18.74 1.21 42.37
N LYS K 118 19.50 2.28 42.59
CA LYS K 118 20.81 2.49 41.89
C LYS K 118 21.81 1.37 42.29
N ASN K 119 21.65 0.75 43.45
CA ASN K 119 22.55 -0.35 43.92
C ASN K 119 22.37 -1.58 43.03
N SER K 120 21.29 -1.68 42.27
CA SER K 120 20.99 -2.92 41.51
C SER K 120 20.91 -2.68 40.01
N ILE K 121 21.10 -3.75 39.25
CA ILE K 121 20.72 -3.87 37.83
C ILE K 121 19.60 -4.90 37.76
N VAL K 122 18.48 -4.58 37.13
CA VAL K 122 17.34 -5.52 37.07
C VAL K 122 16.92 -5.67 35.62
N SER K 123 16.88 -6.91 35.13
N SER K 123 16.91 -6.90 35.11
CA SER K 123 16.64 -7.23 33.71
CA SER K 123 16.63 -7.21 33.68
C SER K 123 15.74 -8.47 33.57
C SER K 123 15.77 -8.46 33.55
N GLN K 124 14.96 -8.52 32.49
CA GLN K 124 14.26 -9.76 32.09
C GLN K 124 15.26 -10.66 31.38
N VAL K 125 15.37 -11.90 31.82
CA VAL K 125 16.20 -12.94 31.17
C VAL K 125 15.33 -14.18 30.99
N TYR K 126 15.88 -15.24 30.43
CA TYR K 126 15.07 -16.38 29.93
C TYR K 126 15.68 -17.69 30.40
N LEU K 127 14.87 -18.48 31.07
CA LEU K 127 15.30 -19.79 31.60
C LEU K 127 15.70 -20.67 30.42
N ASN K 128 16.95 -21.13 30.41
CA ASN K 128 17.51 -21.99 29.34
C ASN K 128 17.40 -21.29 27.97
N GLY K 129 17.35 -19.97 27.93
CA GLY K 129 17.28 -19.22 26.67
C GLY K 129 15.94 -19.35 25.97
N GLU K 130 14.94 -19.88 26.66
CA GLU K 130 13.57 -20.05 26.11
C GLU K 130 12.74 -18.80 26.38
N THR K 131 12.28 -18.12 25.34
CA THR K 131 11.59 -16.82 25.49
C THR K 131 10.18 -17.02 26.05
N THR K 132 9.67 -18.26 26.10
CA THR K 132 8.37 -18.55 26.74
C THR K 132 8.57 -18.77 28.24
N MET K 133 9.80 -18.68 28.76
CA MET K 133 10.12 -18.92 30.18
C MET K 133 10.85 -17.72 30.76
N PRO K 134 10.13 -16.58 30.91
CA PRO K 134 10.73 -15.38 31.44
C PRO K 134 11.13 -15.53 32.92
N MET K 135 12.19 -14.82 33.27
CA MET K 135 12.86 -14.81 34.57
C MET K 135 13.34 -13.37 34.80
N THR K 136 13.52 -12.96 36.04
N THR K 136 13.53 -12.97 36.05
CA THR K 136 14.19 -11.68 36.35
CA THR K 136 14.11 -11.68 36.46
C THR K 136 15.54 -11.97 36.97
C THR K 136 15.49 -11.91 37.06
N LEU K 137 16.55 -11.26 36.54
CA LEU K 137 17.86 -11.22 37.18
C LEU K 137 18.02 -9.89 37.89
N THR K 138 18.29 -9.91 39.18
CA THR K 138 18.69 -8.74 39.97
C THR K 138 20.14 -8.92 40.37
N ILE K 139 21.00 -8.01 39.92
CA ILE K 139 22.40 -7.91 40.40
C ILE K 139 22.45 -6.76 41.40
N THR K 140 22.81 -7.03 42.64
CA THR K 140 22.84 -5.99 43.69
C THR K 140 24.26 -5.82 44.18
N PHE K 141 24.73 -4.58 44.21
CA PHE K 141 26.05 -4.19 44.73
C PHE K 141 25.88 -3.68 46.16
N ASN K 142 26.67 -4.26 47.06
CA ASN K 142 26.79 -3.74 48.45
C ASN K 142 25.43 -3.74 49.15
N GLY K 143 24.60 -4.74 48.90
CA GLY K 143 23.25 -4.83 49.45
C GLY K 143 23.27 -5.32 50.88
N THR K 144 24.21 -6.20 51.23
CA THR K 144 24.09 -7.16 52.40
C THR K 144 24.10 -6.38 53.72
N THR K 150 29.18 -11.00 61.88
CA THR K 150 28.74 -12.09 60.96
C THR K 150 29.87 -12.97 60.42
N PRO K 151 31.12 -12.49 60.17
CA PRO K 151 31.51 -11.09 60.38
C PRO K 151 30.93 -10.21 59.27
N VAL K 152 31.02 -8.88 59.43
CA VAL K 152 30.40 -7.89 58.50
C VAL K 152 31.24 -7.80 57.22
N SER K 153 30.58 -7.82 56.07
CA SER K 153 31.27 -7.66 54.76
C SER K 153 31.47 -6.17 54.53
N THR K 154 32.53 -5.77 53.83
CA THR K 154 32.74 -4.35 53.39
C THR K 154 32.05 -4.12 52.05
N TYR K 155 32.14 -5.10 51.15
CA TYR K 155 31.51 -5.09 49.81
C TYR K 155 30.69 -6.35 49.63
N SER K 156 29.78 -6.37 48.66
CA SER K 156 29.03 -7.58 48.29
C SER K 156 28.52 -7.49 46.87
N MET K 157 28.24 -8.62 46.28
CA MET K 157 27.67 -8.73 44.92
C MET K 157 26.71 -9.93 44.94
N THR K 158 25.43 -9.68 44.72
CA THR K 158 24.36 -10.69 44.83
C THR K 158 23.71 -10.86 43.47
N PHE K 159 23.56 -12.10 43.02
CA PHE K 159 22.85 -12.44 41.78
C PHE K 159 21.60 -13.22 42.14
N THR K 160 20.43 -12.64 41.89
CA THR K 160 19.16 -13.28 42.22
C THR K 160 18.36 -13.51 40.94
N TRP K 161 18.13 -14.78 40.61
CA TRP K 161 17.18 -15.16 39.53
C TRP K 161 15.85 -15.54 40.18
N GLN K 162 14.74 -15.02 39.67
CA GLN K 162 13.38 -15.34 40.16
C GLN K 162 12.44 -15.54 38.98
N TRP K 163 11.48 -16.42 39.10
CA TRP K 163 10.47 -16.69 38.05
C TRP K 163 9.17 -17.12 38.71
N THR K 164 8.06 -17.06 37.96
CA THR K 164 6.72 -17.41 38.47
C THR K 164 6.20 -18.67 37.77
N GLY K 165 6.78 -19.04 36.62
CA GLY K 165 6.32 -20.19 35.82
C GLY K 165 6.36 -21.51 36.59
N ASP K 166 5.49 -22.45 36.21
CA ASP K 166 5.52 -23.85 36.68
C ASP K 166 6.10 -24.72 35.56
N TYR K 167 7.14 -25.51 35.85
CA TYR K 167 7.90 -26.28 34.83
C TYR K 167 8.09 -27.74 35.26
N LYS K 168 7.38 -28.21 36.28
CA LYS K 168 7.63 -29.55 36.87
C LYS K 168 7.45 -30.66 35.82
N ASP K 169 6.50 -30.52 34.89
CA ASP K 169 6.24 -31.59 33.87
C ASP K 169 7.37 -31.61 32.82
N LYS K 170 8.21 -30.58 32.78
CA LYS K 170 9.03 -30.27 31.57
C LYS K 170 10.47 -30.79 31.72
N ASN K 171 10.81 -31.37 32.87
CA ASN K 171 12.16 -31.92 33.15
C ASN K 171 13.25 -30.93 32.73
N ILE K 172 13.16 -29.70 33.21
CA ILE K 172 14.06 -28.56 32.89
C ILE K 172 15.11 -28.40 34.00
N THR K 173 16.38 -28.32 33.65
CA THR K 173 17.46 -27.96 34.60
C THR K 173 17.59 -26.44 34.68
N PHE K 174 17.64 -25.86 35.87
CA PHE K 174 17.96 -24.42 36.05
C PHE K 174 19.32 -24.13 35.43
N ALA K 175 19.34 -23.29 34.39
CA ALA K 175 20.56 -22.83 33.74
C ALA K 175 20.24 -21.54 33.00
N THR K 176 21.20 -20.63 32.98
CA THR K 176 20.98 -19.27 32.43
C THR K 176 21.79 -19.06 31.15
N ASN K 177 21.35 -18.10 30.37
CA ASN K 177 22.17 -17.49 29.29
C ASN K 177 23.29 -16.68 29.94
N SER K 178 24.36 -16.43 29.23
CA SER K 178 25.38 -15.44 29.66
C SER K 178 24.71 -14.06 29.70
N PHE K 179 25.10 -13.24 30.65
CA PHE K 179 24.53 -11.90 30.87
C PHE K 179 25.68 -10.92 31.10
N THR K 180 25.64 -9.80 30.37
CA THR K 180 26.68 -8.74 30.46
C THR K 180 26.19 -7.62 31.38
N PHE K 181 27.08 -7.06 32.17
CA PHE K 181 26.75 -5.91 33.06
C PHE K 181 28.03 -5.15 33.36
N SER K 182 27.91 -4.01 34.03
CA SER K 182 29.08 -3.21 34.48
C SER K 182 28.71 -2.45 35.73
N TYR K 183 29.72 -1.97 36.43
CA TYR K 183 29.55 -1.14 37.64
C TYR K 183 30.83 -0.34 37.88
N MET K 184 30.69 0.76 38.59
CA MET K 184 31.82 1.60 39.00
C MET K 184 32.64 0.88 40.06
N ALA K 185 33.95 0.89 39.91
CA ALA K 185 34.92 0.26 40.81
C ALA K 185 35.20 1.21 41.98
N GLN K 186 35.55 0.63 43.12
CA GLN K 186 35.92 1.38 44.34
C GLN K 186 37.17 2.21 44.07
N GLU K 187 38.17 1.64 43.40
CA GLU K 187 39.41 2.40 43.07
C GLU K 187 39.94 1.92 41.73
N LYS L 1 45.02 -4.38 16.05
CA LYS L 1 44.69 -3.33 17.02
C LYS L 1 43.77 -3.94 18.11
N LEU L 2 43.11 -3.08 18.86
CA LEU L 2 42.17 -3.44 19.93
C LEU L 2 40.73 -3.26 19.46
N THR L 3 40.50 -2.84 18.21
CA THR L 3 39.12 -2.80 17.63
C THR L 3 39.07 -3.55 16.31
N LEU L 4 38.12 -4.47 16.21
CA LEU L 4 37.80 -5.24 14.98
C LEU L 4 36.37 -4.89 14.59
N TRP L 5 36.15 -4.29 13.42
CA TRP L 5 34.81 -3.74 13.11
C TRP L 5 34.49 -3.76 11.62
N THR L 6 33.23 -3.46 11.32
CA THR L 6 32.64 -3.34 9.97
C THR L 6 32.85 -1.92 9.41
N THR L 7 33.58 -1.07 10.13
CA THR L 7 33.50 0.41 10.07
C THR L 7 32.16 0.85 10.69
N PRO L 8 32.05 2.13 11.12
CA PRO L 8 30.87 2.57 11.85
C PRO L 8 29.64 2.74 10.95
N ASP L 9 29.87 2.95 9.65
CA ASP L 9 28.79 3.22 8.68
C ASP L 9 29.02 2.35 7.45
N PRO L 10 28.89 1.01 7.55
CA PRO L 10 29.16 0.13 6.42
C PRO L 10 28.16 0.30 5.27
N SER L 11 28.65 0.09 4.06
CA SER L 11 27.85 -0.19 2.83
C SER L 11 27.10 -1.50 3.04
N PRO L 12 26.06 -1.80 2.22
CA PRO L 12 25.40 -3.11 2.29
C PRO L 12 26.46 -4.20 2.22
N ASN L 13 26.51 -5.04 3.26
CA ASN L 13 27.67 -5.92 3.50
C ASN L 13 27.18 -7.27 4.01
N CYS L 14 25.89 -7.55 3.91
CA CYS L 14 25.26 -8.67 4.65
C CYS L 14 24.09 -9.25 3.84
N GLN L 15 23.98 -10.58 3.90
CA GLN L 15 22.80 -11.29 3.34
C GLN L 15 21.90 -11.71 4.50
N LEU L 16 20.66 -11.20 4.56
CA LEU L 16 19.60 -11.77 5.41
C LEU L 16 18.82 -12.78 4.57
N LEU L 17 18.37 -12.39 3.38
CA LEU L 17 17.61 -13.25 2.47
C LEU L 17 18.33 -13.36 1.12
N SER L 18 18.95 -12.29 0.63
CA SER L 18 19.68 -12.29 -0.66
C SER L 18 20.93 -11.42 -0.54
N ASP L 19 21.79 -11.49 -1.56
CA ASP L 19 23.14 -10.89 -1.54
C ASP L 19 23.04 -9.40 -1.17
N ARG L 20 23.80 -8.97 -0.16
CA ARG L 20 23.99 -7.55 0.23
C ARG L 20 22.63 -6.85 0.30
N ASP L 21 21.67 -7.47 0.99
CA ASP L 21 20.31 -6.92 1.18
C ASP L 21 20.26 -6.16 2.52
N ALA L 22 21.38 -6.07 3.23
CA ALA L 22 21.39 -5.50 4.60
C ALA L 22 22.72 -4.86 4.93
N LYS L 23 22.67 -3.89 5.84
CA LYS L 23 23.85 -3.26 6.49
C LYS L 23 23.94 -3.85 7.89
N PHE L 24 25.02 -4.59 8.12
CA PHE L 24 25.33 -5.17 9.44
C PHE L 24 26.49 -4.40 10.04
N THR L 25 26.26 -3.74 11.18
CA THR L 25 27.30 -2.97 11.90
C THR L 25 27.71 -3.80 13.13
N LEU L 26 28.99 -4.05 13.29
CA LEU L 26 29.51 -4.75 14.47
C LEU L 26 30.85 -4.14 14.83
N CYS L 27 30.97 -3.70 16.07
CA CYS L 27 32.24 -3.20 16.63
C CYS L 27 32.61 -4.12 17.81
N LEU L 28 33.75 -4.78 17.70
CA LEU L 28 34.31 -5.62 18.81
C LEU L 28 35.53 -4.90 19.37
N THR L 29 35.47 -4.50 20.63
CA THR L 29 36.56 -3.77 21.29
C THR L 29 37.18 -4.70 22.35
N LYS L 30 38.46 -5.00 22.23
CA LYS L 30 39.15 -5.93 23.15
C LYS L 30 39.47 -5.20 24.45
N CYS L 31 38.82 -5.62 25.53
CA CYS L 31 39.12 -5.17 26.90
C CYS L 31 39.80 -6.32 27.64
N GLY L 32 41.03 -6.68 27.26
CA GLY L 32 41.75 -7.84 27.83
C GLY L 32 40.95 -9.13 27.68
N SER L 33 40.50 -9.71 28.79
CA SER L 33 39.83 -11.04 28.86
C SER L 33 38.44 -11.00 28.23
N GLN L 34 37.84 -9.80 28.06
CA GLN L 34 36.46 -9.70 27.54
C GLN L 34 36.47 -8.80 26.31
N ILE L 35 35.61 -9.15 25.38
CA ILE L 35 35.29 -8.31 24.21
C ILE L 35 34.01 -7.56 24.53
N LEU L 36 34.02 -6.26 24.29
CA LEU L 36 32.82 -5.39 24.37
C LEU L 36 32.31 -5.19 22.96
N GLY L 37 31.05 -5.55 22.72
CA GLY L 37 30.44 -5.49 21.38
C GLY L 37 29.27 -4.52 21.33
N THR L 38 29.10 -3.89 20.18
CA THR L 38 27.86 -3.19 19.81
C THR L 38 27.50 -3.62 18.40
N VAL L 39 26.24 -3.97 18.20
CA VAL L 39 25.71 -4.55 16.94
C VAL L 39 24.43 -3.80 16.56
N ALA L 40 24.23 -3.61 15.27
CA ALA L 40 22.97 -3.16 14.67
C ALA L 40 22.84 -3.75 13.28
N VAL L 41 21.62 -3.89 12.79
CA VAL L 41 21.38 -4.39 11.41
C VAL L 41 20.17 -3.70 10.83
N ALA L 42 20.18 -3.47 9.53
CA ALA L 42 19.03 -2.89 8.78
C ALA L 42 18.94 -3.53 7.41
N ALA L 43 17.78 -4.08 7.05
CA ALA L 43 17.48 -4.46 5.65
C ALA L 43 17.41 -3.14 4.83
N VAL L 44 18.10 -3.09 3.68
CA VAL L 44 18.26 -1.80 2.93
C VAL L 44 18.02 -2.11 1.47
N THR L 45 17.33 -1.24 0.71
CA THR L 45 17.42 -1.13 -0.76
C THR L 45 16.68 -2.28 -1.43
N VAL L 46 17.02 -3.51 -1.14
CA VAL L 46 16.53 -4.67 -1.93
C VAL L 46 15.15 -5.05 -1.40
N GLY L 47 14.17 -5.20 -2.29
CA GLY L 47 12.81 -5.59 -1.93
C GLY L 47 12.84 -7.05 -1.49
N SER L 48 12.14 -7.39 -0.43
CA SER L 48 12.22 -8.73 0.21
C SER L 48 11.10 -8.87 1.23
N ALA L 49 10.93 -10.07 1.78
CA ALA L 49 9.98 -10.34 2.87
C ALA L 49 10.33 -9.55 4.14
N LEU L 50 11.48 -8.89 4.20
CA LEU L 50 11.88 -8.06 5.38
C LEU L 50 11.94 -6.57 5.01
N ASN L 51 11.55 -6.22 3.78
CA ASN L 51 11.65 -4.81 3.29
C ASN L 51 10.63 -4.60 2.17
N PRO L 52 9.35 -4.33 2.47
CA PRO L 52 8.84 -4.28 3.85
C PRO L 52 8.50 -5.69 4.40
N ILE L 53 8.47 -5.82 5.72
CA ILE L 53 8.02 -7.07 6.42
C ILE L 53 6.62 -7.43 5.92
N ASN L 54 6.47 -8.64 5.34
CA ASN L 54 5.16 -9.11 4.80
C ASN L 54 4.65 -10.30 5.63
N ASP L 55 5.33 -10.64 6.73
CA ASP L 55 4.91 -11.61 7.76
C ASP L 55 5.16 -13.06 7.30
N THR L 56 5.80 -13.28 6.15
CA THR L 56 6.20 -14.65 5.70
C THR L 56 7.49 -15.03 6.41
N VAL L 57 8.25 -14.05 6.90
CA VAL L 57 9.58 -14.25 7.51
C VAL L 57 9.64 -13.46 8.83
N LYS L 58 9.80 -14.18 9.94
CA LYS L 58 9.72 -13.60 11.30
C LYS L 58 11.00 -13.89 12.06
N SER L 59 12.10 -14.10 11.34
CA SER L 59 13.46 -14.15 11.92
C SER L 59 14.43 -13.54 10.92
N ALA L 60 15.54 -13.06 11.42
CA ALA L 60 16.66 -12.57 10.62
C ALA L 60 17.94 -13.06 11.29
N ILE L 61 18.81 -13.71 10.53
CA ILE L 61 20.02 -14.37 11.10
C ILE L 61 21.25 -13.83 10.40
N VAL L 62 22.24 -13.45 11.18
CA VAL L 62 23.60 -13.15 10.68
C VAL L 62 24.55 -14.18 11.31
N PHE L 63 25.15 -15.02 10.47
CA PHE L 63 26.15 -16.04 10.88
C PHE L 63 27.54 -15.53 10.53
N LEU L 64 28.41 -15.41 11.53
CA LEU L 64 29.85 -15.15 11.32
C LEU L 64 30.60 -16.42 11.69
N ARG L 65 31.35 -16.95 10.74
CA ARG L 65 32.19 -18.15 10.92
C ARG L 65 33.64 -17.70 10.80
N PHE L 66 34.48 -18.20 11.70
CA PHE L 66 35.91 -17.83 11.75
C PHE L 66 36.75 -19.10 11.78
N ASP L 67 37.88 -19.05 11.08
CA ASP L 67 38.87 -20.15 11.09
C ASP L 67 39.68 -20.07 12.40
N SER L 68 40.68 -20.93 12.53
N SER L 68 40.69 -20.91 12.56
CA SER L 68 41.47 -21.07 13.78
CA SER L 68 41.44 -21.01 13.83
C SER L 68 42.35 -19.83 14.02
C SER L 68 42.28 -19.75 14.07
N ASP L 69 42.48 -18.94 13.03
CA ASP L 69 43.22 -17.66 13.17
C ASP L 69 42.25 -16.52 13.46
N GLY L 70 40.95 -16.81 13.56
CA GLY L 70 39.92 -15.80 13.79
C GLY L 70 39.65 -14.99 12.54
N VAL L 71 40.01 -15.51 11.37
CA VAL L 71 39.76 -14.87 10.05
C VAL L 71 38.35 -15.26 9.58
N LEU L 72 37.57 -14.28 9.10
CA LEU L 72 36.18 -14.50 8.66
C LEU L 72 36.18 -15.45 7.47
N MET L 73 35.33 -16.48 7.50
CA MET L 73 35.25 -17.51 6.43
C MET L 73 34.17 -17.13 5.41
N SER L 74 34.34 -17.62 4.17
N SER L 74 34.31 -17.58 4.16
CA SER L 74 33.51 -17.26 2.99
CA SER L 74 33.45 -17.17 3.02
C SER L 74 32.02 -17.55 3.27
C SER L 74 31.99 -17.50 3.32
N ASN L 75 31.72 -18.64 3.97
CA ASN L 75 30.32 -19.09 4.22
C ASN L 75 29.68 -18.27 5.35
N SER L 76 29.99 -17.00 5.50
CA SER L 76 29.42 -16.10 6.53
C SER L 76 28.34 -15.23 5.85
N SER L 77 27.39 -14.73 6.60
CA SER L 77 26.32 -13.80 6.12
C SER L 77 26.95 -12.49 5.64
N MET L 78 28.05 -12.10 6.27
CA MET L 78 28.71 -10.80 6.09
C MET L 78 29.93 -10.98 5.17
N VAL L 79 30.11 -10.04 4.25
CA VAL L 79 31.29 -9.90 3.37
C VAL L 79 32.47 -9.39 4.21
N GLY L 80 33.70 -9.85 3.91
CA GLY L 80 34.91 -9.53 4.69
C GLY L 80 35.64 -8.29 4.20
N ASP L 81 35.19 -7.62 3.13
CA ASP L 81 35.94 -6.51 2.47
C ASP L 81 36.30 -5.42 3.48
N TYR L 82 35.35 -5.01 4.33
CA TYR L 82 35.56 -3.97 5.36
C TYR L 82 35.30 -4.55 6.76
N TRP L 83 35.74 -5.78 6.97
CA TRP L 83 35.86 -6.42 8.32
C TRP L 83 37.33 -6.51 8.67
N ASN L 84 37.81 -5.63 9.55
CA ASN L 84 39.26 -5.50 9.80
C ASN L 84 39.48 -4.64 11.04
N PHE L 85 40.72 -4.58 11.50
CA PHE L 85 41.16 -3.70 12.60
C PHE L 85 40.93 -2.25 12.15
N ARG L 86 40.60 -1.42 13.13
CA ARG L 86 40.26 0.00 12.90
C ARG L 86 41.51 0.77 12.44
N GLU L 87 41.31 1.71 11.51
CA GLU L 87 42.26 2.81 11.23
C GLU L 87 41.41 4.05 10.97
N GLY L 88 41.44 5.01 11.89
CA GLY L 88 40.56 6.20 11.87
C GLY L 88 39.11 5.77 11.85
N GLN L 89 38.34 6.24 10.87
CA GLN L 89 36.91 5.87 10.68
C GLN L 89 36.77 4.68 9.72
N THR L 90 37.85 4.02 9.32
CA THR L 90 37.78 2.92 8.32
C THR L 90 38.57 1.72 8.84
N THR L 91 39.03 0.87 7.93
CA THR L 91 39.81 -0.35 8.28
C THR L 91 41.25 -0.15 7.83
N GLN L 92 42.19 -0.81 8.48
CA GLN L 92 43.59 -0.89 8.00
C GLN L 92 43.54 -1.49 6.59
N SER L 93 44.52 -1.13 5.77
CA SER L 93 44.55 -1.46 4.33
C SER L 93 44.92 -2.93 4.10
N VAL L 94 45.66 -3.57 5.01
CA VAL L 94 46.07 -5.00 4.88
C VAL L 94 45.08 -5.88 5.66
N ALA L 95 44.52 -6.91 5.03
CA ALA L 95 43.63 -7.92 5.67
C ALA L 95 44.35 -8.52 6.88
N TYR L 96 43.70 -8.60 8.04
CA TYR L 96 44.33 -9.15 9.27
C TYR L 96 44.59 -10.64 9.07
N THR L 97 45.63 -11.15 9.71
CA THR L 97 46.02 -12.59 9.62
C THR L 97 45.66 -13.33 10.92
N ASN L 98 45.42 -12.60 12.02
CA ASN L 98 45.12 -13.23 13.33
C ASN L 98 44.29 -12.29 14.19
N ALA L 99 43.13 -12.74 14.64
CA ALA L 99 42.26 -12.05 15.60
C ALA L 99 41.77 -13.03 16.67
N VAL L 100 42.61 -13.97 17.09
CA VAL L 100 42.17 -14.98 18.10
C VAL L 100 41.83 -14.25 19.40
N GLY L 101 42.48 -13.11 19.66
CA GLY L 101 42.16 -12.22 20.79
C GLY L 101 40.71 -11.73 20.82
N PHE L 102 40.00 -11.83 19.72
CA PHE L 102 38.60 -11.39 19.57
C PHE L 102 37.64 -12.57 19.52
N MET L 103 38.15 -13.80 19.49
CA MET L 103 37.28 -14.98 19.26
C MET L 103 36.64 -15.39 20.60
N PRO L 104 35.40 -15.91 20.58
CA PRO L 104 34.73 -16.36 21.80
C PRO L 104 35.42 -17.61 22.38
N ASN L 105 35.73 -17.52 23.67
CA ASN L 105 36.48 -18.54 24.44
C ASN L 105 35.81 -19.91 24.25
N LEU L 106 36.56 -20.92 23.81
CA LEU L 106 36.01 -22.27 23.55
C LEU L 106 35.78 -23.04 24.86
N GLY L 107 36.38 -22.61 25.96
CA GLY L 107 36.09 -23.15 27.31
C GLY L 107 34.76 -22.65 27.80
N ALA L 108 34.54 -21.34 27.75
CA ALA L 108 33.28 -20.69 28.19
C ALA L 108 32.12 -21.09 27.28
N TYR L 109 32.38 -21.16 25.97
CA TYR L 109 31.33 -21.38 24.94
C TYR L 109 31.78 -22.53 24.05
N PRO L 110 31.71 -23.77 24.53
CA PRO L 110 32.26 -24.90 23.78
C PRO L 110 31.45 -25.22 22.53
N LYS L 111 32.09 -25.78 21.51
CA LYS L 111 31.39 -26.46 20.38
C LYS L 111 30.82 -27.76 20.92
N THR L 112 29.52 -27.90 21.00
CA THR L 112 28.83 -29.13 21.49
C THR L 112 27.56 -29.35 20.67
N GLN L 113 27.09 -30.58 20.63
CA GLN L 113 25.81 -30.98 20.04
C GLN L 113 24.70 -30.83 21.09
N SER L 114 25.05 -30.68 22.37
CA SER L 114 24.10 -30.47 23.50
C SER L 114 23.73 -28.99 23.55
N LYS L 115 22.45 -28.68 23.78
CA LYS L 115 21.96 -27.27 23.77
C LYS L 115 22.42 -26.62 25.07
N THR L 116 23.25 -25.56 25.01
CA THR L 116 23.94 -24.99 26.19
C THR L 116 23.59 -23.51 26.34
N PRO L 117 22.69 -23.15 27.29
CA PRO L 117 22.26 -21.76 27.42
C PRO L 117 23.44 -20.76 27.59
N LYS L 118 24.50 -21.14 28.28
CA LYS L 118 25.66 -20.24 28.56
C LYS L 118 26.34 -19.77 27.25
N ASN L 119 26.21 -20.53 26.15
CA ASN L 119 26.80 -20.17 24.84
C ASN L 119 26.07 -18.94 24.27
N SER L 120 24.89 -18.62 24.78
CA SER L 120 24.08 -17.50 24.19
C SER L 120 23.85 -16.37 25.19
N ILE L 121 23.59 -15.20 24.64
CA ILE L 121 22.94 -14.04 25.32
C ILE L 121 21.58 -13.86 24.70
N VAL L 122 20.53 -13.83 25.51
CA VAL L 122 19.15 -13.70 24.97
C VAL L 122 18.47 -12.54 25.67
N SER L 123 17.99 -11.56 24.86
CA SER L 123 17.44 -10.29 25.39
C SER L 123 16.21 -9.87 24.59
N GLN L 124 15.28 -9.19 25.25
CA GLN L 124 14.16 -8.51 24.59
C GLN L 124 14.68 -7.21 23.95
N VAL L 125 14.39 -7.02 22.69
CA VAL L 125 14.69 -5.76 21.94
C VAL L 125 13.42 -5.38 21.19
N TYR L 126 13.48 -4.31 20.40
CA TYR L 126 12.28 -3.69 19.81
C TYR L 126 12.54 -3.41 18.34
N LEU L 127 11.64 -3.94 17.50
CA LEU L 127 11.70 -3.74 16.05
C LEU L 127 11.58 -2.23 15.78
N ASN L 128 12.59 -1.66 15.13
CA ASN L 128 12.63 -0.22 14.76
C ASN L 128 12.57 0.65 16.02
N GLY L 129 12.95 0.13 17.20
CA GLY L 129 12.88 0.91 18.45
C GLY L 129 11.49 1.19 18.93
N GLU L 130 10.49 0.52 18.36
CA GLU L 130 9.07 0.69 18.75
C GLU L 130 8.74 -0.29 19.88
N THR L 131 8.35 0.23 21.03
CA THR L 131 8.14 -0.59 22.25
C THR L 131 6.85 -1.41 22.12
N THR L 132 6.00 -1.15 21.13
CA THR L 132 4.81 -2.00 20.86
C THR L 132 5.19 -3.20 19.97
N MET L 133 6.47 -3.31 19.56
CA MET L 133 6.90 -4.34 18.58
C MET L 133 8.08 -5.14 19.17
N PRO L 134 7.79 -5.95 20.22
CA PRO L 134 8.83 -6.71 20.90
C PRO L 134 9.42 -7.80 19.99
N MET L 135 10.69 -8.05 20.21
N MET L 135 10.75 -7.91 20.02
CA MET L 135 11.57 -8.92 19.39
CA MET L 135 11.52 -9.02 19.38
C MET L 135 12.55 -9.58 20.38
C MET L 135 12.47 -9.61 20.41
N THR L 136 13.08 -10.75 20.06
CA THR L 136 14.17 -11.36 20.85
C THR L 136 15.42 -11.32 20.00
N LEU L 137 16.53 -10.93 20.59
CA LEU L 137 17.87 -11.13 20.01
C LEU L 137 18.56 -12.27 20.78
N THR L 138 18.99 -13.29 20.05
CA THR L 138 19.88 -14.36 20.59
C THR L 138 21.25 -14.19 19.93
N ILE L 139 22.26 -13.93 20.73
CA ILE L 139 23.69 -13.97 20.29
C ILE L 139 24.27 -15.29 20.76
N THR L 140 24.71 -16.12 19.84
CA THR L 140 25.26 -17.46 20.18
C THR L 140 26.71 -17.52 19.78
N PHE L 141 27.56 -17.93 20.73
CA PHE L 141 29.01 -18.12 20.54
C PHE L 141 29.29 -19.59 20.26
N ASN L 142 29.99 -19.85 19.17
CA ASN L 142 30.53 -21.19 18.85
C ASN L 142 29.39 -22.21 18.77
N GLY L 143 28.25 -21.83 18.20
CA GLY L 143 27.06 -22.70 18.15
C GLY L 143 27.17 -23.82 17.15
N VAL L 152 34.76 -26.25 7.85
CA VAL L 152 34.15 -26.16 9.20
C VAL L 152 34.84 -25.04 9.99
N SER L 153 34.08 -24.28 10.74
CA SER L 153 34.59 -23.08 11.47
C SER L 153 35.22 -23.54 12.79
N THR L 154 36.20 -22.82 13.32
CA THR L 154 36.74 -23.04 14.69
C THR L 154 35.93 -22.24 15.70
N TYR L 155 35.57 -21.00 15.32
CA TYR L 155 34.77 -20.08 16.16
C TYR L 155 33.57 -19.60 15.33
N SER L 156 32.50 -19.23 16.01
CA SER L 156 31.33 -18.63 15.33
C SER L 156 30.62 -17.65 16.26
N MET L 157 29.93 -16.72 15.64
CA MET L 157 29.08 -15.74 16.34
C MET L 157 27.82 -15.56 15.50
N THR L 158 26.69 -15.95 16.04
CA THR L 158 25.38 -15.93 15.34
C THR L 158 24.47 -14.93 16.04
N PHE L 159 23.85 -14.04 15.25
CA PHE L 159 22.86 -13.08 15.73
C PHE L 159 21.53 -13.47 15.13
N THR L 160 20.58 -13.85 15.97
CA THR L 160 19.23 -14.29 15.55
C THR L 160 18.22 -13.34 16.14
N TRP L 161 17.53 -12.58 15.29
CA TRP L 161 16.35 -11.79 15.69
C TRP L 161 15.10 -12.58 15.34
N GLN L 162 14.16 -12.67 16.28
CA GLN L 162 12.87 -13.37 16.07
C GLN L 162 11.75 -12.53 16.67
N TRP L 163 10.58 -12.57 16.06
CA TRP L 163 9.39 -11.86 16.56
C TRP L 163 8.15 -12.66 16.17
N THR L 164 7.03 -12.41 16.82
CA THR L 164 5.75 -13.12 16.58
C THR L 164 4.72 -12.16 15.98
N GLY L 165 4.94 -10.84 16.10
CA GLY L 165 3.99 -9.83 15.59
C GLY L 165 3.74 -9.96 14.09
N ASP L 166 2.56 -9.50 13.64
CA ASP L 166 2.21 -9.34 12.22
C ASP L 166 2.23 -7.85 11.89
N TYR L 167 3.00 -7.45 10.87
CA TYR L 167 3.25 -6.03 10.52
C TYR L 167 3.01 -5.75 9.04
N LYS L 168 2.36 -6.65 8.30
CA LYS L 168 2.29 -6.56 6.81
C LYS L 168 1.61 -5.24 6.39
N ASP L 169 0.58 -4.79 7.11
N ASP L 169 0.56 -4.81 7.10
CA ASP L 169 -0.15 -3.55 6.67
CA ASP L 169 -0.24 -3.59 6.75
C ASP L 169 0.67 -2.31 7.02
C ASP L 169 0.58 -2.32 7.10
N LYS L 170 1.75 -2.43 7.77
CA LYS L 170 2.41 -1.26 8.42
C LYS L 170 3.60 -0.75 7.61
N ASN L 171 3.95 -1.40 6.50
CA ASN L 171 5.09 -1.00 5.62
C ASN L 171 6.34 -0.71 6.47
N ILE L 172 6.73 -1.66 7.31
CA ILE L 172 7.87 -1.58 8.24
C ILE L 172 9.06 -2.31 7.63
N THR L 173 10.21 -1.67 7.55
CA THR L 173 11.48 -2.34 7.15
C THR L 173 12.15 -2.92 8.39
N PHE L 174 12.63 -4.16 8.31
CA PHE L 174 13.42 -4.77 9.39
C PHE L 174 14.67 -3.93 9.67
N ALA L 175 14.77 -3.38 10.86
CA ALA L 175 15.96 -2.66 11.36
C ALA L 175 15.96 -2.64 12.87
N THR L 176 17.13 -2.64 13.47
CA THR L 176 17.30 -2.77 14.93
C THR L 176 17.91 -1.52 15.53
N ASN L 177 17.69 -1.35 16.83
CA ASN L 177 18.46 -0.45 17.70
C ASN L 177 19.88 -0.98 17.84
N SER L 178 20.83 -0.15 18.19
CA SER L 178 22.15 -0.61 18.65
C SER L 178 21.97 -1.48 19.91
N PHE L 179 22.76 -2.53 20.03
CA PHE L 179 22.67 -3.48 21.17
C PHE L 179 24.09 -3.74 21.70
N THR L 180 24.26 -3.63 23.00
CA THR L 180 25.55 -3.83 23.70
C THR L 180 25.60 -5.25 24.30
N PHE L 181 26.75 -5.88 24.22
CA PHE L 181 26.99 -7.23 24.81
C PHE L 181 28.47 -7.39 25.08
N SER L 182 28.82 -8.48 25.75
CA SER L 182 30.24 -8.84 26.00
C SER L 182 30.38 -10.34 26.06
N TYR L 183 31.60 -10.84 25.91
CA TYR L 183 31.92 -12.27 26.02
C TYR L 183 33.39 -12.42 26.34
N MET L 184 33.75 -13.55 26.92
CA MET L 184 35.14 -13.89 27.23
C MET L 184 35.87 -14.22 25.93
N ALA L 185 37.06 -13.66 25.79
CA ALA L 185 37.95 -13.86 24.64
C ALA L 185 38.71 -15.18 24.80
N GLN L 186 39.06 -15.78 23.67
CA GLN L 186 39.88 -17.01 23.63
C GLN L 186 41.27 -16.75 24.22
N GLU L 187 41.86 -15.62 23.93
CA GLU L 187 43.23 -15.28 24.41
C GLU L 187 43.29 -13.78 24.70
CA CA M . -33.24 24.36 -54.11
C1 EDO N . -21.80 4.27 -31.60
O1 EDO N . -22.03 3.26 -32.54
C2 EDO N . -21.61 3.78 -30.20
O2 EDO N . -22.63 2.87 -29.78
C1 EDO O . -23.49 7.26 -29.77
O1 EDO O . -24.75 6.66 -29.92
C2 EDO O . -23.38 8.18 -28.59
O2 EDO O . -24.37 9.24 -28.56
CA CA P . 38.55 32.14 -38.67
CA CA Q . 12.99 50.76 -35.69
C1 EDO R . 19.99 31.98 -13.23
O1 EDO R . 18.79 31.27 -13.40
C2 EDO R . 20.01 32.72 -11.93
O2 EDO R . 19.28 33.93 -11.91
C TRS S . 24.80 32.30 -13.17
C1 TRS S . 25.08 33.79 -12.89
C2 TRS S . 25.80 31.77 -14.20
C3 TRS S . 24.87 31.50 -11.88
N TRS S . 23.41 32.16 -13.72
O1 TRS S . 24.09 34.39 -12.05
O2 TRS S . 25.18 31.14 -15.32
O3 TRS S . 23.62 31.50 -11.21
C TRS T . 29.43 33.03 -47.76
C TRS T . 29.29 32.27 -47.74
C1 TRS T . 30.44 32.54 -46.72
C1 TRS T . 30.46 32.55 -48.67
C2 TRS T . 29.79 32.49 -49.14
C2 TRS T . 29.44 33.02 -46.43
C3 TRS T . 28.03 32.58 -47.39
C3 TRS T . 27.99 32.69 -48.42
N TRS T . 29.49 34.54 -47.81
N TRS T . 29.21 30.80 -47.45
O1 TRS T . 30.85 33.58 -45.84
O1 TRS T . 31.72 32.29 -48.04
O2 TRS T . 31.17 32.18 -49.26
O2 TRS T . 30.46 32.45 -45.63
O3 TRS T . 27.50 33.25 -46.25
O3 TRS T . 28.01 32.36 -49.80
C1 EDO U . 33.56 40.14 -3.01
O1 EDO U . 32.53 39.86 -3.94
C2 EDO U . 33.81 41.58 -2.86
O2 EDO U . 34.49 41.91 -1.66
C1 EDO V . 23.22 28.72 -8.11
O1 EDO V . 22.36 28.22 -9.06
C2 EDO V . 24.51 29.09 -8.73
O2 EDO V . 25.31 29.87 -7.94
CA CA W . -32.72 -1.15 4.32
C1 EDO X . -34.61 -9.45 14.66
O1 EDO X . -33.76 -8.84 13.69
C2 EDO X . -34.00 -10.65 15.33
O2 EDO X . -32.73 -10.44 15.91
C1 EDO Y . -22.27 -29.09 9.74
O1 EDO Y . -21.98 -28.28 8.61
C2 EDO Y . -22.03 -28.40 11.05
O2 EDO Y . -20.81 -27.73 11.11
C1 EDO Z . -16.18 -7.98 26.93
O1 EDO Z . -17.20 -8.39 26.01
C2 EDO Z . -15.83 -8.96 27.99
O2 EDO Z . -14.52 -9.54 27.86
C1 EDO AA . -27.91 0.52 17.16
O1 EDO AA . -28.64 0.17 16.01
C2 EDO AA . -28.64 0.08 18.37
O2 EDO AA . -27.85 -0.05 19.54
C1 EDO BA . -21.71 -30.11 14.76
O1 EDO BA . -20.28 -30.01 14.89
C2 EDO BA . -22.40 -28.78 14.80
O2 EDO BA . -22.06 -28.03 15.95
C1 EDO CA . -16.06 -48.71 17.16
O1 EDO CA . -14.68 -48.87 16.87
C2 EDO CA . -16.40 -47.40 17.80
O2 EDO CA . -15.32 -46.75 18.48
C1 EDO DA . -22.65 -34.67 12.29
O1 EDO DA . -23.41 -35.72 11.83
C2 EDO DA . -21.23 -34.76 11.99
O2 EDO DA . -20.45 -34.03 12.85
C1 EDO EA . -0.82 -24.20 1.03
O1 EDO EA . 0.34 -24.91 0.67
C2 EDO EA . -1.57 -24.81 2.15
O2 EDO EA . -2.73 -24.08 2.50
C1 EDO FA . -42.82 -32.34 0.16
O1 EDO FA . -43.16 -33.51 -0.54
C2 EDO FA . -42.39 -32.61 1.56
O2 EDO FA . -41.35 -31.77 1.99
C1 EDO GA . 3.31 15.86 43.89
O1 EDO GA . 3.34 14.58 43.25
C2 EDO GA . 1.93 16.43 44.12
O2 EDO GA . 1.06 16.32 42.99
C1 EDO HA . 2.49 18.86 37.43
O1 EDO HA . 1.78 18.38 38.58
C2 EDO HA . 1.85 20.00 36.69
O2 EDO HA . 1.57 21.14 37.51
C1 EDO IA . 22.37 -5.00 31.05
O1 EDO IA . 23.80 -4.90 30.96
C2 EDO IA . 21.64 -3.67 31.16
O2 EDO IA . 22.08 -2.91 32.26
C1 EDO JA . 21.92 -3.99 25.80
O1 EDO JA . 21.97 -3.06 24.72
C2 EDO JA . 22.06 -3.36 27.15
O2 EDO JA . 23.24 -2.66 27.33
C1 EDO KA . 47.56 -8.45 12.10
O1 EDO KA . 47.08 -9.74 11.90
C2 EDO KA . 47.07 -7.52 11.05
O2 EDO KA . 47.10 -6.18 11.46
#